data_6DK8
#
_entry.id   6DK8
#
_cell.length_a   158.708
_cell.length_b   158.708
_cell.length_c   243.826
_cell.angle_alpha   90.000
_cell.angle_beta   90.000
_cell.angle_gamma   90.000
#
_symmetry.space_group_name_H-M   'P 41 21 2'
#
loop_
_entity.id
_entity.type
_entity.pdbx_description
1 polymer 'RetS (Regulator of Exopolysaccharide and Type III Secretion)'
2 non-polymer 'NICKEL (II) ION'
#
_entity_poly.entity_id   1
_entity_poly.type   'polypeptide(L)'
_entity_poly.pdbx_seq_one_letter_code
;AEFLAKISHEIRTPMNGVLGMTELLLGTPLSAKQRDYVQTIHSAGNELLTLINEILDISKLESGQIELDEVQFDLNALIE
DCLDIFRVKAEQQRIELISFTQPQVPRVIGGDPTRLRQVVLSLLDNAFKQTEEGEILLVVALDDQGETPRLRIAVQDSGH
PFDAKEREALLTAELHSGDFLSASKLGSHLGLIIARQLVRLMGGEFGIQSGSSQGTTLSLTLPLDPQQLENPTA
;
_entity_poly.pdbx_strand_id   A,B,C,D,E,F,G,H
#
loop_
_chem_comp.id
_chem_comp.type
_chem_comp.name
_chem_comp.formula
NI non-polymer 'NICKEL (II) ION' 'Ni 2'
#
# COMPACT_ATOMS: atom_id res chain seq x y z
N PHE A 3 -15.30 15.25 25.72
CA PHE A 3 -14.95 13.84 25.60
C PHE A 3 -15.72 13.20 24.44
N LEU A 4 -14.98 12.58 23.52
CA LEU A 4 -15.55 12.05 22.29
C LEU A 4 -15.16 10.58 22.06
N ALA A 5 -14.94 9.84 23.14
CA ALA A 5 -14.62 8.43 23.05
C ALA A 5 -15.38 7.68 24.15
N LYS A 6 -16.02 6.59 23.77
CA LYS A 6 -16.91 5.85 24.67
C LYS A 6 -16.10 4.78 25.40
N ILE A 7 -15.89 4.97 26.70
CA ILE A 7 -15.20 3.96 27.49
C ILE A 7 -16.04 2.68 27.51
N SER A 8 -15.36 1.56 27.73
CA SER A 8 -15.94 0.24 27.51
C SER A 8 -17.22 0.03 28.30
N HIS A 9 -18.07 -0.87 27.77
CA HIS A 9 -19.28 -1.29 28.45
C HIS A 9 -18.98 -1.93 29.81
N GLU A 10 -17.76 -2.40 30.03
CA GLU A 10 -17.40 -3.11 31.25
C GLU A 10 -16.51 -2.31 32.18
N ILE A 11 -16.07 -1.12 31.78
CA ILE A 11 -15.36 -0.22 32.67
C ILE A 11 -16.25 0.92 33.14
N ARG A 12 -17.08 1.45 32.23
CA ARG A 12 -17.92 2.60 32.55
C ARG A 12 -18.97 2.23 33.60
N THR A 13 -19.65 1.09 33.41
CA THR A 13 -20.80 0.78 34.25
C THR A 13 -20.41 0.30 35.66
N PRO A 14 -19.31 -0.45 35.85
CA PRO A 14 -18.90 -0.72 37.24
C PRO A 14 -18.47 0.55 37.96
N MET A 15 -17.67 1.39 37.29
CA MET A 15 -17.30 2.68 37.87
C MET A 15 -18.51 3.60 37.99
N ASN A 16 -19.51 3.44 37.11
CA ASN A 16 -20.75 4.20 37.26
C ASN A 16 -21.44 3.85 38.58
N GLY A 17 -21.35 2.58 38.99
CA GLY A 17 -21.92 2.19 40.26
C GLY A 17 -21.12 2.67 41.46
N VAL A 18 -19.79 2.77 41.29
CA VAL A 18 -18.95 3.24 42.38
C VAL A 18 -19.21 4.71 42.68
N LEU A 19 -19.15 5.55 41.65
CA LEU A 19 -19.46 6.98 41.84
C LEU A 19 -20.90 7.18 42.27
N GLY A 20 -21.82 6.36 41.77
CA GLY A 20 -23.20 6.46 42.19
C GLY A 20 -23.38 6.31 43.69
N MET A 21 -22.53 5.48 44.32
CA MET A 21 -22.57 5.34 45.76
C MET A 21 -22.07 6.59 46.47
N THR A 22 -20.90 7.08 46.07
CA THR A 22 -20.29 8.21 46.76
C THR A 22 -21.19 9.45 46.72
N GLU A 23 -21.78 9.74 45.56
CA GLU A 23 -22.75 10.83 45.49
C GLU A 23 -23.96 10.54 46.36
N LEU A 24 -24.33 9.27 46.50
CA LEU A 24 -25.49 8.89 47.30
C LEU A 24 -25.15 8.71 48.77
N LEU A 25 -23.93 8.25 49.08
CA LEU A 25 -23.59 7.93 50.46
C LEU A 25 -23.50 9.19 51.32
N LEU A 26 -23.06 10.32 50.74
CA LEU A 26 -22.93 11.55 51.52
C LEU A 26 -24.28 12.05 52.04
N GLY A 27 -25.39 11.57 51.48
CA GLY A 27 -26.70 11.91 52.01
C GLY A 27 -26.99 11.30 53.37
N THR A 28 -26.22 10.27 53.77
CA THR A 28 -26.24 9.52 55.02
C THR A 28 -25.32 10.19 56.04
N PRO A 29 -25.74 10.31 57.31
CA PRO A 29 -24.85 10.90 58.32
C PRO A 29 -23.62 10.03 58.56
N LEU A 30 -22.45 10.66 58.50
CA LEU A 30 -21.18 9.97 58.68
C LEU A 30 -20.19 10.91 59.35
N SER A 31 -19.20 10.34 60.01
CA SER A 31 -18.22 11.13 60.73
C SER A 31 -17.27 11.83 59.76
N ALA A 32 -16.55 12.83 60.29
CA ALA A 32 -15.62 13.61 59.47
C ALA A 32 -14.57 12.71 58.83
N LYS A 33 -13.87 11.93 59.66
CA LYS A 33 -12.87 10.99 59.14
C LYS A 33 -13.49 10.01 58.16
N GLN A 34 -14.76 9.65 58.34
CA GLN A 34 -15.45 8.80 57.38
C GLN A 34 -15.75 9.54 56.09
N ARG A 35 -15.97 10.85 56.16
CA ARG A 35 -16.38 11.60 54.99
C ARG A 35 -15.25 11.67 53.95
N ASP A 36 -14.02 11.86 54.41
CA ASP A 36 -12.90 11.95 53.49
C ASP A 36 -12.73 10.68 52.68
N TYR A 37 -13.00 9.52 53.30
CA TYR A 37 -12.87 8.26 52.59
C TYR A 37 -13.81 8.21 51.38
N VAL A 38 -15.06 8.64 51.55
CA VAL A 38 -15.99 8.67 50.44
C VAL A 38 -15.73 9.87 49.55
N GLN A 39 -15.23 10.98 50.11
CA GLN A 39 -14.93 12.16 49.32
C GLN A 39 -13.85 11.86 48.29
N THR A 40 -12.81 11.12 48.68
CA THR A 40 -11.74 10.80 47.73
C THR A 40 -12.24 9.90 46.61
N ILE A 41 -13.02 8.87 46.95
CA ILE A 41 -13.51 7.93 45.93
C ILE A 41 -14.21 8.70 44.81
N HIS A 42 -14.96 9.75 45.16
CA HIS A 42 -15.52 10.63 44.14
C HIS A 42 -14.41 11.39 43.43
N SER A 43 -13.48 11.97 44.19
CA SER A 43 -12.42 12.78 43.61
C SER A 43 -11.27 11.95 43.05
N ALA A 44 -11.26 10.64 43.28
CA ALA A 44 -10.22 9.77 42.75
C ALA A 44 -10.76 8.73 41.77
N GLY A 45 -11.95 8.17 42.04
CA GLY A 45 -12.57 7.30 41.06
C GLY A 45 -12.87 8.01 39.75
N ASN A 46 -13.04 9.33 39.81
CA ASN A 46 -13.17 10.11 38.58
C ASN A 46 -11.84 10.20 37.86
N GLU A 47 -10.73 10.30 38.61
CA GLU A 47 -9.42 10.45 38.00
C GLU A 47 -9.10 9.30 37.07
N LEU A 48 -9.34 8.07 37.52
CA LEU A 48 -9.10 6.90 36.67
C LEU A 48 -10.04 6.91 35.46
N LEU A 49 -11.31 7.26 35.68
CA LEU A 49 -12.26 7.34 34.57
C LEU A 49 -11.88 8.45 33.61
N THR A 50 -11.41 9.59 34.14
CA THR A 50 -10.93 10.66 33.26
C THR A 50 -9.68 10.23 32.51
N LEU A 51 -8.82 9.43 33.15
CA LEU A 51 -7.57 9.01 32.53
C LEU A 51 -7.83 8.00 31.41
N ILE A 52 -8.68 7.00 31.68
CA ILE A 52 -8.96 5.97 30.68
C ILE A 52 -9.56 6.59 29.42
N ASN A 53 -10.44 7.58 29.60
CA ASN A 53 -11.00 8.26 28.45
C ASN A 53 -9.91 9.03 27.70
N GLU A 54 -9.06 9.75 28.43
CA GLU A 54 -8.03 10.56 27.80
C GLU A 54 -7.04 9.70 27.01
N ILE A 55 -6.58 8.59 27.61
CA ILE A 55 -5.72 7.65 26.90
C ILE A 55 -6.40 7.18 25.61
N LEU A 56 -7.70 6.88 25.70
CA LEU A 56 -8.43 6.40 24.54
C LEU A 56 -8.57 7.49 23.49
N ASP A 57 -8.76 8.75 23.92
CA ASP A 57 -9.02 9.82 22.97
C ASP A 57 -7.85 10.04 22.02
N ILE A 58 -6.62 9.97 22.54
CA ILE A 58 -5.45 10.16 21.68
C ILE A 58 -5.38 9.06 20.64
N SER A 59 -5.52 7.80 21.07
CA SER A 59 -5.40 6.68 20.15
C SER A 59 -6.42 6.75 19.03
N LYS A 60 -7.56 7.38 19.28
CA LYS A 60 -8.54 7.58 18.21
C LYS A 60 -8.17 8.76 17.32
N LEU A 61 -7.49 9.77 17.87
CA LEU A 61 -7.07 10.90 17.05
C LEU A 61 -5.97 10.50 16.08
N GLU A 62 -4.94 9.81 16.57
CA GLU A 62 -3.85 9.38 15.70
C GLU A 62 -4.35 8.41 14.64
N SER A 63 -5.15 7.43 15.04
CA SER A 63 -5.62 6.41 14.11
C SER A 63 -6.51 6.98 13.00
N GLY A 64 -7.05 8.18 13.20
CA GLY A 64 -7.87 8.81 12.17
C GLY A 64 -9.32 8.41 12.17
N GLN A 65 -9.79 7.69 13.18
CA GLN A 65 -11.18 7.27 13.28
C GLN A 65 -12.11 8.40 13.71
N ILE A 66 -11.70 9.66 13.58
CA ILE A 66 -12.45 10.78 14.13
C ILE A 66 -12.63 11.82 13.03
N GLU A 67 -13.88 12.14 12.73
CA GLU A 67 -14.24 13.04 11.64
C GLU A 67 -15.04 14.21 12.21
N LEU A 68 -14.90 15.36 11.56
CA LEU A 68 -15.39 16.63 12.07
C LEU A 68 -16.64 17.08 11.32
N ASP A 69 -17.62 17.58 12.08
CA ASP A 69 -18.81 18.17 11.49
C ASP A 69 -18.50 19.56 10.93
N GLU A 70 -19.31 19.97 9.96
CA GLU A 70 -19.21 21.30 9.35
C GLU A 70 -20.58 21.95 9.42
N VAL A 71 -20.84 22.67 10.51
CA VAL A 71 -22.12 23.35 10.72
C VAL A 71 -21.83 24.76 11.21
N GLN A 72 -22.83 25.63 11.03
CA GLN A 72 -22.73 27.02 11.45
C GLN A 72 -23.14 27.13 12.91
N PHE A 73 -22.24 27.65 13.74
CA PHE A 73 -22.53 27.89 15.14
C PHE A 73 -22.18 29.32 15.51
N ASP A 74 -22.78 29.80 16.58
CA ASP A 74 -22.49 31.15 17.07
C ASP A 74 -21.20 31.09 17.87
N LEU A 75 -20.16 31.76 17.36
CA LEU A 75 -18.87 31.75 18.04
C LEU A 75 -18.98 32.36 19.43
N ASN A 76 -19.69 33.48 19.54
CA ASN A 76 -19.75 34.20 20.81
C ASN A 76 -20.35 33.33 21.91
N ALA A 77 -21.47 32.66 21.63
CA ALA A 77 -22.12 31.83 22.63
C ALA A 77 -21.18 30.75 23.15
N LEU A 78 -20.55 30.01 22.23
CA LEU A 78 -19.64 28.93 22.63
C LEU A 78 -18.57 29.45 23.59
N ILE A 79 -17.81 30.46 23.15
CA ILE A 79 -16.79 31.05 24.02
C ILE A 79 -17.42 31.60 25.30
N GLU A 80 -18.59 32.23 25.16
CA GLU A 80 -19.30 32.71 26.34
C GLU A 80 -19.79 31.57 27.23
N ASP A 81 -20.15 30.43 26.61
CA ASP A 81 -20.70 29.32 27.37
C ASP A 81 -19.62 28.56 28.12
N CYS A 82 -18.43 28.42 27.53
CA CYS A 82 -17.33 27.75 28.22
C CYS A 82 -16.96 28.49 29.49
N LEU A 83 -16.91 29.82 29.43
CA LEU A 83 -16.51 30.62 30.59
C LEU A 83 -17.55 30.59 31.70
N ASP A 84 -18.82 30.35 31.36
CA ASP A 84 -19.84 30.21 32.39
C ASP A 84 -19.60 28.98 33.26
N ILE A 85 -19.01 27.93 32.70
CA ILE A 85 -18.74 26.72 33.46
C ILE A 85 -17.74 26.99 34.57
N PHE A 86 -16.67 27.72 34.24
CA PHE A 86 -15.57 27.91 35.18
C PHE A 86 -15.82 29.00 36.21
N ARG A 87 -16.82 29.87 35.99
CA ARG A 87 -17.03 30.99 36.90
C ARG A 87 -17.31 30.51 38.32
N VAL A 88 -18.00 29.38 38.47
CA VAL A 88 -18.23 28.83 39.80
C VAL A 88 -16.95 28.21 40.35
N LYS A 89 -16.13 27.61 39.47
CA LYS A 89 -14.82 27.12 39.89
C LYS A 89 -13.83 28.24 40.09
N ALA A 90 -14.05 29.39 39.46
CA ALA A 90 -13.15 30.53 39.60
C ALA A 90 -13.52 31.46 40.74
N GLU A 91 -14.77 31.41 41.20
CA GLU A 91 -15.19 32.30 42.29
C GLU A 91 -14.58 31.86 43.62
N GLN A 92 -14.51 30.56 43.87
CA GLN A 92 -13.93 30.07 45.11
C GLN A 92 -12.42 30.28 45.14
N GLN A 93 -11.78 30.15 43.98
CA GLN A 93 -10.33 30.01 43.88
C GLN A 93 -9.58 31.33 43.91
N ARG A 94 -10.24 32.43 44.30
CA ARG A 94 -9.61 33.75 44.40
C ARG A 94 -9.09 34.23 43.04
N ILE A 95 -9.67 33.74 41.95
CA ILE A 95 -9.24 34.06 40.59
C ILE A 95 -10.32 34.85 39.90
N GLU A 96 -9.91 35.91 39.19
CA GLU A 96 -10.78 36.69 38.32
C GLU A 96 -10.44 36.34 36.89
N LEU A 97 -11.34 35.64 36.21
CA LEU A 97 -11.16 35.35 34.79
C LEU A 97 -11.88 36.41 33.98
N ILE A 98 -11.21 36.90 32.92
CA ILE A 98 -11.76 37.91 32.04
C ILE A 98 -11.61 37.41 30.60
N SER A 99 -12.48 37.92 29.73
CA SER A 99 -12.45 37.53 28.33
C SER A 99 -12.69 38.76 27.46
N PHE A 100 -11.95 38.84 26.37
CA PHE A 100 -12.17 39.86 25.36
C PHE A 100 -12.31 39.21 24.00
N THR A 101 -13.38 39.55 23.29
CA THR A 101 -13.60 39.11 21.92
C THR A 101 -13.55 40.33 21.02
N GLN A 102 -12.69 40.28 20.00
CA GLN A 102 -12.42 41.44 19.15
C GLN A 102 -13.71 41.93 18.49
N PRO A 103 -13.73 43.18 18.03
CA PRO A 103 -14.93 43.67 17.33
C PRO A 103 -15.11 43.06 15.96
N GLN A 104 -14.03 42.62 15.32
CA GLN A 104 -14.09 42.17 13.93
C GLN A 104 -14.50 40.72 13.80
N VAL A 105 -14.24 39.90 14.81
CA VAL A 105 -14.56 38.47 14.69
C VAL A 105 -16.06 38.30 14.55
N PRO A 106 -16.54 37.44 13.66
CA PRO A 106 -17.97 37.39 13.36
C PRO A 106 -18.75 36.63 14.43
N ARG A 107 -20.08 36.75 14.33
CA ARG A 107 -20.96 35.99 15.20
C ARG A 107 -20.92 34.51 14.85
N VAL A 108 -21.09 34.18 13.58
CA VAL A 108 -21.22 32.79 13.13
C VAL A 108 -19.98 32.40 12.32
N ILE A 109 -19.50 31.19 12.57
CA ILE A 109 -18.47 30.57 11.74
C ILE A 109 -18.85 29.10 11.55
N GLY A 110 -18.55 28.56 10.37
CA GLY A 110 -18.78 27.15 10.11
C GLY A 110 -17.61 26.33 10.59
N GLY A 111 -17.91 25.25 11.30
CA GLY A 111 -16.89 24.37 11.83
C GLY A 111 -17.51 23.28 12.65
N ASP A 112 -16.78 22.75 13.62
CA ASP A 112 -17.36 21.77 14.53
C ASP A 112 -17.45 22.39 15.92
N PRO A 113 -18.65 22.71 16.40
CA PRO A 113 -18.75 23.38 17.70
C PRO A 113 -18.52 22.44 18.88
N THR A 114 -18.71 21.14 18.70
CA THR A 114 -18.57 20.21 19.82
C THR A 114 -17.12 20.00 20.19
N ARG A 115 -16.24 19.82 19.20
CA ARG A 115 -14.82 19.69 19.52
C ARG A 115 -14.21 21.03 19.89
N LEU A 116 -14.55 22.09 19.16
CA LEU A 116 -13.99 23.40 19.45
C LEU A 116 -14.28 23.82 20.89
N ARG A 117 -15.45 23.43 21.41
CA ARG A 117 -15.71 23.62 22.83
C ARG A 117 -14.72 22.83 23.66
N GLN A 118 -14.44 21.58 23.28
CA GLN A 118 -13.53 20.75 24.05
C GLN A 118 -12.12 21.35 24.09
N VAL A 119 -11.65 21.86 22.96
CA VAL A 119 -10.31 22.45 22.92
C VAL A 119 -10.27 23.71 23.78
N VAL A 120 -11.29 24.57 23.65
CA VAL A 120 -11.36 25.74 24.50
C VAL A 120 -11.49 25.34 25.96
N LEU A 121 -12.29 24.30 26.24
CA LEU A 121 -12.36 23.76 27.59
C LEU A 121 -11.01 23.20 28.04
N SER A 122 -10.26 22.60 27.12
CA SER A 122 -9.01 21.95 27.48
C SER A 122 -7.99 22.96 27.97
N LEU A 123 -7.75 24.02 27.21
CA LEU A 123 -6.81 25.05 27.62
C LEU A 123 -7.31 25.78 28.87
N LEU A 124 -8.59 26.15 28.88
CA LEU A 124 -9.14 26.94 29.98
C LEU A 124 -9.04 26.20 31.30
N ASP A 125 -9.14 24.87 31.27
CA ASP A 125 -8.95 24.09 32.48
C ASP A 125 -7.49 24.13 32.93
N ASN A 126 -6.56 24.00 31.98
CA ASN A 126 -5.14 23.94 32.32
C ASN A 126 -4.69 25.16 33.11
N ALA A 127 -5.27 26.33 32.80
CA ALA A 127 -4.97 27.54 33.56
C ALA A 127 -5.25 27.31 35.03
N PHE A 128 -6.53 27.15 35.38
CA PHE A 128 -6.93 26.98 36.77
C PHE A 128 -6.17 25.85 37.46
N LYS A 129 -5.71 24.85 36.69
CA LYS A 129 -4.96 23.76 37.29
C LYS A 129 -3.59 24.21 37.78
N GLN A 130 -2.97 25.17 37.09
CA GLN A 130 -1.58 25.53 37.37
C GLN A 130 -1.42 27.00 37.78
N THR A 131 -2.48 27.67 38.22
CA THR A 131 -2.32 29.03 38.69
C THR A 131 -3.35 29.35 39.76
N GLU A 132 -2.88 30.02 40.81
CA GLU A 132 -3.73 30.58 41.86
C GLU A 132 -3.35 32.04 42.07
N GLU A 133 -4.28 32.81 42.63
CA GLU A 133 -4.12 34.23 42.93
C GLU A 133 -4.10 35.10 41.68
N GLY A 134 -4.01 34.48 40.49
CA GLY A 134 -3.78 35.21 39.27
C GLY A 134 -5.04 35.62 38.54
N GLU A 135 -4.83 36.25 37.39
CA GLU A 135 -5.89 36.60 36.45
C GLU A 135 -5.78 35.69 35.24
N ILE A 136 -6.92 35.14 34.81
CA ILE A 136 -6.98 34.28 33.63
C ILE A 136 -7.73 35.02 32.54
N LEU A 137 -7.15 35.07 31.35
CA LEU A 137 -7.67 35.87 30.26
C LEU A 137 -7.91 35.00 29.03
N LEU A 138 -8.98 35.29 28.30
CA LEU A 138 -9.34 34.58 27.07
C LEU A 138 -9.58 35.63 25.98
N VAL A 139 -8.62 35.77 25.09
CA VAL A 139 -8.74 36.69 23.95
C VAL A 139 -9.13 35.88 22.73
N VAL A 140 -10.22 36.27 22.09
CA VAL A 140 -10.65 35.72 20.80
C VAL A 140 -10.45 36.81 19.77
N ALA A 141 -9.61 36.55 18.77
CA ALA A 141 -9.25 37.56 17.80
C ALA A 141 -8.73 36.90 16.53
N LEU A 142 -9.15 37.42 15.38
CA LEU A 142 -8.67 36.89 14.12
C LEU A 142 -7.27 37.39 13.83
N ASP A 143 -6.49 36.56 13.11
CA ASP A 143 -5.08 36.80 12.87
C ASP A 143 -4.87 36.96 11.37
N ASP A 144 -4.45 38.16 10.96
CA ASP A 144 -4.32 38.49 9.54
C ASP A 144 -2.90 38.29 9.01
N GLN A 145 -1.98 37.77 9.83
CA GLN A 145 -0.60 37.63 9.38
C GLN A 145 -0.49 36.62 8.23
N GLY A 146 -1.29 35.56 8.28
CA GLY A 146 -1.34 34.62 7.18
C GLY A 146 -1.85 35.25 5.90
N GLU A 147 -1.79 34.46 4.83
CA GLU A 147 -2.22 34.95 3.52
C GLU A 147 -3.68 35.34 3.50
N THR A 148 -4.50 34.80 4.41
CA THR A 148 -5.92 35.05 4.49
C THR A 148 -6.28 35.17 5.96
N PRO A 149 -7.21 36.06 6.32
CA PRO A 149 -7.63 36.16 7.72
C PRO A 149 -8.00 34.80 8.31
N ARG A 150 -7.44 34.53 9.49
CA ARG A 150 -7.68 33.28 10.21
C ARG A 150 -8.01 33.60 11.66
N LEU A 151 -8.84 32.76 12.25
CA LEU A 151 -9.19 32.91 13.67
C LEU A 151 -8.08 32.36 14.54
N ARG A 152 -7.88 33.00 15.69
CA ARG A 152 -6.97 32.47 16.69
C ARG A 152 -7.52 32.79 18.07
N ILE A 153 -7.40 31.82 18.98
CA ILE A 153 -7.91 31.95 20.34
C ILE A 153 -6.75 31.76 21.30
N ALA A 154 -6.58 32.71 22.21
CA ALA A 154 -5.47 32.71 23.15
C ALA A 154 -6.00 32.66 24.57
N VAL A 155 -5.47 31.72 25.36
CA VAL A 155 -5.77 31.61 26.79
C VAL A 155 -4.46 31.69 27.54
N GLN A 156 -4.33 32.71 28.39
CA GLN A 156 -3.13 32.87 29.20
C GLN A 156 -3.50 33.03 30.67
N ASP A 157 -2.55 32.69 31.53
CA ASP A 157 -2.75 32.73 32.97
C ASP A 157 -1.59 33.44 33.63
N SER A 158 -1.89 34.16 34.71
CA SER A 158 -0.84 34.67 35.58
C SER A 158 -0.30 33.51 36.40
N GLY A 159 0.22 32.51 35.71
CA GLY A 159 0.51 31.23 36.32
C GLY A 159 1.96 30.83 36.22
N HIS A 160 2.19 29.66 36.69
CA HIS A 160 3.54 29.17 36.76
C HIS A 160 3.96 28.61 35.40
N PRO A 161 5.19 28.87 34.94
CA PRO A 161 5.53 28.59 33.54
C PRO A 161 5.77 27.10 33.27
N PHE A 162 5.88 26.79 31.98
CA PHE A 162 6.24 25.46 31.49
C PHE A 162 7.75 25.39 31.28
N ASP A 163 8.31 24.19 31.46
CA ASP A 163 9.75 24.00 31.31
C ASP A 163 10.13 24.00 29.83
N ALA A 164 11.44 23.88 29.60
CA ALA A 164 11.95 23.76 28.24
C ALA A 164 11.60 22.41 27.62
N LYS A 165 11.46 21.37 28.44
CA LYS A 165 11.19 20.03 27.90
C LYS A 165 9.70 19.73 27.82
N GLU A 166 8.94 20.06 28.87
CA GLU A 166 7.49 20.00 28.78
C GLU A 166 6.92 20.84 27.63
N ARG A 167 7.53 21.99 27.35
CA ARG A 167 7.13 22.70 26.14
C ARG A 167 7.40 21.87 24.90
N GLU A 168 8.61 21.30 24.81
CA GLU A 168 8.96 20.49 23.66
C GLU A 168 8.10 19.24 23.55
N ALA A 169 7.70 18.67 24.69
CA ALA A 169 6.92 17.44 24.66
C ALA A 169 5.51 17.66 24.13
N LEU A 170 4.87 18.75 24.57
CA LEU A 170 3.49 19.02 24.17
C LEU A 170 3.36 19.22 22.66
N LEU A 171 4.44 19.65 22.01
CA LEU A 171 4.39 19.95 20.58
C LEU A 171 4.82 18.79 19.70
N THR A 172 5.57 17.84 20.23
CA THR A 172 6.18 16.78 19.44
C THR A 172 5.68 15.38 19.77
N ALA A 173 5.41 15.10 21.04
CA ALA A 173 5.15 13.73 21.47
C ALA A 173 3.89 13.17 20.81
N GLU A 174 3.97 11.90 20.41
CA GLU A 174 2.83 11.20 19.81
C GLU A 174 2.76 9.78 20.37
N LEU A 175 1.58 9.19 20.26
CA LEU A 175 1.31 7.84 20.74
C LEU A 175 1.20 6.89 19.56
N HIS A 176 1.47 5.61 19.83
CA HIS A 176 1.81 4.64 18.79
C HIS A 176 2.88 5.22 17.87
N SER A 177 3.90 5.80 18.49
CA SER A 177 5.01 6.45 17.81
C SER A 177 6.27 6.23 18.64
N GLY A 178 7.24 7.13 18.48
CA GLY A 178 8.54 6.99 19.11
C GLY A 178 8.51 6.80 20.62
N ASP A 179 8.18 7.87 21.36
CA ASP A 179 8.24 7.82 22.81
C ASP A 179 7.32 8.89 23.36
N PHE A 180 6.65 8.57 24.47
CA PHE A 180 5.75 9.52 25.12
C PHE A 180 6.39 10.28 26.27
N LEU A 181 7.62 9.96 26.64
CA LEU A 181 8.54 10.76 27.46
C LEU A 181 8.17 10.75 28.95
N SER A 182 6.97 10.31 29.33
CA SER A 182 6.59 10.44 30.73
C SER A 182 5.51 9.43 31.11
N ALA A 183 5.25 9.37 32.42
CA ALA A 183 4.12 8.67 33.00
C ALA A 183 3.51 9.54 34.08
N SER A 184 4.36 10.16 34.90
CA SER A 184 3.88 11.05 35.96
C SER A 184 3.45 12.41 35.40
N LYS A 185 4.22 12.96 34.46
CA LYS A 185 3.96 14.31 33.98
C LYS A 185 2.76 14.38 33.04
N LEU A 186 2.41 13.29 32.36
CA LEU A 186 1.33 13.37 31.38
C LEU A 186 -0.04 13.48 32.04
N GLY A 187 -0.20 12.93 33.24
CA GLY A 187 -1.53 12.78 33.82
C GLY A 187 -2.29 14.09 33.91
N SER A 188 -1.59 15.18 34.19
CA SER A 188 -2.25 16.49 34.23
C SER A 188 -2.36 17.09 32.84
N HIS A 189 -1.28 17.00 32.05
CA HIS A 189 -1.19 17.71 30.78
C HIS A 189 -1.60 16.85 29.59
N LEU A 190 -2.33 15.76 29.82
CA LEU A 190 -2.68 14.89 28.71
C LEU A 190 -3.78 15.50 27.83
N GLY A 191 -4.70 16.25 28.44
CA GLY A 191 -5.74 16.91 27.67
C GLY A 191 -5.21 17.96 26.72
N LEU A 192 -4.03 18.51 27.00
CA LEU A 192 -3.45 19.51 26.12
C LEU A 192 -2.93 18.89 24.82
N ILE A 193 -2.32 17.71 24.92
CA ILE A 193 -1.94 16.98 23.72
C ILE A 193 -3.18 16.68 22.89
N ILE A 194 -4.23 16.19 23.54
CA ILE A 194 -5.51 15.97 22.86
C ILE A 194 -5.98 17.27 22.22
N ALA A 195 -5.95 18.36 22.98
CA ALA A 195 -6.37 19.66 22.45
C ALA A 195 -5.58 20.02 21.19
N ARG A 196 -4.28 19.70 21.18
CA ARG A 196 -3.49 19.91 19.97
C ARG A 196 -3.97 19.03 18.82
N GLN A 197 -4.33 17.77 19.14
CA GLN A 197 -4.71 16.83 18.10
C GLN A 197 -5.90 17.34 17.30
N LEU A 198 -6.90 17.90 17.98
CA LEU A 198 -8.03 18.50 17.26
C LEU A 198 -7.55 19.63 16.35
N VAL A 199 -6.86 20.62 16.93
CA VAL A 199 -6.49 21.82 16.17
C VAL A 199 -5.64 21.45 14.96
N ARG A 200 -4.66 20.55 15.14
CA ARG A 200 -3.87 20.10 14.01
C ARG A 200 -4.75 19.44 12.94
N LEU A 201 -5.80 18.73 13.39
CA LEU A 201 -6.78 18.22 12.44
C LEU A 201 -7.71 19.32 11.97
N MET A 202 -8.09 20.23 12.88
CA MET A 202 -9.04 21.29 12.56
C MET A 202 -8.59 22.12 11.36
N GLY A 203 -7.29 22.18 11.09
CA GLY A 203 -6.79 22.84 9.91
C GLY A 203 -5.67 23.83 10.15
N GLY A 204 -5.46 24.22 11.41
CA GLY A 204 -4.47 25.20 11.74
C GLY A 204 -3.53 24.71 12.83
N GLU A 205 -2.42 25.44 12.98
CA GLU A 205 -1.40 25.07 13.95
C GLU A 205 -1.78 25.55 15.34
N PHE A 206 -1.43 24.75 16.34
CA PHE A 206 -1.62 25.11 17.74
C PHE A 206 -0.26 25.08 18.42
N GLY A 207 0.18 26.24 18.93
CA GLY A 207 1.44 26.35 19.62
C GLY A 207 1.26 26.92 21.02
N ILE A 208 2.35 26.93 21.77
CA ILE A 208 2.38 27.51 23.11
C ILE A 208 3.67 28.30 23.27
N GLN A 209 3.55 29.50 23.81
CA GLN A 209 4.69 30.36 24.11
C GLN A 209 4.68 30.67 25.60
N SER A 210 5.70 30.22 26.31
CA SER A 210 5.78 30.37 27.75
C SER A 210 6.75 31.51 28.08
N GLY A 211 6.21 32.64 28.53
CA GLY A 211 7.04 33.72 29.01
C GLY A 211 7.58 33.39 30.39
N SER A 212 8.86 33.70 30.60
CA SER A 212 9.51 33.43 31.87
C SER A 212 9.69 34.70 32.70
N GLN A 214 6.52 34.59 33.18
CA GLN A 214 5.64 33.79 34.03
C GLN A 214 4.42 33.29 33.27
N GLY A 215 3.75 34.20 32.57
CA GLY A 215 2.51 33.86 31.91
C GLY A 215 2.72 32.88 30.77
N THR A 216 1.89 31.85 30.72
CA THR A 216 1.89 30.86 29.64
C THR A 216 0.67 31.10 28.77
N THR A 217 0.90 31.38 27.48
CA THR A 217 -0.17 31.62 26.53
C THR A 217 -0.30 30.41 25.62
N LEU A 218 -1.43 29.72 25.70
CA LEU A 218 -1.73 28.60 24.82
C LEU A 218 -2.70 29.09 23.76
N SER A 219 -2.20 29.27 22.54
CA SER A 219 -2.95 29.88 21.46
C SER A 219 -3.05 28.92 20.28
N LEU A 220 -4.26 28.73 19.77
CA LEU A 220 -4.51 27.97 18.56
C LEU A 220 -4.90 28.92 17.44
N THR A 221 -4.56 28.55 16.21
CA THR A 221 -4.95 29.31 15.03
C THR A 221 -5.85 28.44 14.18
N LEU A 222 -7.11 28.83 14.05
CA LEU A 222 -8.03 28.02 13.27
C LEU A 222 -8.35 28.69 11.95
N PRO A 223 -8.49 27.93 10.87
CA PRO A 223 -8.79 28.54 9.57
C PRO A 223 -10.20 29.08 9.50
N LEU A 224 -10.35 30.40 9.66
CA LEU A 224 -11.67 31.00 9.58
C LEU A 224 -12.25 30.84 8.17
N ASP A 225 -13.55 30.60 8.11
CA ASP A 225 -14.31 30.36 6.89
C ASP A 225 -14.04 31.42 5.84
N PRO A 226 -14.28 31.12 4.55
CA PRO A 226 -13.77 32.02 3.49
C PRO A 226 -14.25 33.46 3.60
N GLN A 227 -15.56 33.68 3.65
CA GLN A 227 -16.09 35.03 3.61
C GLN A 227 -17.16 35.26 4.68
N ALA B 1 2.00 -2.01 22.89
CA ALA B 1 1.68 -2.77 24.08
C ALA B 1 2.58 -2.37 25.25
N GLU B 2 3.63 -1.57 24.98
CA GLU B 2 4.44 -1.00 26.05
C GLU B 2 3.63 0.00 26.88
N PHE B 3 2.78 0.80 26.23
CA PHE B 3 2.20 1.97 26.87
C PHE B 3 1.42 1.60 28.12
N LEU B 4 0.35 0.82 27.96
CA LEU B 4 -0.48 0.47 29.11
C LEU B 4 0.35 -0.13 30.23
N ALA B 5 1.31 -1.00 29.88
CA ALA B 5 2.20 -1.56 30.88
C ALA B 5 3.16 -0.53 31.44
N LYS B 6 3.59 0.42 30.61
CA LYS B 6 4.56 1.41 31.08
C LYS B 6 3.96 2.35 32.11
N ILE B 7 2.69 2.73 31.93
CA ILE B 7 2.02 3.64 32.85
C ILE B 7 1.07 2.87 33.74
N SER B 8 1.36 1.58 33.97
CA SER B 8 0.47 0.72 34.74
C SER B 8 0.21 1.27 36.12
N HIS B 9 1.19 1.94 36.72
CA HIS B 9 1.04 2.44 38.09
C HIS B 9 -0.12 3.42 38.19
N GLU B 10 -0.20 4.38 37.26
CA GLU B 10 -1.20 5.43 37.32
C GLU B 10 -2.58 4.97 36.89
N ILE B 11 -2.70 3.81 36.25
CA ILE B 11 -4.01 3.19 36.11
C ILE B 11 -4.34 2.39 37.36
N ARG B 12 -3.33 1.88 38.05
CA ARG B 12 -3.52 1.16 39.30
C ARG B 12 -3.70 2.11 40.49
N THR B 13 -2.87 3.15 40.55
CA THR B 13 -2.78 4.00 41.75
C THR B 13 -4.12 4.53 42.24
N PRO B 14 -4.98 5.15 41.41
CA PRO B 14 -6.27 5.58 41.94
C PRO B 14 -7.21 4.43 42.22
N MET B 15 -7.14 3.34 41.45
CA MET B 15 -8.00 2.20 41.70
C MET B 15 -7.64 1.50 43.01
N ASN B 16 -6.34 1.49 43.35
CA ASN B 16 -5.93 0.96 44.65
C ASN B 16 -6.49 1.78 45.79
N GLY B 17 -6.78 3.06 45.55
CA GLY B 17 -7.38 3.89 46.57
C GLY B 17 -8.87 3.69 46.71
N VAL B 18 -9.56 3.41 45.60
CA VAL B 18 -11.00 3.18 45.64
C VAL B 18 -11.32 1.99 46.53
N LEU B 19 -10.68 0.85 46.29
CA LEU B 19 -10.82 -0.29 47.17
C LEU B 19 -10.05 -0.11 48.47
N GLY B 20 -9.03 0.75 48.48
CA GLY B 20 -8.30 0.98 49.72
C GLY B 20 -9.16 1.58 50.80
N MET B 21 -9.91 2.63 50.47
CA MET B 21 -10.87 3.19 51.42
C MET B 21 -11.99 2.19 51.72
N THR B 22 -12.40 1.42 50.72
CA THR B 22 -13.57 0.58 50.85
C THR B 22 -13.32 -0.59 51.81
N GLU B 23 -12.27 -1.37 51.56
CA GLU B 23 -11.90 -2.43 52.48
C GLU B 23 -11.49 -1.87 53.84
N LEU B 24 -11.19 -0.58 53.92
CA LEU B 24 -10.99 0.11 55.19
C LEU B 24 -12.31 0.61 55.78
N LEU B 25 -13.25 0.99 54.92
CA LEU B 25 -14.51 1.58 55.39
C LEU B 25 -15.34 0.59 56.21
N LEU B 26 -15.20 -0.71 55.95
CA LEU B 26 -16.03 -1.69 56.64
C LEU B 26 -15.74 -1.71 58.14
N GLY B 27 -14.52 -1.34 58.54
CA GLY B 27 -14.19 -1.31 59.95
C GLY B 27 -14.85 -0.19 60.73
N THR B 28 -15.21 0.90 60.05
CA THR B 28 -15.87 2.02 60.70
C THR B 28 -17.28 1.63 61.12
N PRO B 29 -17.88 2.35 62.09
CA PRO B 29 -19.27 2.08 62.46
C PRO B 29 -20.24 2.40 61.34
N LEU B 30 -20.58 1.39 60.55
CA LEU B 30 -21.46 1.55 59.40
C LEU B 30 -22.88 1.19 59.77
N SER B 31 -23.83 2.06 59.42
CA SER B 31 -25.23 1.78 59.69
C SER B 31 -25.72 0.63 58.81
N ALA B 32 -26.96 0.21 59.07
CA ALA B 32 -27.53 -0.92 58.33
C ALA B 32 -27.54 -0.63 56.83
N LYS B 33 -27.99 0.55 56.43
CA LYS B 33 -28.05 0.89 55.02
C LYS B 33 -26.69 1.30 54.46
N GLN B 34 -25.81 1.83 55.29
CA GLN B 34 -24.50 2.27 54.82
C GLN B 34 -23.68 1.09 54.33
N ARG B 35 -23.57 0.04 55.14
CA ARG B 35 -22.76 -1.12 54.77
C ARG B 35 -23.26 -1.78 53.50
N ASP B 36 -24.56 -1.66 53.21
CA ASP B 36 -25.07 -2.17 51.94
C ASP B 36 -24.49 -1.43 50.75
N TYR B 37 -24.19 -0.14 50.93
CA TYR B 37 -23.62 0.65 49.84
C TYR B 37 -22.10 0.46 49.74
N VAL B 38 -21.42 0.42 50.89
CA VAL B 38 -19.97 0.35 50.88
C VAL B 38 -19.48 -0.98 50.32
N GLN B 39 -20.16 -2.08 50.66
CA GLN B 39 -19.79 -3.37 50.09
C GLN B 39 -20.06 -3.41 48.60
N THR B 40 -21.04 -2.63 48.12
CA THR B 40 -21.26 -2.53 46.67
C THR B 40 -20.06 -1.89 45.99
N ILE B 41 -19.46 -0.87 46.62
CA ILE B 41 -18.21 -0.32 46.10
C ILE B 41 -17.13 -1.38 46.12
N HIS B 42 -17.12 -2.23 47.16
CA HIS B 42 -16.17 -3.33 47.23
C HIS B 42 -16.44 -4.35 46.14
N SER B 43 -17.70 -4.78 46.01
CA SER B 43 -18.03 -5.87 45.09
C SER B 43 -17.86 -5.44 43.64
N ALA B 44 -18.38 -4.26 43.29
CA ALA B 44 -18.26 -3.79 41.93
C ALA B 44 -16.87 -3.27 41.61
N GLY B 45 -16.19 -2.67 42.59
CA GLY B 45 -14.86 -2.14 42.34
C GLY B 45 -13.85 -3.23 42.00
N ASN B 46 -13.97 -4.39 42.65
CA ASN B 46 -13.05 -5.48 42.37
C ASN B 46 -13.23 -6.02 40.95
N GLU B 47 -14.48 -6.24 40.55
CA GLU B 47 -14.74 -6.79 39.22
C GLU B 47 -14.33 -5.82 38.11
N LEU B 48 -14.12 -4.55 38.44
CA LEU B 48 -13.48 -3.63 37.50
C LEU B 48 -11.97 -3.66 37.66
N LEU B 49 -11.48 -3.77 38.90
CA LEU B 49 -10.04 -3.85 39.14
C LEU B 49 -9.45 -5.10 38.47
N THR B 50 -10.09 -6.25 38.66
CA THR B 50 -9.64 -7.46 37.99
C THR B 50 -9.65 -7.29 36.48
N LEU B 51 -10.71 -6.65 35.96
CA LEU B 51 -10.73 -6.31 34.54
C LEU B 51 -9.51 -5.47 34.15
N ILE B 52 -9.21 -4.45 34.96
CA ILE B 52 -8.03 -3.63 34.71
C ILE B 52 -6.77 -4.50 34.77
N ASN B 53 -6.65 -5.32 35.82
CA ASN B 53 -5.52 -6.22 35.92
C ASN B 53 -5.48 -7.21 34.76
N GLU B 54 -6.65 -7.67 34.32
CA GLU B 54 -6.70 -8.67 33.26
C GLU B 54 -6.31 -8.08 31.90
N ILE B 55 -6.51 -6.78 31.70
CA ILE B 55 -6.13 -6.18 30.42
C ILE B 55 -4.68 -5.72 30.41
N LEU B 56 -4.06 -5.48 31.57
CA LEU B 56 -2.68 -5.04 31.58
C LEU B 56 -1.72 -6.18 31.28
N ASP B 57 -1.92 -7.33 31.93
CA ASP B 57 -0.99 -8.44 31.75
C ASP B 57 -1.05 -9.00 30.33
N ILE B 58 -2.23 -9.01 29.70
CA ILE B 58 -2.31 -9.40 28.30
C ILE B 58 -1.66 -8.34 27.43
N SER B 59 -1.78 -7.06 27.81
CA SER B 59 -1.02 -6.02 27.13
C SER B 59 0.47 -6.22 27.32
N LYS B 60 0.89 -6.73 28.47
CA LYS B 60 2.30 -7.07 28.66
C LYS B 60 2.72 -8.26 27.82
N LEU B 61 1.81 -9.22 27.62
CA LEU B 61 2.17 -10.43 26.89
C LEU B 61 2.41 -10.15 25.41
N GLU B 62 1.54 -9.37 24.78
CA GLU B 62 1.71 -9.07 23.36
C GLU B 62 2.97 -8.25 23.10
N SER B 63 3.40 -7.46 24.07
CA SER B 63 4.68 -6.77 23.96
C SER B 63 5.86 -7.71 24.13
N GLY B 64 5.65 -8.86 24.77
CA GLY B 64 6.77 -9.70 25.15
C GLY B 64 7.45 -9.27 26.42
N GLN B 65 6.80 -8.42 27.22
CA GLN B 65 7.41 -7.94 28.46
C GLN B 65 7.65 -9.09 29.43
N ILE B 66 6.73 -10.05 29.49
CA ILE B 66 6.83 -11.19 30.37
C ILE B 66 6.46 -12.46 29.61
N GLU B 67 6.85 -13.60 30.17
CA GLU B 67 6.66 -14.90 29.54
C GLU B 67 5.58 -15.69 30.26
N LEU B 68 4.86 -16.50 29.49
CA LEU B 68 3.96 -17.50 30.06
C LEU B 68 4.81 -18.63 30.63
N ASP B 69 4.81 -18.79 31.95
CA ASP B 69 5.64 -19.80 32.58
C ASP B 69 5.17 -21.20 32.23
N GLU B 70 6.14 -22.10 32.03
CA GLU B 70 5.87 -23.49 31.71
C GLU B 70 6.08 -24.34 32.96
N VAL B 71 4.98 -24.86 33.52
CA VAL B 71 5.02 -25.76 34.67
C VAL B 71 4.10 -26.94 34.37
N GLN B 72 4.25 -27.99 35.17
CA GLN B 72 3.48 -29.23 35.01
C GLN B 72 2.37 -29.24 36.05
N PHE B 73 1.13 -29.13 35.59
CA PHE B 73 -0.03 -28.96 36.45
C PHE B 73 -1.05 -30.06 36.19
N ASP B 74 -1.85 -30.34 37.23
CA ASP B 74 -2.92 -31.33 37.14
C ASP B 74 -4.04 -30.78 36.25
N LEU B 75 -4.10 -31.27 35.01
CA LEU B 75 -5.06 -30.74 34.05
C LEU B 75 -6.50 -30.99 34.51
N ASN B 76 -6.79 -32.22 34.94
CA ASN B 76 -8.16 -32.55 35.35
C ASN B 76 -8.55 -31.79 36.62
N ALA B 77 -7.66 -31.72 37.60
CA ALA B 77 -7.97 -31.02 38.84
C ALA B 77 -8.26 -29.54 38.59
N LEU B 78 -7.60 -28.94 37.61
CA LEU B 78 -7.93 -27.57 37.24
C LEU B 78 -9.32 -27.49 36.62
N ILE B 79 -9.63 -28.42 35.70
CA ILE B 79 -10.94 -28.40 35.03
C ILE B 79 -12.05 -28.62 36.04
N GLU B 80 -11.92 -29.65 36.87
CA GLU B 80 -12.94 -29.92 37.89
C GLU B 80 -13.07 -28.75 38.86
N ASP B 81 -11.98 -28.02 39.09
CA ASP B 81 -12.08 -26.78 39.87
C ASP B 81 -12.90 -25.74 39.11
N CYS B 82 -12.63 -25.59 37.81
CA CYS B 82 -13.35 -24.62 36.99
C CYS B 82 -14.86 -24.86 37.04
N LEU B 83 -15.26 -26.13 37.11
CA LEU B 83 -16.69 -26.43 37.20
C LEU B 83 -17.26 -26.06 38.56
N ASP B 84 -16.45 -26.16 39.63
CA ASP B 84 -16.99 -26.03 40.98
C ASP B 84 -17.45 -24.62 41.28
N ILE B 85 -16.87 -23.61 40.62
CA ILE B 85 -17.39 -22.25 40.78
C ILE B 85 -18.80 -22.15 40.22
N PHE B 86 -19.06 -22.88 39.12
CA PHE B 86 -20.35 -22.84 38.46
C PHE B 86 -21.31 -23.90 38.96
N ARG B 87 -20.81 -24.93 39.66
CA ARG B 87 -21.70 -25.97 40.18
C ARG B 87 -22.58 -25.46 41.31
N VAL B 88 -22.14 -24.44 42.04
CA VAL B 88 -22.92 -23.95 43.17
C VAL B 88 -24.21 -23.29 42.69
N LYS B 89 -24.19 -22.64 41.53
CA LYS B 89 -25.38 -22.08 40.93
C LYS B 89 -25.98 -23.01 39.87
N ALA B 90 -25.42 -24.20 39.71
CA ALA B 90 -25.97 -25.19 38.78
C ALA B 90 -27.20 -25.90 39.34
N GLU B 91 -27.51 -25.70 40.62
CA GLU B 91 -28.72 -26.31 41.18
C GLU B 91 -29.99 -25.70 40.57
N GLN B 92 -29.94 -24.43 40.18
CA GLN B 92 -31.04 -23.87 39.40
C GLN B 92 -31.20 -24.71 38.13
N GLN B 93 -32.42 -25.14 37.87
CA GLN B 93 -32.65 -26.13 36.82
C GLN B 93 -32.52 -25.44 35.47
N ARG B 94 -32.86 -26.17 34.41
CA ARG B 94 -32.76 -25.75 33.01
C ARG B 94 -31.32 -25.53 32.57
N ILE B 95 -30.33 -25.90 33.39
CA ILE B 95 -28.94 -25.99 32.97
C ILE B 95 -28.31 -27.19 33.67
N GLU B 96 -27.40 -27.86 32.98
CA GLU B 96 -26.75 -29.06 33.51
C GLU B 96 -25.29 -29.04 33.12
N LEU B 97 -24.40 -29.00 34.12
CA LEU B 97 -22.97 -29.05 33.87
C LEU B 97 -22.57 -30.49 33.55
N ILE B 98 -21.84 -30.67 32.45
CA ILE B 98 -21.39 -31.99 32.01
C ILE B 98 -19.92 -31.87 31.66
N SER B 99 -19.11 -32.79 32.18
CA SER B 99 -17.67 -32.82 31.93
C SER B 99 -17.30 -34.18 31.35
N PHE B 100 -16.72 -34.17 30.15
CA PHE B 100 -16.18 -35.38 29.54
C PHE B 100 -14.71 -35.19 29.27
N THR B 101 -13.88 -35.90 30.03
CA THR B 101 -12.44 -35.94 29.80
C THR B 101 -12.10 -37.31 29.21
N GLN B 102 -11.81 -37.32 27.91
CA GLN B 102 -11.50 -38.57 27.22
C GLN B 102 -10.37 -39.30 27.94
N PRO B 103 -10.49 -40.62 28.15
CA PRO B 103 -9.45 -41.32 28.92
C PRO B 103 -8.05 -41.19 28.37
N GLN B 104 -7.92 -40.88 27.07
CA GLN B 104 -6.59 -40.77 26.47
C GLN B 104 -5.83 -39.55 26.98
N VAL B 105 -6.54 -38.51 27.40
CA VAL B 105 -5.86 -37.25 27.72
C VAL B 105 -5.01 -37.43 28.97
N PRO B 106 -3.83 -36.81 29.04
CA PRO B 106 -3.01 -36.93 30.24
C PRO B 106 -3.63 -36.19 31.42
N ARG B 107 -3.22 -36.60 32.62
CA ARG B 107 -3.66 -35.88 33.81
C ARG B 107 -2.83 -34.63 34.06
N VAL B 108 -1.56 -34.64 33.65
CA VAL B 108 -0.67 -33.51 33.82
C VAL B 108 0.01 -33.21 32.50
N ILE B 109 0.09 -31.92 32.16
CA ILE B 109 0.77 -31.47 30.95
C ILE B 109 1.53 -30.19 31.27
N GLY B 110 2.48 -29.86 30.39
CA GLY B 110 3.27 -28.66 30.55
C GLY B 110 2.55 -27.45 29.95
N GLY B 111 2.36 -26.43 30.77
CA GLY B 111 1.68 -25.24 30.29
C GLY B 111 1.59 -24.20 31.39
N ASP B 112 0.73 -23.22 31.16
CA ASP B 112 0.51 -22.15 32.13
C ASP B 112 -0.89 -22.29 32.72
N PRO B 113 -1.03 -22.69 33.98
CA PRO B 113 -2.36 -22.99 34.54
C PRO B 113 -3.23 -21.75 34.70
N THR B 114 -2.66 -20.67 35.25
CA THR B 114 -3.47 -19.51 35.59
C THR B 114 -4.09 -18.88 34.36
N ARG B 115 -3.31 -18.68 33.30
CA ARG B 115 -3.88 -18.11 32.08
C ARG B 115 -4.78 -19.10 31.36
N LEU B 116 -4.50 -20.40 31.47
CA LEU B 116 -5.45 -21.40 30.99
C LEU B 116 -6.72 -21.40 31.85
N ARG B 117 -6.57 -21.14 33.15
CA ARG B 117 -7.72 -21.05 34.03
C ARG B 117 -8.69 -19.98 33.57
N GLN B 118 -8.17 -18.81 33.17
CA GLN B 118 -9.01 -17.76 32.64
C GLN B 118 -9.75 -18.22 31.39
N VAL B 119 -9.01 -18.76 30.43
CA VAL B 119 -9.60 -19.10 29.13
C VAL B 119 -10.71 -20.13 29.31
N VAL B 120 -10.48 -21.15 30.14
CA VAL B 120 -11.51 -22.14 30.40
C VAL B 120 -12.70 -21.50 31.11
N LEU B 121 -12.42 -20.66 32.10
CA LEU B 121 -13.50 -19.93 32.78
C LEU B 121 -14.20 -18.98 31.82
N SER B 122 -13.43 -18.22 31.05
CA SER B 122 -14.03 -17.23 30.15
C SER B 122 -14.90 -17.91 29.09
N LEU B 123 -14.49 -19.09 28.62
CA LEU B 123 -15.36 -19.85 27.72
C LEU B 123 -16.56 -20.41 28.47
N LEU B 124 -16.36 -20.83 29.71
CA LEU B 124 -17.45 -21.42 30.49
C LEU B 124 -18.44 -20.35 30.93
N ASP B 125 -17.94 -19.21 31.42
CA ASP B 125 -18.82 -18.14 31.90
C ASP B 125 -19.69 -17.60 30.77
N ASN B 126 -19.17 -17.61 29.53
CA ASN B 126 -19.95 -17.13 28.41
C ASN B 126 -21.17 -18.01 28.14
N ALA B 127 -21.06 -19.31 28.42
CA ALA B 127 -22.19 -20.21 28.22
C ALA B 127 -23.34 -19.89 29.15
N PHE B 128 -23.05 -19.43 30.37
CA PHE B 128 -24.10 -19.13 31.33
C PHE B 128 -24.90 -17.91 30.91
N LYS B 129 -24.22 -16.84 30.48
CA LYS B 129 -24.91 -15.65 30.01
C LYS B 129 -25.69 -15.90 28.73
N GLN B 130 -25.35 -16.95 27.98
CA GLN B 130 -26.01 -17.26 26.73
C GLN B 130 -27.27 -18.09 26.91
N THR B 131 -27.25 -19.03 27.86
CA THR B 131 -28.33 -20.01 28.00
C THR B 131 -29.32 -19.54 29.06
N GLU B 132 -30.58 -19.39 28.66
CA GLU B 132 -31.66 -19.22 29.62
C GLU B 132 -32.14 -20.57 30.12
N GLU B 133 -32.20 -21.56 29.23
CA GLU B 133 -32.54 -22.93 29.58
C GLU B 133 -31.77 -23.87 28.67
N GLY B 134 -31.52 -25.08 29.15
CA GLY B 134 -30.79 -26.07 28.38
C GLY B 134 -29.81 -26.88 29.20
N GLU B 135 -28.60 -27.10 28.67
CA GLU B 135 -27.55 -27.76 29.42
C GLU B 135 -26.22 -27.51 28.71
N ILE B 136 -25.15 -27.42 29.50
CA ILE B 136 -23.83 -27.02 29.04
C ILE B 136 -22.85 -28.14 29.34
N LEU B 137 -22.22 -28.67 28.29
CA LEU B 137 -21.24 -29.74 28.42
C LEU B 137 -19.87 -29.24 27.99
N LEU B 138 -18.86 -29.57 28.77
CA LEU B 138 -17.47 -29.18 28.51
C LEU B 138 -16.65 -30.44 28.24
N VAL B 139 -16.11 -30.54 27.03
CA VAL B 139 -15.30 -31.68 26.64
C VAL B 139 -13.83 -31.30 26.73
N VAL B 140 -13.03 -32.21 27.28
CA VAL B 140 -11.58 -32.07 27.34
C VAL B 140 -11.02 -33.33 26.68
N ALA B 141 -10.61 -33.21 25.42
CA ALA B 141 -10.08 -34.35 24.68
C ALA B 141 -8.97 -33.86 23.77
N LEU B 142 -8.25 -34.82 23.18
CA LEU B 142 -7.22 -34.51 22.20
C LEU B 142 -7.66 -35.05 20.84
N ASP B 143 -7.47 -34.23 19.81
CA ASP B 143 -7.75 -34.63 18.44
C ASP B 143 -6.44 -35.09 17.80
N ASP B 144 -6.36 -36.40 17.52
CA ASP B 144 -5.16 -36.96 16.90
C ASP B 144 -4.92 -36.40 15.51
N GLN B 145 -5.91 -35.73 14.91
CA GLN B 145 -5.72 -35.07 13.63
C GLN B 145 -4.58 -34.07 13.71
N GLY B 146 -3.71 -34.08 12.72
CA GLY B 146 -2.49 -33.31 12.73
C GLY B 146 -1.26 -34.19 12.80
N GLU B 147 -0.10 -33.57 12.56
CA GLU B 147 1.14 -34.32 12.55
C GLU B 147 1.51 -34.83 13.94
N THR B 148 1.09 -34.13 14.99
CA THR B 148 1.47 -34.43 16.36
C THR B 148 0.25 -34.18 17.24
N PRO B 149 -0.02 -35.08 18.19
CA PRO B 149 -1.21 -34.93 19.04
C PRO B 149 -1.31 -33.56 19.68
N ARG B 150 -2.52 -33.00 19.69
CA ARG B 150 -2.81 -31.69 20.24
C ARG B 150 -4.06 -31.77 21.09
N LEU B 151 -4.09 -31.01 22.18
CA LEU B 151 -5.20 -31.02 23.11
C LEU B 151 -6.29 -30.07 22.63
N ARG B 152 -7.54 -30.43 22.92
CA ARG B 152 -8.70 -29.63 22.53
C ARG B 152 -9.66 -29.48 23.71
N ILE B 153 -10.25 -28.29 23.85
CA ILE B 153 -11.20 -28.01 24.91
C ILE B 153 -12.34 -27.19 24.31
N ALA B 154 -13.58 -27.63 24.51
CA ALA B 154 -14.73 -26.98 23.90
C ALA B 154 -15.89 -26.92 24.90
N VAL B 155 -16.78 -25.95 24.68
CA VAL B 155 -17.94 -25.72 25.54
C VAL B 155 -19.15 -25.46 24.64
N GLN B 156 -20.24 -26.18 24.83
CA GLN B 156 -21.38 -26.03 23.94
C GLN B 156 -22.45 -25.01 24.34
N ASP B 157 -22.61 -24.00 23.49
CA ASP B 157 -23.55 -22.91 23.68
C ASP B 157 -25.01 -23.32 23.47
N SER B 158 -25.90 -22.92 24.39
CA SER B 158 -27.34 -23.10 24.19
C SER B 158 -28.19 -22.29 23.16
N GLY B 159 -27.99 -20.99 22.96
CA GLY B 159 -28.90 -20.23 22.09
C GLY B 159 -28.44 -19.07 21.22
N HIS B 160 -29.13 -18.82 20.10
CA HIS B 160 -28.81 -17.69 19.21
C HIS B 160 -27.34 -17.66 18.96
N PRO B 161 -26.83 -18.78 18.31
CA PRO B 161 -25.46 -19.06 18.69
C PRO B 161 -24.51 -17.99 18.33
N PHE B 162 -24.34 -17.65 17.05
CA PHE B 162 -23.46 -16.55 16.68
C PHE B 162 -23.93 -15.84 15.42
N ASP B 163 -23.66 -14.54 15.35
CA ASP B 163 -23.85 -13.79 14.12
C ASP B 163 -22.76 -14.22 13.14
N ALA B 164 -23.08 -14.31 11.86
CA ALA B 164 -22.08 -14.73 10.88
C ALA B 164 -20.95 -13.70 10.85
N LYS B 165 -21.32 -12.42 10.86
CA LYS B 165 -20.35 -11.34 10.96
C LYS B 165 -19.63 -11.36 12.30
N GLU B 166 -20.37 -11.64 13.36
CA GLU B 166 -19.86 -11.55 14.73
C GLU B 166 -18.71 -12.52 15.03
N ARG B 167 -18.82 -13.75 14.55
CA ARG B 167 -17.81 -14.76 14.84
C ARG B 167 -16.53 -14.39 14.15
N GLU B 168 -16.62 -14.02 12.88
CA GLU B 168 -15.41 -13.83 12.10
C GLU B 168 -14.65 -12.74 12.75
N ALA B 169 -15.36 -11.77 13.28
CA ALA B 169 -14.69 -10.67 13.96
C ALA B 169 -14.03 -11.12 15.27
N LEU B 170 -14.46 -12.24 15.84
CA LEU B 170 -13.82 -12.76 17.04
C LEU B 170 -12.54 -13.50 16.70
N LEU B 171 -12.54 -14.27 15.61
CA LEU B 171 -11.37 -15.06 15.24
C LEU B 171 -10.16 -14.17 14.93
N THR B 172 -10.39 -13.07 14.21
CA THR B 172 -9.31 -12.13 13.88
C THR B 172 -9.28 -10.97 14.87
N ALA B 173 -9.25 -11.29 16.16
CA ALA B 173 -9.21 -10.29 17.22
C ALA B 173 -7.76 -10.09 17.67
N GLU B 174 -7.24 -8.90 17.44
CA GLU B 174 -5.97 -8.47 18.01
C GLU B 174 -6.15 -7.05 18.54
N LEU B 175 -5.85 -6.87 19.82
CA LEU B 175 -6.16 -5.62 20.51
C LEU B 175 -4.88 -4.97 21.04
N HIS B 176 -4.79 -3.66 20.85
CA HIS B 176 -3.67 -2.86 21.34
C HIS B 176 -4.08 -2.12 22.60
N SER B 177 -3.24 -1.18 23.03
CA SER B 177 -3.46 -0.42 24.25
C SER B 177 -4.82 0.28 24.24
N GLY B 178 -4.99 1.24 23.31
CA GLY B 178 -6.26 1.93 23.23
C GLY B 178 -7.41 1.04 22.80
N ASP B 179 -7.12 0.01 22.01
CA ASP B 179 -8.16 -0.89 21.53
C ASP B 179 -8.85 -1.64 22.66
N PHE B 180 -8.18 -1.82 23.80
CA PHE B 180 -8.77 -2.54 24.92
C PHE B 180 -9.81 -1.74 25.67
N LEU B 181 -10.09 -0.50 25.27
CA LEU B 181 -11.00 0.36 25.99
C LEU B 181 -12.05 1.02 25.11
N SER B 182 -12.03 0.78 23.80
CA SER B 182 -12.80 1.57 22.85
C SER B 182 -14.28 1.25 22.83
N ALA B 183 -14.72 0.15 23.47
CA ALA B 183 -16.12 -0.26 23.48
C ALA B 183 -16.64 -0.47 22.06
N SER B 184 -15.97 -1.31 21.29
CA SER B 184 -16.45 -1.60 19.96
C SER B 184 -17.80 -2.24 20.12
N LYS B 185 -18.76 -1.80 19.33
CA LYS B 185 -20.14 -2.16 19.55
C LYS B 185 -20.46 -3.49 18.96
N LEU B 186 -19.49 -4.07 18.31
CA LEU B 186 -19.73 -5.28 17.56
C LEU B 186 -20.16 -6.32 18.56
N GLY B 187 -19.50 -6.30 19.70
CA GLY B 187 -19.94 -7.08 20.83
C GLY B 187 -19.33 -8.44 21.02
N SER B 188 -18.15 -8.46 21.61
CA SER B 188 -17.68 -9.57 22.37
C SER B 188 -17.10 -8.90 23.57
N HIS B 189 -17.67 -9.15 24.72
CA HIS B 189 -17.33 -8.37 25.88
C HIS B 189 -15.85 -8.57 26.14
N LEU B 190 -15.27 -7.72 26.98
CA LEU B 190 -13.84 -7.68 27.14
C LEU B 190 -13.44 -9.06 27.52
N GLY B 191 -14.25 -9.68 28.34
CA GLY B 191 -13.87 -10.93 28.90
C GLY B 191 -13.64 -11.89 27.78
N LEU B 192 -14.54 -11.99 26.79
CA LEU B 192 -14.29 -13.02 25.81
C LEU B 192 -13.05 -12.70 25.04
N ILE B 193 -12.86 -11.45 24.61
CA ILE B 193 -11.72 -11.22 23.71
C ILE B 193 -10.35 -11.45 24.31
N ILE B 194 -10.14 -11.02 25.53
CA ILE B 194 -8.83 -11.20 26.13
C ILE B 194 -8.61 -12.66 26.18
N ALA B 195 -9.66 -13.40 26.47
CA ALA B 195 -9.53 -14.82 26.62
C ALA B 195 -9.06 -15.36 25.33
N ARG B 196 -9.61 -14.87 24.25
CA ARG B 196 -9.21 -15.36 22.94
C ARG B 196 -7.78 -15.11 22.62
N GLN B 197 -7.27 -13.94 22.93
CA GLN B 197 -5.90 -13.64 22.52
C GLN B 197 -4.91 -14.61 23.14
N LEU B 198 -5.02 -14.91 24.41
CA LEU B 198 -4.09 -15.83 25.06
C LEU B 198 -4.02 -17.15 24.32
N VAL B 199 -5.19 -17.74 24.00
CA VAL B 199 -5.22 -19.05 23.37
C VAL B 199 -4.51 -19.03 22.02
N ARG B 200 -4.30 -17.85 21.43
CA ARG B 200 -3.41 -17.74 20.28
C ARG B 200 -1.94 -17.69 20.74
N LEU B 201 -1.68 -17.02 21.87
CA LEU B 201 -0.30 -16.84 22.32
C LEU B 201 0.33 -18.16 22.74
N MET B 202 -0.44 -19.01 23.42
CA MET B 202 0.05 -20.34 23.83
C MET B 202 0.17 -21.31 22.67
N GLY B 203 0.03 -20.84 21.43
CA GLY B 203 -0.09 -21.74 20.30
C GLY B 203 -1.48 -22.31 20.20
N GLY B 204 -1.77 -22.91 19.05
CA GLY B 204 -3.08 -23.48 18.82
C GLY B 204 -4.08 -22.44 18.34
N GLU B 205 -5.31 -22.91 18.13
CA GLU B 205 -6.32 -22.13 17.46
C GLU B 205 -7.60 -22.05 18.30
N PHE B 206 -8.41 -21.06 17.99
CA PHE B 206 -9.73 -20.89 18.57
C PHE B 206 -10.79 -21.29 17.54
N GLY B 207 -11.79 -22.04 17.99
CA GLY B 207 -12.82 -22.49 17.09
C GLY B 207 -14.22 -22.34 17.64
N ILE B 208 -15.12 -21.77 16.84
CA ILE B 208 -16.53 -21.64 17.19
C ILE B 208 -17.35 -22.05 15.97
N GLN B 209 -18.02 -23.20 16.07
CA GLN B 209 -18.90 -23.68 15.02
C GLN B 209 -20.34 -23.48 15.49
N SER B 210 -21.03 -22.53 14.88
CA SER B 210 -22.37 -22.14 15.29
C SER B 210 -23.40 -23.03 14.59
N GLY B 211 -24.08 -23.86 15.36
CA GLY B 211 -25.09 -24.74 14.82
C GLY B 211 -26.42 -24.62 15.54
N SER B 212 -27.45 -24.16 14.84
CA SER B 212 -28.78 -24.04 15.42
C SER B 212 -29.57 -25.33 15.24
N THR B 216 -23.35 -22.99 19.83
CA THR B 216 -21.93 -22.73 19.58
C THR B 216 -21.03 -23.52 20.53
N THR B 217 -19.97 -24.10 19.98
CA THR B 217 -18.98 -24.83 20.74
C THR B 217 -17.68 -24.03 20.71
N LEU B 218 -17.52 -23.13 21.68
CA LEU B 218 -16.28 -22.38 21.81
C LEU B 218 -15.14 -23.34 22.11
N SER B 219 -14.34 -23.68 21.09
CA SER B 219 -13.30 -24.67 21.21
C SER B 219 -11.93 -24.02 21.21
N LEU B 220 -11.04 -24.52 22.07
CA LEU B 220 -9.66 -24.11 22.13
C LEU B 220 -8.79 -25.34 21.98
N THR B 221 -7.75 -25.26 21.13
CA THR B 221 -6.90 -26.42 20.81
C THR B 221 -5.45 -26.07 21.10
N LEU B 222 -5.04 -26.21 22.37
CA LEU B 222 -3.65 -26.00 22.73
C LEU B 222 -2.77 -27.13 22.19
N PRO B 223 -1.49 -26.85 21.95
CA PRO B 223 -0.58 -27.90 21.48
C PRO B 223 0.17 -28.55 22.63
N LEU B 224 0.84 -29.66 22.30
CA LEU B 224 1.74 -30.33 23.23
C LEU B 224 2.55 -31.37 22.45
N ASP B 225 3.75 -31.68 22.98
CA ASP B 225 4.67 -32.68 22.45
C ASP B 225 4.42 -34.03 23.12
N PRO B 226 4.45 -35.13 22.35
CA PRO B 226 4.07 -36.44 22.91
C PRO B 226 5.14 -37.02 23.78
N GLN B 227 4.87 -37.11 25.08
CA GLN B 227 5.77 -37.75 26.03
C GLN B 227 4.99 -38.49 27.11
N ALA C 1 -23.01 18.06 -45.37
CA ALA C 1 -23.06 17.59 -46.75
C ALA C 1 -24.24 16.65 -46.98
N GLU C 2 -24.58 16.42 -48.25
CA GLU C 2 -25.60 15.47 -48.64
C GLU C 2 -24.98 14.49 -49.62
N PHE C 3 -24.87 13.23 -49.20
CA PHE C 3 -24.05 12.24 -49.89
C PHE C 3 -24.75 11.73 -51.15
N LEU C 4 -23.95 11.16 -52.06
CA LEU C 4 -24.39 10.74 -53.38
C LEU C 4 -24.11 9.27 -53.64
N ALA C 5 -24.06 8.47 -52.58
CA ALA C 5 -23.91 7.03 -52.70
C ALA C 5 -24.60 6.37 -51.52
N LYS C 6 -25.37 5.33 -51.78
CA LYS C 6 -26.23 4.72 -50.78
C LYS C 6 -25.55 3.49 -50.18
N ILE C 7 -25.41 3.48 -48.85
CA ILE C 7 -24.85 2.33 -48.17
C ILE C 7 -25.78 1.12 -48.32
N SER C 8 -25.22 -0.05 -48.06
CA SER C 8 -25.91 -1.30 -48.38
C SER C 8 -27.18 -1.47 -47.55
N HIS C 9 -28.02 -2.42 -48.00
CA HIS C 9 -29.24 -2.81 -47.32
C HIS C 9 -28.99 -3.44 -45.96
N GLU C 10 -27.73 -3.74 -45.62
CA GLU C 10 -27.39 -4.41 -44.37
C GLU C 10 -26.48 -3.60 -43.46
N ILE C 11 -26.03 -2.42 -43.88
CA ILE C 11 -25.29 -1.53 -42.99
C ILE C 11 -26.14 -0.32 -42.58
N ARG C 12 -27.01 0.16 -43.46
CA ARG C 12 -27.82 1.34 -43.14
C ARG C 12 -28.91 1.01 -42.13
N THR C 13 -29.56 -0.15 -42.29
CA THR C 13 -30.73 -0.48 -41.46
C THR C 13 -30.37 -0.93 -40.05
N PRO C 14 -29.24 -1.61 -39.80
CA PRO C 14 -28.85 -1.83 -38.40
C PRO C 14 -28.53 -0.52 -37.69
N MET C 15 -27.76 0.36 -38.33
CA MET C 15 -27.47 1.66 -37.74
C MET C 15 -28.73 2.51 -37.62
N ASN C 16 -29.63 2.41 -38.62
CA ASN C 16 -30.90 3.10 -38.51
C ASN C 16 -31.74 2.58 -37.35
N GLY C 17 -31.50 1.36 -36.91
CA GLY C 17 -32.13 0.84 -35.71
C GLY C 17 -31.44 1.36 -34.46
N VAL C 18 -30.12 1.49 -34.52
CA VAL C 18 -29.37 2.02 -33.39
C VAL C 18 -29.69 3.50 -33.19
N LEU C 19 -29.62 4.29 -34.28
CA LEU C 19 -29.99 5.69 -34.19
C LEU C 19 -31.43 5.86 -33.75
N GLY C 20 -32.33 5.04 -34.31
CA GLY C 20 -33.74 5.14 -33.93
C GLY C 20 -33.98 4.96 -32.45
N MET C 21 -33.19 4.10 -31.80
CA MET C 21 -33.30 3.94 -30.36
C MET C 21 -32.90 5.21 -29.62
N THR C 22 -31.70 5.70 -29.90
CA THR C 22 -31.16 6.85 -29.16
C THR C 22 -32.09 8.05 -29.26
N GLU C 23 -32.54 8.37 -30.47
CA GLU C 23 -33.48 9.49 -30.63
C GLU C 23 -34.80 9.21 -29.92
N LEU C 24 -35.19 7.93 -29.83
CA LEU C 24 -36.41 7.57 -29.13
C LEU C 24 -36.17 7.45 -27.63
N LEU C 25 -34.98 6.98 -27.24
CA LEU C 25 -34.71 6.70 -25.84
C LEU C 25 -34.71 7.97 -25.01
N LEU C 26 -34.23 9.08 -25.59
CA LEU C 26 -34.16 10.33 -24.83
C LEU C 26 -35.52 10.82 -24.35
N GLY C 27 -36.61 10.32 -24.92
CA GLY C 27 -37.93 10.64 -24.43
C GLY C 27 -38.32 9.79 -23.24
N THR C 28 -37.42 9.68 -22.27
CA THR C 28 -37.61 8.85 -21.09
C THR C 28 -36.73 9.43 -19.99
N PRO C 29 -37.15 9.36 -18.71
CA PRO C 29 -36.29 9.85 -17.63
C PRO C 29 -34.93 9.15 -17.58
N LEU C 30 -33.88 9.90 -17.89
CA LEU C 30 -32.51 9.42 -17.88
C LEU C 30 -31.71 10.18 -16.84
N SER C 31 -30.92 9.45 -16.05
CA SER C 31 -29.95 10.11 -15.18
C SER C 31 -28.89 10.79 -16.04
N ALA C 32 -28.22 11.79 -15.43
CA ALA C 32 -27.24 12.58 -16.17
C ALA C 32 -26.16 11.71 -16.79
N LYS C 33 -25.82 10.59 -16.17
CA LYS C 33 -24.83 9.69 -16.73
C LYS C 33 -25.42 8.85 -17.86
N GLN C 34 -26.66 8.38 -17.68
CA GLN C 34 -27.32 7.62 -18.74
C GLN C 34 -27.48 8.46 -20.00
N ARG C 35 -27.91 9.71 -19.84
CA ARG C 35 -28.08 10.59 -20.99
C ARG C 35 -26.77 10.78 -21.73
N ASP C 36 -25.66 10.88 -20.99
CA ASP C 36 -24.35 11.03 -21.63
C ASP C 36 -24.02 9.81 -22.49
N TYR C 37 -24.41 8.62 -22.04
CA TYR C 37 -24.12 7.41 -22.80
C TYR C 37 -24.90 7.39 -24.12
N VAL C 38 -26.16 7.80 -24.09
CA VAL C 38 -27.01 7.70 -25.26
C VAL C 38 -26.58 8.72 -26.32
N GLN C 39 -26.22 9.93 -25.90
CA GLN C 39 -25.75 10.93 -26.86
C GLN C 39 -24.50 10.46 -27.59
N THR C 40 -23.62 9.74 -26.88
CA THR C 40 -22.41 9.20 -27.52
C THR C 40 -22.78 8.19 -28.60
N ILE C 41 -23.72 7.30 -28.31
CA ILE C 41 -24.15 6.32 -29.30
C ILE C 41 -24.74 7.02 -30.52
N HIS C 42 -25.54 8.07 -30.29
CA HIS C 42 -26.04 8.87 -31.40
C HIS C 42 -24.90 9.57 -32.12
N SER C 43 -23.88 10.01 -31.36
CA SER C 43 -22.76 10.71 -31.97
C SER C 43 -21.79 9.74 -32.65
N ALA C 44 -21.53 8.59 -32.02
CA ALA C 44 -20.60 7.63 -32.60
C ALA C 44 -21.17 6.98 -33.85
N GLY C 45 -22.48 6.71 -33.86
CA GLY C 45 -23.08 6.11 -35.05
C GLY C 45 -23.04 7.03 -36.24
N ASN C 46 -23.40 8.30 -36.05
CA ASN C 46 -23.29 9.28 -37.12
C ASN C 46 -21.84 9.48 -37.54
N GLU C 47 -20.91 9.33 -36.60
CA GLU C 47 -19.49 9.39 -36.96
C GLU C 47 -19.13 8.28 -37.94
N LEU C 48 -19.64 7.07 -37.72
CA LEU C 48 -19.34 5.95 -38.60
C LEU C 48 -20.10 6.04 -39.91
N LEU C 49 -21.38 6.45 -39.86
CA LEU C 49 -22.21 6.44 -41.06
C LEU C 49 -21.67 7.41 -42.12
N THR C 50 -21.30 8.62 -41.71
CA THR C 50 -20.72 9.56 -42.67
C THR C 50 -19.38 9.06 -43.19
N LEU C 51 -18.59 8.41 -42.33
CA LEU C 51 -17.31 7.88 -42.77
C LEU C 51 -17.50 6.83 -43.87
N ILE C 52 -18.38 5.86 -43.65
CA ILE C 52 -18.68 4.85 -44.66
C ILE C 52 -19.27 5.51 -45.90
N ASN C 53 -20.21 6.45 -45.69
CA ASN C 53 -20.76 7.20 -46.82
C ASN C 53 -19.68 8.00 -47.54
N GLU C 54 -18.65 8.45 -46.82
CA GLU C 54 -17.57 9.21 -47.46
C GLU C 54 -16.54 8.29 -48.10
N ILE C 55 -16.24 7.16 -47.46
CA ILE C 55 -15.35 6.17 -48.06
C ILE C 55 -15.90 5.74 -49.42
N LEU C 56 -17.19 5.36 -49.44
CA LEU C 56 -17.83 4.94 -50.67
C LEU C 56 -17.96 6.09 -51.66
N ASP C 57 -18.08 7.32 -51.15
CA ASP C 57 -18.28 8.47 -52.04
C ASP C 57 -17.09 8.68 -52.96
N ILE C 58 -15.88 8.60 -52.40
CA ILE C 58 -14.68 8.78 -53.22
C ILE C 58 -14.57 7.68 -54.26
N SER C 59 -14.84 6.44 -53.85
CA SER C 59 -14.70 5.30 -54.76
C SER C 59 -15.59 5.44 -55.99
N LYS C 60 -16.77 6.06 -55.84
CA LYS C 60 -17.64 6.26 -56.98
C LYS C 60 -17.18 7.43 -57.85
N LEU C 61 -16.88 8.57 -57.23
CA LEU C 61 -16.28 9.68 -57.96
C LEU C 61 -15.00 9.25 -58.66
N GLU C 62 -14.26 8.34 -58.02
CA GLU C 62 -12.98 7.88 -58.58
C GLU C 62 -13.17 7.09 -59.85
N SER C 63 -13.93 5.99 -59.78
CA SER C 63 -14.09 5.05 -60.87
C SER C 63 -14.75 5.69 -62.10
N GLY C 64 -15.06 6.98 -62.02
CA GLY C 64 -15.79 7.62 -63.09
C GLY C 64 -17.21 7.15 -63.23
N GLN C 65 -17.73 6.40 -62.25
CA GLN C 65 -19.07 5.86 -62.31
C GLN C 65 -20.14 6.96 -62.19
N ILE C 66 -19.79 8.10 -61.62
CA ILE C 66 -20.78 9.13 -61.29
C ILE C 66 -20.84 10.14 -62.43
N GLU C 67 -22.02 10.29 -63.03
CA GLU C 67 -22.31 11.34 -63.98
C GLU C 67 -23.26 12.35 -63.33
N LEU C 68 -23.17 13.60 -63.75
CA LEU C 68 -23.88 14.69 -63.09
C LEU C 68 -24.86 15.35 -64.05
N ASP C 69 -25.94 15.90 -63.50
CA ASP C 69 -26.99 16.50 -64.30
C ASP C 69 -26.52 17.83 -64.90
N GLU C 70 -27.28 18.29 -65.90
CA GLU C 70 -27.03 19.56 -66.57
C GLU C 70 -28.36 20.32 -66.66
N VAL C 71 -28.82 20.83 -65.52
CA VAL C 71 -30.09 21.54 -65.44
C VAL C 71 -29.85 22.92 -64.84
N GLN C 72 -30.51 23.92 -65.41
CA GLN C 72 -30.33 25.29 -64.93
C GLN C 72 -31.06 25.48 -63.61
N PHE C 73 -30.48 26.34 -62.77
CA PHE C 73 -30.99 26.54 -61.41
C PHE C 73 -30.66 27.95 -60.96
N ASP C 74 -31.30 28.38 -59.88
CA ASP C 74 -31.12 29.71 -59.31
C ASP C 74 -29.93 29.66 -58.37
N LEU C 75 -28.85 30.37 -58.72
CA LEU C 75 -27.64 30.30 -57.92
C LEU C 75 -27.83 30.95 -56.55
N ASN C 76 -28.54 32.08 -56.50
CA ASN C 76 -28.73 32.78 -55.24
C ASN C 76 -29.42 31.91 -54.20
N ALA C 77 -30.47 31.19 -54.61
CA ALA C 77 -31.21 30.35 -53.66
C ALA C 77 -30.31 29.27 -53.08
N LEU C 78 -29.51 28.61 -53.93
CA LEU C 78 -28.65 27.54 -53.46
C LEU C 78 -27.63 28.06 -52.44
N ILE C 79 -26.90 29.12 -52.79
CA ILE C 79 -25.89 29.66 -51.88
C ILE C 79 -26.55 30.20 -50.62
N GLU C 80 -27.70 30.85 -50.76
CA GLU C 80 -28.43 31.33 -49.59
C GLU C 80 -28.94 30.17 -48.75
N ASP C 81 -29.29 29.05 -49.39
CA ASP C 81 -29.81 27.91 -48.66
C ASP C 81 -28.73 27.28 -47.78
N CYS C 82 -27.49 27.22 -48.29
CA CYS C 82 -26.40 26.63 -47.51
C CYS C 82 -26.14 27.42 -46.25
N LEU C 83 -26.12 28.76 -46.35
CA LEU C 83 -26.06 29.61 -45.17
C LEU C 83 -27.12 29.23 -44.16
N ASP C 84 -28.38 29.22 -44.61
CA ASP C 84 -29.52 29.02 -43.71
C ASP C 84 -29.42 27.68 -42.98
N ILE C 85 -28.75 26.69 -43.60
CA ILE C 85 -28.55 25.40 -42.92
C ILE C 85 -27.74 25.61 -41.65
N PHE C 86 -26.64 26.35 -41.74
CA PHE C 86 -25.71 26.51 -40.64
C PHE C 86 -26.04 27.66 -39.70
N ARG C 87 -27.12 28.41 -39.95
CA ARG C 87 -27.47 29.50 -39.05
C ARG C 87 -27.72 28.99 -37.64
N VAL C 88 -28.57 27.96 -37.50
CA VAL C 88 -28.83 27.38 -36.19
C VAL C 88 -27.53 26.95 -35.52
N LYS C 89 -26.55 26.50 -36.31
CA LYS C 89 -25.26 26.14 -35.75
C LYS C 89 -24.38 27.36 -35.48
N ALA C 90 -24.66 28.49 -36.11
CA ALA C 90 -23.86 29.70 -35.86
C ALA C 90 -24.23 30.33 -34.53
N GLU C 91 -25.52 30.42 -34.22
CA GLU C 91 -25.95 30.91 -32.92
C GLU C 91 -25.49 29.98 -31.79
N GLN C 92 -25.62 28.66 -32.01
CA GLN C 92 -25.23 27.71 -30.97
C GLN C 92 -23.73 27.74 -30.74
N GLN C 93 -22.94 27.63 -31.80
CA GLN C 93 -21.50 27.80 -31.70
C GLN C 93 -21.12 29.24 -31.34
N ARG C 94 -22.09 30.15 -31.30
CA ARG C 94 -21.89 31.56 -30.96
C ARG C 94 -20.87 32.19 -31.90
N ILE C 95 -21.30 32.30 -33.15
CA ILE C 95 -20.41 32.69 -34.24
C ILE C 95 -21.19 33.46 -35.30
N GLU C 96 -20.51 34.41 -35.94
CA GLU C 96 -21.10 35.24 -36.98
C GLU C 96 -20.69 34.67 -38.33
N LEU C 97 -21.67 34.17 -39.08
CA LEU C 97 -21.46 33.69 -40.44
C LEU C 97 -22.06 34.74 -41.38
N ILE C 98 -21.19 35.49 -42.05
CA ILE C 98 -21.61 36.48 -43.02
C ILE C 98 -21.12 36.04 -44.40
N SER C 99 -21.73 36.63 -45.43
CA SER C 99 -21.40 36.26 -46.79
C SER C 99 -21.88 37.35 -47.74
N PHE C 100 -21.31 37.35 -48.93
CA PHE C 100 -21.64 38.36 -49.93
C PHE C 100 -21.50 37.77 -51.33
N THR C 101 -22.41 38.15 -52.21
CA THR C 101 -22.34 37.78 -53.62
C THR C 101 -22.24 39.05 -54.46
N GLN C 102 -21.25 39.08 -55.35
CA GLN C 102 -21.07 40.25 -56.20
C GLN C 102 -22.29 40.47 -57.07
N PRO C 103 -22.60 41.73 -57.42
CA PRO C 103 -23.89 41.99 -58.09
C PRO C 103 -23.97 41.43 -59.49
N GLN C 104 -22.87 41.46 -60.25
CA GLN C 104 -22.88 41.00 -61.64
C GLN C 104 -22.93 39.49 -61.78
N VAL C 105 -22.73 38.75 -60.69
CA VAL C 105 -22.82 37.28 -60.76
C VAL C 105 -24.23 36.88 -61.21
N PRO C 106 -24.37 35.97 -62.17
CA PRO C 106 -25.69 35.69 -62.72
C PRO C 106 -26.66 35.15 -61.67
N ARG C 107 -27.95 35.37 -61.92
CA ARG C 107 -28.99 34.79 -61.07
C ARG C 107 -29.10 33.30 -61.30
N VAL C 108 -29.21 32.88 -62.56
CA VAL C 108 -29.33 31.47 -62.93
C VAL C 108 -28.11 31.09 -63.76
N ILE C 109 -27.57 29.90 -63.49
CA ILE C 109 -26.41 29.40 -64.22
C ILE C 109 -26.66 27.93 -64.56
N GLY C 110 -25.96 27.46 -65.60
CA GLY C 110 -26.04 26.06 -65.97
C GLY C 110 -25.07 25.24 -65.15
N GLY C 111 -25.55 24.07 -64.73
CA GLY C 111 -24.72 23.17 -63.92
C GLY C 111 -25.55 22.09 -63.28
N ASP C 112 -25.09 21.62 -62.13
CA ASP C 112 -25.84 20.65 -61.34
C ASP C 112 -26.07 21.23 -59.95
N PRO C 113 -27.31 21.50 -59.56
CA PRO C 113 -27.53 22.11 -58.24
C PRO C 113 -27.34 21.15 -57.08
N THR C 114 -27.72 19.89 -57.24
CA THR C 114 -27.67 18.95 -56.13
C THR C 114 -26.24 18.61 -55.74
N ARG C 115 -25.35 18.50 -56.72
CA ARG C 115 -23.95 18.24 -56.39
C ARG C 115 -23.23 19.51 -55.93
N LEU C 116 -23.59 20.66 -56.48
CA LEU C 116 -22.93 21.90 -56.09
C LEU C 116 -23.19 22.23 -54.63
N ARG C 117 -24.35 21.83 -54.10
CA ARG C 117 -24.59 21.96 -52.66
C ARG C 117 -23.52 21.24 -51.87
N GLN C 118 -23.34 19.93 -52.13
CA GLN C 118 -22.29 19.14 -51.51
C GLN C 118 -20.96 19.90 -51.44
N VAL C 119 -20.55 20.48 -52.57
CA VAL C 119 -19.26 21.15 -52.62
C VAL C 119 -19.25 22.37 -51.71
N VAL C 120 -20.31 23.19 -51.79
CA VAL C 120 -20.38 24.35 -50.90
C VAL C 120 -20.64 23.91 -49.46
N LEU C 121 -21.39 22.83 -49.26
CA LEU C 121 -21.57 22.30 -47.91
C LEU C 121 -20.25 21.76 -47.36
N SER C 122 -19.44 21.12 -48.22
CA SER C 122 -18.21 20.50 -47.74
C SER C 122 -17.21 21.54 -47.27
N LEU C 123 -17.04 22.62 -48.03
CA LEU C 123 -16.14 23.69 -47.56
C LEU C 123 -16.72 24.39 -46.33
N LEU C 124 -18.04 24.56 -46.29
CA LEU C 124 -18.66 25.26 -45.17
C LEU C 124 -18.65 24.42 -43.90
N ASP C 125 -18.53 23.10 -44.02
CA ASP C 125 -18.54 22.23 -42.84
C ASP C 125 -17.27 22.41 -42.03
N ASN C 126 -16.11 22.22 -42.66
CA ASN C 126 -14.86 22.24 -41.90
C ASN C 126 -14.58 23.62 -41.31
N ALA C 127 -15.08 24.68 -41.93
CA ALA C 127 -14.90 26.02 -41.38
C ALA C 127 -15.52 26.13 -39.99
N PHE C 128 -16.72 25.57 -39.81
CA PHE C 128 -17.33 25.54 -38.48
C PHE C 128 -16.67 24.48 -37.60
N LYS C 129 -16.08 23.45 -38.21
CA LYS C 129 -15.29 22.49 -37.45
C LYS C 129 -13.98 23.09 -36.98
N GLN C 130 -13.43 24.05 -37.72
CA GLN C 130 -12.08 24.54 -37.51
C GLN C 130 -12.03 25.82 -36.69
N THR C 131 -13.16 26.41 -36.34
CA THR C 131 -13.19 27.64 -35.57
C THR C 131 -14.08 27.45 -34.34
N GLU C 132 -13.56 27.84 -33.18
CA GLU C 132 -14.37 27.91 -31.96
C GLU C 132 -14.99 29.29 -31.78
N GLU C 133 -14.26 30.35 -32.13
CA GLU C 133 -14.83 31.69 -32.16
C GLU C 133 -14.00 32.57 -33.10
N GLY C 134 -14.70 33.40 -33.88
CA GLY C 134 -14.15 34.18 -34.96
C GLY C 134 -15.25 34.65 -35.89
N GLU C 135 -15.04 34.55 -37.21
CA GLU C 135 -16.06 34.89 -38.19
C GLU C 135 -15.75 34.18 -39.49
N ILE C 136 -16.80 33.88 -40.26
CA ILE C 136 -16.69 33.09 -41.48
C ILE C 136 -17.34 33.84 -42.62
N LEU C 137 -16.67 33.87 -43.78
CA LEU C 137 -17.09 34.61 -44.95
C LEU C 137 -17.23 33.66 -46.14
N LEU C 138 -18.30 33.85 -46.92
CA LEU C 138 -18.52 33.07 -48.14
C LEU C 138 -18.81 34.05 -49.27
N VAL C 139 -17.84 34.21 -50.18
CA VAL C 139 -17.93 35.17 -51.27
C VAL C 139 -18.17 34.42 -52.57
N VAL C 140 -19.20 34.83 -53.31
CA VAL C 140 -19.49 34.31 -54.64
C VAL C 140 -19.28 35.44 -55.63
N ALA C 141 -18.29 35.27 -56.51
CA ALA C 141 -17.97 36.26 -57.53
C ALA C 141 -17.58 35.52 -58.80
N LEU C 142 -17.16 36.27 -59.82
CA LEU C 142 -16.69 35.69 -61.06
C LEU C 142 -15.22 36.05 -61.27
N ASP C 143 -14.48 35.13 -61.86
CA ASP C 143 -13.05 35.26 -62.07
C ASP C 143 -12.76 35.54 -63.54
N ASP C 144 -11.99 36.59 -63.80
CA ASP C 144 -11.63 36.97 -65.16
C ASP C 144 -10.15 36.76 -65.46
N GLN C 145 -9.44 36.01 -64.62
CA GLN C 145 -8.08 35.61 -64.97
C GLN C 145 -8.07 34.69 -66.18
N GLY C 146 -9.15 33.94 -66.39
CA GLY C 146 -9.27 33.08 -67.54
C GLY C 146 -9.68 33.84 -68.79
N GLU C 147 -9.77 33.09 -69.89
CA GLU C 147 -10.11 33.70 -71.18
C GLU C 147 -11.54 34.23 -71.17
N THR C 148 -12.49 33.40 -70.74
CA THR C 148 -13.90 33.71 -70.59
C THR C 148 -14.26 33.81 -69.11
N PRO C 149 -15.25 34.62 -68.74
CA PRO C 149 -15.61 34.73 -67.32
C PRO C 149 -16.07 33.41 -66.72
N ARG C 150 -15.59 33.13 -65.51
CA ARG C 150 -15.88 31.90 -64.81
C ARG C 150 -16.36 32.20 -63.39
N LEU C 151 -17.20 31.32 -62.86
CA LEU C 151 -17.73 31.47 -61.51
C LEU C 151 -16.66 31.13 -60.48
N ARG C 152 -16.72 31.82 -59.34
CA ARG C 152 -15.80 31.59 -58.23
C ARG C 152 -16.54 31.65 -56.90
N ILE C 153 -16.22 30.71 -56.01
CA ILE C 153 -16.81 30.63 -54.68
C ILE C 153 -15.70 30.36 -53.69
N ALA C 154 -15.65 31.14 -52.61
CA ALA C 154 -14.61 31.01 -51.61
C ALA C 154 -15.20 31.05 -50.20
N VAL C 155 -14.63 30.25 -49.30
CA VAL C 155 -15.03 30.20 -47.90
C VAL C 155 -13.81 30.48 -47.05
N GLN C 156 -13.93 31.40 -46.11
CA GLN C 156 -12.82 31.86 -45.28
C GLN C 156 -13.07 31.50 -43.81
N ASP C 157 -12.02 31.02 -43.15
CA ASP C 157 -12.07 30.73 -41.73
C ASP C 157 -10.77 31.22 -41.09
N SER C 158 -10.78 31.29 -39.75
CA SER C 158 -9.64 31.78 -38.99
C SER C 158 -9.13 30.73 -38.00
N GLY C 159 -9.20 29.46 -38.37
CA GLY C 159 -8.60 28.41 -37.58
C GLY C 159 -7.16 28.17 -38.00
N HIS C 160 -6.43 27.43 -37.16
CA HIS C 160 -5.05 27.11 -37.45
C HIS C 160 -4.94 26.49 -38.84
N PRO C 161 -4.08 27.03 -39.71
CA PRO C 161 -4.17 26.70 -41.14
C PRO C 161 -3.65 25.32 -41.46
N PHE C 162 -4.03 24.85 -42.66
CA PHE C 162 -3.52 23.58 -43.16
C PHE C 162 -2.03 23.67 -43.42
N ASP C 163 -1.29 22.66 -42.97
CA ASP C 163 0.16 22.62 -43.10
C ASP C 163 0.55 22.58 -44.58
N ALA C 164 1.84 22.81 -44.84
CA ALA C 164 2.34 22.77 -46.21
C ALA C 164 2.11 21.40 -46.84
N LYS C 165 2.11 20.33 -46.04
CA LYS C 165 1.79 19.01 -46.57
C LYS C 165 0.28 18.84 -46.75
N GLU C 166 -0.51 19.41 -45.85
CA GLU C 166 -1.97 19.34 -45.99
C GLU C 166 -2.42 19.97 -47.29
N ARG C 167 -1.77 21.08 -47.70
CA ARG C 167 -2.07 21.65 -49.01
C ARG C 167 -1.64 20.72 -50.14
N GLU C 168 -0.65 19.88 -49.89
CA GLU C 168 -0.24 18.91 -50.91
C GLU C 168 -1.17 17.70 -50.93
N ALA C 169 -1.53 17.19 -49.75
CA ALA C 169 -2.40 16.03 -49.68
C ALA C 169 -3.76 16.32 -50.32
N LEU C 170 -4.49 17.31 -49.78
CA LEU C 170 -5.82 17.63 -50.28
C LEU C 170 -5.83 17.88 -51.79
N LEU C 171 -4.70 18.32 -52.35
CA LEU C 171 -4.65 18.64 -53.78
C LEU C 171 -4.24 17.46 -54.64
N THR C 172 -3.44 16.53 -54.11
CA THR C 172 -2.97 15.43 -54.94
C THR C 172 -3.10 14.06 -54.27
N ALA C 173 -3.73 13.95 -53.09
CA ALA C 173 -3.98 12.64 -52.54
C ALA C 173 -4.99 11.90 -53.41
N GLU C 174 -4.95 10.57 -53.35
CA GLU C 174 -5.78 9.79 -54.26
C GLU C 174 -6.00 8.39 -53.72
N LEU C 175 -7.24 7.93 -53.88
CA LEU C 175 -7.74 6.68 -53.29
C LEU C 175 -7.87 5.66 -54.40
N HIS C 176 -7.48 4.43 -54.10
CA HIS C 176 -7.13 3.48 -55.16
C HIS C 176 -5.99 4.15 -55.92
N SER C 177 -5.42 5.09 -55.18
CA SER C 177 -4.38 5.99 -55.62
C SER C 177 -3.10 5.30 -55.20
N GLY C 178 -1.94 5.79 -55.61
CA GLY C 178 -0.72 5.14 -55.19
C GLY C 178 -0.58 5.19 -53.69
N ASP C 179 -0.66 6.38 -53.09
CA ASP C 179 -0.67 6.55 -51.64
C ASP C 179 -1.85 7.44 -51.21
N PHE C 180 -2.54 7.08 -50.13
CA PHE C 180 -3.75 7.82 -49.76
C PHE C 180 -3.99 8.21 -48.28
N LEU C 181 -4.22 7.21 -47.43
CA LEU C 181 -4.89 7.39 -46.14
C LEU C 181 -4.25 8.29 -45.06
N SER C 182 -2.94 8.18 -44.87
CA SER C 182 -2.27 8.92 -43.85
C SER C 182 -3.11 8.79 -42.58
N ALA C 183 -3.89 7.72 -42.47
CA ALA C 183 -4.61 7.47 -41.22
C ALA C 183 -5.78 8.41 -41.03
N SER C 184 -5.83 9.03 -39.86
CA SER C 184 -6.79 10.07 -39.50
C SER C 184 -6.55 11.29 -40.31
N LYS C 185 -5.30 11.61 -40.58
CA LYS C 185 -5.14 12.89 -41.26
C LYS C 185 -6.31 13.15 -42.20
N LEU C 186 -6.83 12.09 -42.82
CA LEU C 186 -8.03 12.20 -43.64
C LEU C 186 -9.29 12.30 -42.78
N GLY C 187 -9.29 11.66 -41.61
CA GLY C 187 -10.47 11.46 -40.79
C GLY C 187 -11.39 12.65 -40.67
N SER C 188 -10.79 13.83 -40.49
CA SER C 188 -11.55 15.07 -40.44
C SER C 188 -11.70 15.72 -41.81
N HIS C 189 -10.82 15.39 -42.76
CA HIS C 189 -10.72 16.12 -44.01
C HIS C 189 -11.13 15.29 -45.22
N LEU C 190 -11.92 14.24 -45.03
CA LEU C 190 -12.35 13.44 -46.17
C LEU C 190 -13.30 14.21 -47.08
N GLY C 191 -14.12 15.10 -46.49
CA GLY C 191 -15.07 15.85 -47.31
C GLY C 191 -14.40 16.79 -48.28
N LEU C 192 -13.24 17.34 -47.92
CA LEU C 192 -12.53 18.23 -48.82
C LEU C 192 -12.10 17.51 -50.10
N ILE C 193 -11.58 16.29 -49.96
CA ILE C 193 -11.20 15.52 -51.14
C ILE C 193 -12.43 15.13 -51.95
N ILE C 194 -13.52 14.76 -51.25
CA ILE C 194 -14.79 14.52 -51.94
C ILE C 194 -15.24 15.77 -52.68
N ALA C 195 -15.05 16.94 -52.06
CA ALA C 195 -15.38 18.20 -52.72
C ALA C 195 -14.48 18.45 -53.93
N ARG C 196 -13.22 18.02 -53.86
CA ARG C 196 -12.31 18.20 -54.98
C ARG C 196 -12.79 17.44 -56.20
N GLN C 197 -13.04 16.13 -56.04
CA GLN C 197 -13.40 15.28 -57.17
C GLN C 197 -14.55 15.87 -57.98
N LEU C 198 -15.54 16.44 -57.29
CA LEU C 198 -16.65 17.07 -57.99
C LEU C 198 -16.17 18.25 -58.83
N VAL C 199 -15.51 19.22 -58.20
CA VAL C 199 -15.07 20.43 -58.91
C VAL C 199 -14.24 20.06 -60.12
N ARG C 200 -13.36 19.07 -59.99
CA ARG C 200 -12.56 18.64 -61.12
C ARG C 200 -13.38 17.83 -62.12
N LEU C 201 -14.42 17.14 -61.65
CA LEU C 201 -15.37 16.52 -62.58
C LEU C 201 -16.31 17.58 -63.14
N MET C 202 -16.71 18.56 -62.34
CA MET C 202 -17.55 19.67 -62.78
C MET C 202 -16.79 20.60 -63.72
N GLY C 203 -15.51 20.29 -63.96
CA GLY C 203 -14.70 21.02 -64.91
C GLY C 203 -13.96 22.21 -64.34
N GLY C 204 -14.23 22.59 -63.10
CA GLY C 204 -13.58 23.74 -62.50
C GLY C 204 -12.24 23.39 -61.88
N GLU C 205 -11.82 24.22 -60.93
CA GLU C 205 -10.57 24.05 -60.22
C GLU C 205 -10.81 24.18 -58.72
N PHE C 206 -10.11 23.35 -57.95
CA PHE C 206 -10.17 23.41 -56.49
C PHE C 206 -8.95 24.16 -55.98
N GLY C 207 -9.17 25.35 -55.45
CA GLY C 207 -8.09 26.19 -54.94
C GLY C 207 -8.18 26.30 -53.43
N ILE C 208 -7.02 26.23 -52.78
CA ILE C 208 -6.92 26.44 -51.34
C ILE C 208 -5.58 27.07 -51.01
N GLN C 209 -5.54 28.40 -51.01
CA GLN C 209 -4.39 29.12 -50.49
C GLN C 209 -4.58 29.31 -48.98
N SER C 210 -3.46 29.40 -48.28
CA SER C 210 -3.48 29.45 -46.82
C SER C 210 -2.68 30.65 -46.34
N GLY C 211 -3.28 31.45 -45.45
CA GLY C 211 -2.58 32.58 -44.89
C GLY C 211 -1.44 32.14 -43.99
N SER C 212 -0.39 32.95 -43.98
CA SER C 212 0.81 32.63 -43.19
C SER C 212 0.65 33.05 -41.73
N GLN C 214 -3.37 33.68 -40.38
CA GLN C 214 -3.59 32.29 -40.00
C GLN C 214 -4.86 31.74 -40.64
N GLY C 215 -5.37 32.44 -41.66
CA GLY C 215 -6.61 32.07 -42.28
C GLY C 215 -6.44 31.15 -43.48
N THR C 216 -7.44 30.30 -43.70
CA THR C 216 -7.51 29.43 -44.86
C THR C 216 -8.75 29.77 -45.67
N THR C 217 -8.62 29.73 -47.00
CA THR C 217 -9.72 30.05 -47.91
C THR C 217 -9.88 28.90 -48.91
N LEU C 218 -10.90 28.07 -48.68
CA LEU C 218 -11.32 27.09 -49.67
C LEU C 218 -11.99 27.82 -50.84
N SER C 219 -11.46 27.64 -52.04
CA SER C 219 -11.98 28.33 -53.21
C SER C 219 -12.20 27.34 -54.34
N LEU C 220 -13.31 27.52 -55.06
CA LEU C 220 -13.63 26.71 -56.23
C LEU C 220 -14.00 27.64 -57.37
N THR C 221 -13.63 27.26 -58.59
CA THR C 221 -13.83 28.10 -59.77
C THR C 221 -14.44 27.27 -60.90
N LEU C 222 -15.75 27.07 -60.85
CA LEU C 222 -16.41 26.33 -61.92
C LEU C 222 -16.49 27.18 -63.18
N PRO C 223 -16.51 26.54 -64.36
CA PRO C 223 -16.71 27.30 -65.60
C PRO C 223 -18.17 27.39 -66.00
N LEU C 224 -18.65 28.59 -66.30
CA LEU C 224 -19.99 28.79 -66.84
C LEU C 224 -19.87 29.39 -68.22
N ASP C 225 -20.59 28.81 -69.19
CA ASP C 225 -20.56 29.32 -70.54
C ASP C 225 -21.26 30.69 -70.59
N PRO C 226 -20.81 31.57 -71.48
CA PRO C 226 -21.32 32.95 -71.47
C PRO C 226 -22.83 33.03 -71.61
N GLN C 227 -23.44 33.91 -70.82
CA GLN C 227 -24.87 34.14 -70.85
C GLN C 227 -25.26 34.96 -72.08
N ALA D 1 -7.26 -2.38 -51.30
CA ALA D 1 -7.45 -3.55 -50.46
C ALA D 1 -6.64 -3.42 -49.18
N GLU D 2 -5.58 -2.59 -49.21
CA GLU D 2 -4.91 -2.18 -47.99
C GLU D 2 -5.75 -1.18 -47.21
N PHE D 3 -6.49 -0.33 -47.92
CA PHE D 3 -7.12 0.84 -47.32
C PHE D 3 -8.06 0.45 -46.17
N LEU D 4 -9.07 -0.37 -46.47
CA LEU D 4 -10.03 -0.75 -45.44
C LEU D 4 -9.34 -1.37 -44.23
N ALA D 5 -8.29 -2.15 -44.48
CA ALA D 5 -7.47 -2.66 -43.37
C ALA D 5 -6.66 -1.55 -42.73
N LYS D 6 -6.20 -0.58 -43.54
CA LYS D 6 -5.34 0.47 -43.03
C LYS D 6 -6.11 1.47 -42.18
N ILE D 7 -7.41 1.61 -42.41
CA ILE D 7 -8.25 2.46 -41.57
C ILE D 7 -9.25 1.62 -40.76
N SER D 8 -8.92 0.34 -40.54
CA SER D 8 -9.73 -0.50 -39.67
C SER D 8 -9.90 0.13 -38.30
N HIS D 9 -8.81 0.66 -37.74
CA HIS D 9 -8.88 1.31 -36.43
C HIS D 9 -9.82 2.51 -36.46
N GLU D 10 -9.97 3.15 -37.61
CA GLU D 10 -10.87 4.30 -37.72
C GLU D 10 -12.32 3.86 -37.91
N ILE D 11 -12.55 2.72 -38.56
CA ILE D 11 -13.90 2.19 -38.66
C ILE D 11 -14.29 1.49 -37.36
N ARG D 12 -13.34 0.83 -36.71
CA ARG D 12 -13.64 0.10 -35.48
C ARG D 12 -13.91 1.03 -34.32
N THR D 13 -13.27 2.20 -34.28
CA THR D 13 -13.35 3.05 -33.10
C THR D 13 -14.78 3.46 -32.74
N PRO D 14 -15.61 3.94 -33.67
CA PRO D 14 -17.01 4.22 -33.28
C PRO D 14 -17.79 2.97 -32.94
N MET D 15 -17.62 1.90 -33.71
CA MET D 15 -18.38 0.67 -33.46
C MET D 15 -18.05 0.09 -32.10
N ASN D 16 -16.79 0.18 -31.68
CA ASN D 16 -16.43 -0.22 -30.32
C ASN D 16 -17.10 0.65 -29.28
N GLY D 17 -17.48 1.87 -29.64
CA GLY D 17 -18.18 2.75 -28.73
C GLY D 17 -19.68 2.63 -28.82
N VAL D 18 -20.21 2.45 -30.04
CA VAL D 18 -21.64 2.25 -30.21
C VAL D 18 -22.11 1.06 -29.39
N LEU D 19 -21.43 -0.07 -29.52
CA LEU D 19 -21.76 -1.25 -28.74
C LEU D 19 -21.21 -1.16 -27.32
N GLY D 20 -20.07 -0.48 -27.15
CA GLY D 20 -19.43 -0.44 -25.84
C GLY D 20 -20.31 0.16 -24.76
N MET D 21 -20.95 1.29 -25.07
CA MET D 21 -21.83 1.92 -24.09
C MET D 21 -23.01 1.02 -23.74
N THR D 22 -23.50 0.24 -24.70
CA THR D 22 -24.68 -0.59 -24.46
C THR D 22 -24.44 -1.60 -23.34
N GLU D 23 -23.40 -2.42 -23.48
CA GLU D 23 -23.08 -3.37 -22.41
C GLU D 23 -22.64 -2.67 -21.14
N LEU D 24 -22.21 -1.42 -21.23
CA LEU D 24 -22.00 -0.61 -20.04
C LEU D 24 -23.32 -0.02 -19.54
N LEU D 25 -24.25 0.24 -20.45
CA LEU D 25 -25.53 0.85 -20.07
C LEU D 25 -26.42 -0.13 -19.33
N LEU D 26 -26.30 -1.43 -19.63
CA LEU D 26 -27.15 -2.43 -18.97
C LEU D 26 -27.00 -2.40 -17.46
N GLY D 27 -25.81 -2.05 -16.95
CA GLY D 27 -25.62 -2.02 -15.51
C GLY D 27 -26.45 -0.96 -14.81
N THR D 28 -26.76 0.14 -15.50
CA THR D 28 -27.56 1.19 -14.91
C THR D 28 -28.99 0.71 -14.67
N PRO D 29 -29.69 1.28 -13.69
CA PRO D 29 -31.10 0.93 -13.49
C PRO D 29 -31.96 1.37 -14.65
N LEU D 30 -32.50 0.42 -15.41
CA LEU D 30 -33.27 0.71 -16.61
C LEU D 30 -34.74 0.44 -16.37
N SER D 31 -35.60 1.30 -16.90
CA SER D 31 -37.03 1.05 -16.88
C SER D 31 -37.34 -0.21 -17.68
N ALA D 32 -38.46 -0.85 -17.34
CA ALA D 32 -38.80 -2.12 -17.97
C ALA D 32 -38.92 -1.98 -19.49
N LYS D 33 -39.51 -0.89 -19.96
CA LYS D 33 -39.55 -0.63 -21.39
C LYS D 33 -38.23 -0.05 -21.88
N GLN D 34 -37.47 0.60 -21.00
CA GLN D 34 -36.20 1.20 -21.39
C GLN D 34 -35.18 0.12 -21.75
N ARG D 35 -35.11 -0.94 -20.95
CA ARG D 35 -34.16 -2.02 -21.22
C ARG D 35 -34.42 -2.65 -22.58
N ASP D 36 -35.69 -2.75 -22.97
CA ASP D 36 -36.02 -3.31 -24.27
C ASP D 36 -35.45 -2.46 -25.40
N TYR D 37 -35.39 -1.15 -25.21
CA TYR D 37 -34.81 -0.27 -26.23
C TYR D 37 -33.31 -0.51 -26.35
N VAL D 38 -32.60 -0.55 -25.22
CA VAL D 38 -31.15 -0.68 -25.25
C VAL D 38 -30.75 -2.10 -25.63
N GLN D 39 -31.49 -3.09 -25.15
CA GLN D 39 -31.19 -4.49 -25.49
C GLN D 39 -31.20 -4.71 -26.99
N THR D 40 -31.99 -3.93 -27.73
CA THR D 40 -31.95 -4.01 -29.19
C THR D 40 -30.58 -3.61 -29.72
N ILE D 41 -29.96 -2.58 -29.13
CA ILE D 41 -28.67 -2.12 -29.60
C ILE D 41 -27.61 -3.21 -29.42
N HIS D 42 -27.71 -3.99 -28.35
CA HIS D 42 -26.84 -5.15 -28.21
C HIS D 42 -27.28 -6.30 -29.11
N SER D 43 -28.54 -6.32 -29.55
CA SER D 43 -29.02 -7.37 -30.44
C SER D 43 -28.93 -6.98 -31.90
N ALA D 44 -28.96 -5.69 -32.21
CA ALA D 44 -28.89 -5.20 -33.57
C ALA D 44 -27.56 -4.50 -33.86
N GLY D 45 -27.22 -3.48 -33.08
CA GLY D 45 -25.96 -2.78 -33.30
C GLY D 45 -24.75 -3.69 -33.28
N ASN D 46 -24.80 -4.74 -32.46
CA ASN D 46 -23.73 -5.73 -32.46
C ASN D 46 -23.72 -6.50 -33.78
N GLU D 47 -24.90 -6.83 -34.31
CA GLU D 47 -24.97 -7.59 -35.55
C GLU D 47 -24.28 -6.86 -36.70
N LEU D 48 -24.31 -5.53 -36.69
CA LEU D 48 -23.58 -4.78 -37.70
C LEU D 48 -22.07 -4.91 -37.49
N LEU D 49 -21.63 -5.01 -36.24
CA LEU D 49 -20.20 -5.11 -35.96
C LEU D 49 -19.61 -6.39 -36.53
N THR D 50 -20.29 -7.52 -36.32
CA THR D 50 -19.82 -8.77 -36.90
C THR D 50 -19.76 -8.70 -38.41
N LEU D 51 -20.66 -7.94 -39.03
CA LEU D 51 -20.59 -7.70 -40.47
C LEU D 51 -19.31 -6.95 -40.82
N ILE D 52 -18.91 -5.98 -39.99
CA ILE D 52 -17.71 -5.20 -40.25
C ILE D 52 -16.48 -6.10 -40.22
N ASN D 53 -16.39 -6.98 -39.22
CA ASN D 53 -15.24 -7.87 -39.12
C ASN D 53 -15.16 -8.81 -40.32
N GLU D 54 -16.32 -9.22 -40.84
CA GLU D 54 -16.32 -10.13 -41.99
C GLU D 54 -15.82 -9.44 -43.25
N ILE D 55 -16.26 -8.19 -43.49
CA ILE D 55 -15.78 -7.47 -44.66
C ILE D 55 -14.41 -6.86 -44.48
N LEU D 56 -13.87 -6.87 -43.26
CA LEU D 56 -12.53 -6.36 -43.00
C LEU D 56 -11.45 -7.40 -43.26
N ASP D 57 -11.56 -8.57 -42.60
CA ASP D 57 -10.54 -9.60 -42.77
C ASP D 57 -10.45 -10.11 -44.20
N ILE D 58 -11.53 -9.99 -44.98
CA ILE D 58 -11.46 -10.43 -46.37
C ILE D 58 -10.84 -9.35 -47.25
N SER D 59 -11.15 -8.08 -46.97
CA SER D 59 -10.39 -7.00 -47.59
C SER D 59 -8.94 -7.04 -47.15
N LYS D 60 -8.69 -7.54 -45.93
CA LYS D 60 -7.33 -7.91 -45.55
C LYS D 60 -6.84 -9.08 -46.36
N LEU D 61 -7.65 -10.14 -46.47
CA LEU D 61 -7.19 -11.40 -47.02
C LEU D 61 -6.99 -11.30 -48.53
N GLU D 62 -7.91 -10.66 -49.24
CA GLU D 62 -7.77 -10.53 -50.69
C GLU D 62 -6.54 -9.72 -51.06
N SER D 63 -6.13 -8.79 -50.19
CA SER D 63 -4.88 -8.06 -50.41
C SER D 63 -3.66 -8.93 -50.20
N GLY D 64 -3.78 -10.01 -49.43
CA GLY D 64 -2.64 -10.79 -49.03
C GLY D 64 -2.01 -10.36 -47.74
N GLN D 65 -2.61 -9.40 -47.03
CA GLN D 65 -2.09 -8.98 -45.73
C GLN D 65 -2.00 -10.15 -44.78
N ILE D 66 -3.02 -11.01 -44.77
CA ILE D 66 -2.99 -12.26 -44.03
C ILE D 66 -3.48 -13.36 -44.95
N GLU D 67 -3.17 -14.60 -44.57
CA GLU D 67 -3.60 -15.77 -45.30
C GLU D 67 -4.29 -16.73 -44.35
N LEU D 68 -5.08 -17.65 -44.92
CA LEU D 68 -5.81 -18.63 -44.13
C LEU D 68 -4.83 -19.56 -43.44
N ASP D 69 -4.87 -19.60 -42.11
CA ASP D 69 -4.12 -20.60 -41.37
C ASP D 69 -4.57 -21.99 -41.78
N GLU D 70 -3.62 -22.88 -42.01
CA GLU D 70 -3.86 -24.20 -42.58
C GLU D 70 -3.56 -25.24 -41.51
N VAL D 71 -4.62 -25.75 -40.87
CA VAL D 71 -4.50 -26.77 -39.84
C VAL D 71 -5.42 -27.93 -40.16
N GLN D 72 -5.18 -29.07 -39.53
CA GLN D 72 -6.01 -30.25 -39.69
C GLN D 72 -7.09 -30.24 -38.62
N PHE D 73 -8.36 -30.20 -39.04
CA PHE D 73 -9.50 -30.07 -38.16
C PHE D 73 -10.46 -31.22 -38.38
N ASP D 74 -11.21 -31.56 -37.33
CA ASP D 74 -12.23 -32.60 -37.43
C ASP D 74 -13.37 -32.09 -38.30
N LEU D 75 -13.55 -32.67 -39.47
CA LEU D 75 -14.52 -32.15 -40.43
C LEU D 75 -15.95 -32.38 -39.95
N ASN D 76 -16.25 -33.56 -39.41
CA ASN D 76 -17.63 -33.87 -39.06
C ASN D 76 -18.10 -33.08 -37.85
N ALA D 77 -17.27 -33.01 -36.80
CA ALA D 77 -17.68 -32.30 -35.58
C ALA D 77 -17.89 -30.81 -35.86
N LEU D 78 -17.11 -30.23 -36.76
CA LEU D 78 -17.37 -28.86 -37.19
C LEU D 78 -18.74 -28.75 -37.83
N ILE D 79 -19.05 -29.66 -38.75
CA ILE D 79 -20.29 -29.55 -39.51
C ILE D 79 -21.49 -29.86 -38.64
N GLU D 80 -21.36 -30.81 -37.70
CA GLU D 80 -22.43 -31.06 -36.76
C GLU D 80 -22.72 -29.82 -35.92
N ASP D 81 -21.68 -29.05 -35.59
CA ASP D 81 -21.88 -27.79 -34.87
C ASP D 81 -22.72 -26.81 -35.68
N CYS D 82 -22.46 -26.74 -36.99
CA CYS D 82 -23.22 -25.82 -37.85
C CYS D 82 -24.71 -26.14 -37.83
N LEU D 83 -25.06 -27.43 -37.92
CA LEU D 83 -26.47 -27.81 -37.84
C LEU D 83 -27.05 -27.48 -36.48
N ASP D 84 -26.27 -27.64 -35.41
CA ASP D 84 -26.76 -27.42 -34.05
C ASP D 84 -27.30 -26.00 -33.89
N ILE D 85 -26.64 -25.02 -34.52
CA ILE D 85 -27.13 -23.64 -34.44
C ILE D 85 -28.51 -23.53 -35.05
N PHE D 86 -28.81 -24.33 -36.07
CA PHE D 86 -30.06 -24.23 -36.81
C PHE D 86 -31.04 -25.34 -36.46
N ARG D 87 -30.67 -26.27 -35.57
CA ARG D 87 -31.59 -27.31 -35.14
C ARG D 87 -32.82 -26.72 -34.46
N VAL D 88 -32.63 -25.70 -33.63
CA VAL D 88 -33.74 -25.06 -32.94
C VAL D 88 -34.70 -24.44 -33.95
N LYS D 89 -34.19 -23.94 -35.07
CA LYS D 89 -35.04 -23.47 -36.14
C LYS D 89 -35.69 -24.63 -36.89
N ALA D 90 -35.08 -25.81 -36.85
CA ALA D 90 -35.68 -27.00 -37.46
C ALA D 90 -36.78 -27.58 -36.59
N GLU D 91 -36.70 -27.39 -35.27
CA GLU D 91 -37.80 -27.77 -34.39
C GLU D 91 -39.07 -27.03 -34.76
N GLN D 92 -38.95 -25.80 -35.22
CA GLN D 92 -40.06 -25.09 -35.84
C GLN D 92 -40.62 -25.93 -36.98
N GLN D 93 -41.92 -26.25 -36.88
CA GLN D 93 -42.50 -27.38 -37.61
C GLN D 93 -42.33 -27.29 -39.12
N ARG D 94 -42.13 -26.09 -39.67
CA ARG D 94 -42.18 -25.90 -41.12
C ARG D 94 -41.18 -26.80 -41.83
N ILE D 95 -39.92 -26.76 -41.41
CA ILE D 95 -38.82 -27.29 -42.23
C ILE D 95 -38.08 -28.36 -41.46
N GLU D 96 -37.53 -29.30 -42.22
CA GLU D 96 -36.70 -30.39 -41.72
C GLU D 96 -35.26 -30.17 -42.19
N LEU D 97 -34.32 -30.26 -41.27
CA LEU D 97 -32.89 -30.17 -41.58
C LEU D 97 -32.32 -31.59 -41.57
N ILE D 98 -31.89 -32.07 -42.73
CA ILE D 98 -31.40 -33.43 -42.89
C ILE D 98 -29.93 -33.36 -43.27
N SER D 99 -29.09 -34.11 -42.55
CA SER D 99 -27.66 -34.12 -42.75
C SER D 99 -27.21 -35.36 -43.50
N PHE D 100 -26.16 -35.21 -44.31
CA PHE D 100 -25.54 -36.31 -45.02
C PHE D 100 -24.02 -36.22 -44.86
N THR D 101 -23.41 -37.33 -44.47
CA THR D 101 -21.96 -37.45 -44.37
C THR D 101 -21.55 -38.72 -45.10
N GLN D 102 -20.95 -38.56 -46.28
CA GLN D 102 -20.67 -39.69 -47.13
C GLN D 102 -19.64 -40.61 -46.47
N PRO D 103 -19.80 -41.94 -46.60
CA PRO D 103 -18.82 -42.85 -45.98
C PRO D 103 -17.38 -42.63 -46.43
N GLN D 104 -17.16 -42.01 -47.59
CA GLN D 104 -15.81 -41.81 -48.07
C GLN D 104 -15.14 -40.56 -47.52
N VAL D 105 -15.91 -39.59 -47.02
CA VAL D 105 -15.28 -38.35 -46.57
C VAL D 105 -14.43 -38.63 -45.33
N PRO D 106 -13.22 -38.09 -45.24
CA PRO D 106 -12.40 -38.30 -44.06
C PRO D 106 -12.98 -37.58 -42.85
N ARG D 107 -12.49 -37.96 -41.68
CA ARG D 107 -12.90 -37.27 -40.45
C ARG D 107 -12.16 -35.94 -40.30
N VAL D 108 -10.91 -35.89 -40.71
CA VAL D 108 -10.10 -34.68 -40.64
C VAL D 108 -9.51 -34.39 -42.01
N ILE D 109 -9.43 -33.11 -42.37
CA ILE D 109 -8.86 -32.67 -43.63
C ILE D 109 -7.98 -31.45 -43.37
N GLY D 110 -7.18 -31.09 -44.37
CA GLY D 110 -6.31 -29.94 -44.28
C GLY D 110 -6.90 -28.69 -44.91
N GLY D 111 -7.50 -27.85 -44.08
CA GLY D 111 -8.03 -26.57 -44.53
C GLY D 111 -8.07 -25.57 -43.39
N ASP D 112 -8.83 -24.48 -43.56
CA ASP D 112 -9.02 -23.56 -42.46
C ASP D 112 -10.43 -23.72 -41.90
N PRO D 113 -10.58 -24.06 -40.62
CA PRO D 113 -11.92 -24.36 -40.09
C PRO D 113 -12.77 -23.12 -39.84
N THR D 114 -12.14 -22.02 -39.40
CA THR D 114 -12.91 -20.86 -38.96
C THR D 114 -13.64 -20.20 -40.13
N ARG D 115 -12.94 -19.95 -41.24
CA ARG D 115 -13.61 -19.38 -42.39
C ARG D 115 -14.61 -20.35 -43.00
N LEU D 116 -14.32 -21.65 -42.93
CA LEU D 116 -15.27 -22.65 -43.42
C LEU D 116 -16.57 -22.61 -42.62
N ARG D 117 -16.47 -22.35 -41.32
CA ARG D 117 -17.67 -22.20 -40.50
C ARG D 117 -18.52 -21.03 -40.99
N GLN D 118 -17.87 -19.96 -41.47
CA GLN D 118 -18.59 -18.88 -42.13
C GLN D 118 -19.29 -19.39 -43.38
N VAL D 119 -18.53 -20.03 -44.28
CA VAL D 119 -19.07 -20.40 -45.59
C VAL D 119 -20.16 -21.45 -45.45
N VAL D 120 -19.98 -22.41 -44.54
CA VAL D 120 -21.01 -23.43 -44.34
C VAL D 120 -22.27 -22.79 -43.77
N LEU D 121 -22.12 -21.88 -42.80
CA LEU D 121 -23.29 -21.20 -42.24
C LEU D 121 -23.94 -20.29 -43.27
N SER D 122 -23.14 -19.59 -44.07
CA SER D 122 -23.70 -18.62 -45.02
C SER D 122 -24.66 -19.29 -45.98
N LEU D 123 -24.29 -20.45 -46.52
CA LEU D 123 -25.22 -21.21 -47.36
C LEU D 123 -26.34 -21.81 -46.52
N LEU D 124 -26.01 -22.31 -45.33
CA LEU D 124 -27.03 -22.83 -44.42
C LEU D 124 -28.03 -21.74 -44.07
N ASP D 125 -27.54 -20.55 -43.72
CA ASP D 125 -28.44 -19.45 -43.38
C ASP D 125 -29.26 -19.02 -44.59
N ASN D 126 -28.66 -19.05 -45.78
CA ASN D 126 -29.37 -18.65 -46.99
C ASN D 126 -30.55 -19.57 -47.26
N ALA D 127 -30.41 -20.86 -46.95
CA ALA D 127 -31.50 -21.80 -47.19
C ALA D 127 -32.74 -21.44 -46.38
N PHE D 128 -32.55 -21.04 -45.13
CA PHE D 128 -33.70 -20.77 -44.26
C PHE D 128 -34.47 -19.54 -44.73
N LYS D 129 -33.76 -18.51 -45.20
CA LYS D 129 -34.43 -17.28 -45.61
C LYS D 129 -35.30 -17.48 -46.84
N GLN D 130 -34.94 -18.42 -47.72
CA GLN D 130 -35.53 -18.50 -49.04
C GLN D 130 -36.49 -19.68 -49.21
N THR D 131 -36.71 -20.49 -48.19
CA THR D 131 -37.52 -21.69 -48.36
C THR D 131 -38.63 -21.75 -47.31
N GLU D 132 -39.66 -22.53 -47.64
CA GLU D 132 -40.75 -22.83 -46.73
C GLU D 132 -41.22 -24.28 -46.84
N GLU D 133 -40.85 -25.00 -47.90
CA GLU D 133 -41.06 -26.44 -47.94
C GLU D 133 -40.14 -27.12 -46.93
N GLY D 134 -40.54 -28.33 -46.52
CA GLY D 134 -39.95 -28.93 -45.33
C GLY D 134 -38.48 -29.27 -45.43
N GLU D 135 -38.00 -29.64 -46.62
CA GLU D 135 -36.71 -30.29 -46.74
C GLU D 135 -35.61 -29.27 -47.03
N ILE D 136 -34.62 -29.19 -46.14
CA ILE D 136 -33.38 -28.46 -46.34
C ILE D 136 -32.24 -29.45 -46.18
N LEU D 137 -31.44 -29.61 -47.23
CA LEU D 137 -30.52 -30.73 -47.35
C LEU D 137 -29.10 -30.21 -47.55
N LEU D 138 -28.16 -30.73 -46.76
CA LEU D 138 -26.74 -30.43 -46.95
C LEU D 138 -25.97 -31.74 -47.02
N VAL D 139 -25.21 -31.93 -48.10
CA VAL D 139 -24.40 -33.11 -48.30
C VAL D 139 -22.95 -32.78 -47.96
N VAL D 140 -22.21 -33.83 -47.63
CA VAL D 140 -20.76 -33.76 -47.41
C VAL D 140 -20.21 -34.95 -48.17
N ALA D 141 -19.66 -34.72 -49.36
CA ALA D 141 -19.37 -35.80 -50.29
C ALA D 141 -18.08 -35.55 -51.04
N LEU D 142 -17.52 -36.62 -51.58
CA LEU D 142 -16.43 -36.51 -52.53
C LEU D 142 -16.99 -36.21 -53.92
N ASP D 143 -16.19 -35.51 -54.72
CA ASP D 143 -16.53 -35.21 -56.11
C ASP D 143 -15.32 -35.55 -56.96
N ASP D 144 -15.41 -36.67 -57.68
CA ASP D 144 -14.28 -37.20 -58.45
C ASP D 144 -14.46 -36.78 -59.91
N GLN D 145 -13.68 -35.78 -60.34
CA GLN D 145 -13.66 -35.39 -61.74
C GLN D 145 -12.26 -35.05 -62.23
N GLY D 146 -11.23 -35.19 -61.40
CA GLY D 146 -9.88 -34.93 -61.83
C GLY D 146 -8.87 -35.90 -61.24
N GLU D 147 -7.58 -35.61 -61.45
CA GLU D 147 -6.53 -36.38 -60.78
C GLU D 147 -6.72 -36.37 -59.28
N THR D 148 -7.12 -35.23 -58.73
CA THR D 148 -7.49 -35.05 -57.34
C THR D 148 -8.91 -35.55 -57.10
N PRO D 149 -9.16 -36.22 -55.98
CA PRO D 149 -10.54 -36.46 -55.56
C PRO D 149 -11.04 -35.33 -54.66
N ARG D 150 -11.64 -34.30 -55.26
CA ARG D 150 -12.01 -33.10 -54.52
C ARG D 150 -13.13 -33.41 -53.52
N LEU D 151 -13.09 -32.68 -52.40
CA LEU D 151 -14.21 -32.69 -51.46
C LEU D 151 -15.31 -31.76 -51.98
N ARG D 152 -16.55 -32.08 -51.62
CA ARG D 152 -17.70 -31.30 -52.07
C ARG D 152 -18.72 -31.19 -50.96
N ILE D 153 -19.22 -29.97 -50.73
CA ILE D 153 -20.30 -29.72 -49.79
C ILE D 153 -21.35 -28.88 -50.50
N ALA D 154 -22.62 -29.20 -50.27
CA ALA D 154 -23.71 -28.49 -50.91
C ALA D 154 -24.83 -28.26 -49.90
N VAL D 155 -25.69 -27.28 -50.20
CA VAL D 155 -26.87 -26.97 -49.40
C VAL D 155 -28.06 -26.84 -50.35
N GLN D 156 -29.17 -27.49 -50.01
CA GLN D 156 -30.33 -27.58 -50.89
C GLN D 156 -31.58 -27.07 -50.18
N ASP D 157 -32.30 -26.17 -50.82
CA ASP D 157 -33.61 -25.73 -50.39
C ASP D 157 -34.50 -25.61 -51.62
N SER D 158 -35.72 -25.08 -51.43
CA SER D 158 -36.71 -25.03 -52.50
C SER D 158 -37.41 -23.67 -52.50
N GLY D 159 -36.69 -22.64 -52.93
CA GLY D 159 -37.23 -21.31 -53.08
C GLY D 159 -37.27 -20.86 -54.53
N HIS D 160 -37.66 -19.60 -54.71
CA HIS D 160 -37.61 -18.96 -56.02
C HIS D 160 -36.21 -19.14 -56.59
N PRO D 161 -36.07 -19.91 -57.68
CA PRO D 161 -34.73 -20.23 -58.16
C PRO D 161 -33.96 -19.00 -58.59
N PHE D 162 -32.65 -19.05 -58.42
CA PHE D 162 -31.80 -17.94 -58.81
C PHE D 162 -31.95 -17.66 -60.29
N ASP D 163 -32.70 -16.61 -60.62
CA ASP D 163 -32.76 -16.13 -62.00
C ASP D 163 -31.36 -15.91 -62.54
N ALA D 164 -31.05 -16.57 -63.66
CA ALA D 164 -29.68 -16.65 -64.16
C ALA D 164 -29.00 -15.30 -64.26
N LYS D 165 -29.77 -14.22 -64.37
CA LYS D 165 -29.18 -12.88 -64.34
C LYS D 165 -28.48 -12.62 -63.01
N GLU D 166 -29.07 -13.07 -61.91
CA GLU D 166 -28.44 -12.93 -60.60
C GLU D 166 -27.62 -14.15 -60.20
N ARG D 167 -27.80 -15.28 -60.86
CA ARG D 167 -26.89 -16.40 -60.68
C ARG D 167 -25.46 -16.00 -61.04
N GLU D 168 -25.30 -15.12 -62.04
CA GLU D 168 -23.98 -14.68 -62.45
C GLU D 168 -23.29 -13.85 -61.38
N ALA D 169 -24.06 -13.16 -60.53
CA ALA D 169 -23.47 -12.27 -59.54
C ALA D 169 -22.55 -13.04 -58.58
N LEU D 170 -22.97 -14.23 -58.17
CA LEU D 170 -22.15 -15.00 -57.22
C LEU D 170 -20.96 -15.64 -57.92
N LEU D 171 -21.15 -16.17 -59.13
CA LEU D 171 -20.05 -16.81 -59.84
C LEU D 171 -18.91 -15.84 -60.12
N THR D 172 -19.24 -14.58 -60.39
CA THR D 172 -18.25 -13.54 -60.65
C THR D 172 -18.31 -12.55 -59.49
N ALA D 173 -17.53 -12.84 -58.44
CA ALA D 173 -17.53 -12.05 -57.20
C ALA D 173 -16.10 -11.86 -56.71
N GLU D 174 -15.40 -10.88 -57.30
CA GLU D 174 -14.14 -10.36 -56.76
C GLU D 174 -14.42 -8.91 -56.40
N LEU D 175 -14.83 -8.69 -55.15
CA LEU D 175 -15.28 -7.38 -54.70
C LEU D 175 -14.08 -6.63 -54.11
N HIS D 176 -13.55 -5.69 -54.89
CA HIS D 176 -12.51 -4.82 -54.35
C HIS D 176 -13.06 -4.02 -53.18
N SER D 177 -12.22 -3.80 -52.18
CA SER D 177 -12.62 -3.04 -51.01
C SER D 177 -13.22 -1.70 -51.45
N GLY D 178 -14.25 -1.27 -50.75
CA GLY D 178 -15.03 -0.13 -51.19
C GLY D 178 -16.33 -0.58 -51.83
N ASP D 179 -16.26 -1.59 -52.68
CA ASP D 179 -17.47 -2.19 -53.24
C ASP D 179 -18.32 -2.87 -52.18
N PHE D 180 -17.72 -3.25 -51.04
CA PHE D 180 -18.46 -3.94 -49.99
C PHE D 180 -19.52 -3.04 -49.37
N LEU D 181 -19.33 -1.73 -49.43
CA LEU D 181 -20.26 -0.81 -48.79
C LEU D 181 -21.41 -0.40 -49.70
N SER D 182 -21.17 -0.33 -51.01
CA SER D 182 -22.17 0.17 -51.94
C SER D 182 -23.36 -0.78 -52.03
N ALA D 183 -24.56 -0.24 -51.89
CA ALA D 183 -25.77 -1.03 -52.10
C ALA D 183 -25.89 -1.44 -53.56
N SER D 184 -26.34 -2.66 -53.79
CA SER D 184 -26.47 -3.16 -55.16
C SER D 184 -27.59 -4.19 -55.19
N LYS D 185 -28.75 -3.78 -55.72
CA LYS D 185 -29.75 -4.75 -56.12
C LYS D 185 -29.17 -5.63 -57.23
N LEU D 186 -29.85 -6.76 -57.49
CA LEU D 186 -29.33 -7.81 -58.35
C LEU D 186 -28.04 -8.37 -57.75
N GLY D 187 -27.98 -8.39 -56.43
CA GLY D 187 -26.87 -8.97 -55.72
C GLY D 187 -27.34 -9.64 -54.44
N SER D 188 -26.98 -10.91 -54.27
CA SER D 188 -27.37 -11.62 -53.06
C SER D 188 -26.78 -10.93 -51.83
N HIS D 189 -27.36 -11.23 -50.67
CA HIS D 189 -27.00 -10.53 -49.45
C HIS D 189 -25.52 -10.69 -49.15
N LEU D 190 -24.98 -9.72 -48.41
CA LEU D 190 -23.53 -9.55 -48.33
C LEU D 190 -22.86 -10.76 -47.69
N GLY D 191 -23.51 -11.37 -46.69
CA GLY D 191 -22.92 -12.52 -46.04
C GLY D 191 -22.71 -13.70 -46.97
N LEU D 192 -23.48 -13.75 -48.07
CA LEU D 192 -23.33 -14.84 -49.03
C LEU D 192 -22.21 -14.55 -50.03
N ILE D 193 -22.02 -13.29 -50.41
CA ILE D 193 -21.02 -12.96 -51.41
C ILE D 193 -19.61 -13.10 -50.83
N ILE D 194 -19.42 -12.72 -49.57
CA ILE D 194 -18.14 -12.95 -48.91
C ILE D 194 -17.82 -14.43 -48.86
N ALA D 195 -18.82 -15.26 -48.56
CA ALA D 195 -18.62 -16.70 -48.56
C ALA D 195 -18.12 -17.18 -49.90
N ARG D 196 -18.62 -16.61 -50.99
CA ARG D 196 -18.12 -16.96 -52.31
C ARG D 196 -16.67 -16.51 -52.48
N GLN D 197 -16.38 -15.25 -52.16
CA GLN D 197 -15.00 -14.76 -52.28
C GLN D 197 -14.04 -15.58 -51.43
N LEU D 198 -14.52 -16.15 -50.32
CA LEU D 198 -13.69 -17.01 -49.51
C LEU D 198 -13.38 -18.32 -50.22
N VAL D 199 -14.38 -18.90 -50.89
CA VAL D 199 -14.19 -20.19 -51.56
C VAL D 199 -13.13 -20.07 -52.66
N ARG D 200 -13.14 -18.96 -53.39
CA ARG D 200 -12.11 -18.74 -54.40
C ARG D 200 -10.73 -18.63 -53.77
N LEU D 201 -10.65 -17.97 -52.61
CA LEU D 201 -9.38 -17.86 -51.90
C LEU D 201 -8.90 -19.22 -51.41
N MET D 202 -9.83 -20.03 -50.88
CA MET D 202 -9.50 -21.39 -50.46
C MET D 202 -9.10 -22.29 -51.62
N GLY D 203 -9.24 -21.82 -52.85
CA GLY D 203 -9.13 -22.69 -54.00
C GLY D 203 -10.39 -23.52 -54.18
N GLY D 204 -10.63 -23.93 -55.43
CA GLY D 204 -11.79 -24.72 -55.74
C GLY D 204 -12.86 -23.91 -56.46
N GLU D 205 -14.05 -24.50 -56.53
CA GLU D 205 -15.12 -23.98 -57.36
C GLU D 205 -16.37 -23.72 -56.54
N PHE D 206 -17.25 -22.91 -57.13
CA PHE D 206 -18.56 -22.59 -56.57
C PHE D 206 -19.59 -22.72 -57.69
N GLY D 207 -20.67 -23.45 -57.43
CA GLY D 207 -21.66 -23.70 -58.47
C GLY D 207 -23.10 -23.60 -58.02
N ILE D 208 -23.97 -23.13 -58.92
CA ILE D 208 -25.39 -22.98 -58.66
C ILE D 208 -26.16 -23.65 -59.79
N GLN D 209 -27.19 -24.41 -59.43
CA GLN D 209 -28.01 -25.14 -60.39
C GLN D 209 -29.40 -24.53 -60.47
N SER D 210 -30.07 -24.81 -61.59
CA SER D 210 -31.38 -24.24 -61.89
C SER D 210 -32.45 -25.32 -61.71
N GLY D 211 -33.36 -25.09 -60.77
CA GLY D 211 -34.43 -26.03 -60.50
C GLY D 211 -35.40 -26.20 -61.67
N GLN D 214 -37.95 -26.10 -59.79
CA GLN D 214 -37.70 -25.17 -58.69
C GLN D 214 -36.73 -25.76 -57.68
N GLY D 215 -35.68 -25.01 -57.35
CA GLY D 215 -34.70 -25.48 -56.39
C GLY D 215 -33.44 -24.65 -56.39
N THR D 216 -32.67 -24.74 -55.30
CA THR D 216 -31.42 -24.01 -55.15
C THR D 216 -30.43 -24.90 -54.40
N THR D 217 -29.39 -25.35 -55.09
CA THR D 217 -28.30 -26.12 -54.47
C THR D 217 -27.01 -25.32 -54.63
N LEU D 218 -26.48 -24.84 -53.50
CA LEU D 218 -25.24 -24.08 -53.49
C LEU D 218 -24.09 -25.03 -53.20
N SER D 219 -23.20 -25.20 -54.16
CA SER D 219 -22.12 -26.18 -54.08
C SER D 219 -20.78 -25.47 -53.94
N LEU D 220 -20.00 -25.89 -52.95
CA LEU D 220 -18.60 -25.50 -52.83
C LEU D 220 -17.76 -26.77 -52.80
N THR D 221 -16.76 -26.82 -53.67
CA THR D 221 -15.87 -27.98 -53.78
C THR D 221 -14.44 -27.50 -53.55
N LEU D 222 -13.84 -27.95 -52.45
CA LEU D 222 -12.51 -27.53 -52.06
C LEU D 222 -11.50 -28.62 -52.34
N PRO D 223 -10.28 -28.26 -52.74
CA PRO D 223 -9.29 -29.27 -53.10
C PRO D 223 -8.74 -30.00 -51.87
N LEU D 224 -8.42 -31.27 -52.07
CA LEU D 224 -7.88 -32.12 -51.02
C LEU D 224 -6.58 -32.77 -51.48
N ASP D 225 -5.60 -32.82 -50.60
CA ASP D 225 -4.33 -33.43 -50.96
C ASP D 225 -4.35 -34.91 -50.58
N PRO D 226 -4.05 -35.82 -51.51
CA PRO D 226 -3.96 -37.23 -51.14
C PRO D 226 -2.99 -37.46 -49.99
N GLN D 227 -3.39 -38.31 -49.05
CA GLN D 227 -2.63 -38.55 -47.83
C GLN D 227 -1.27 -39.17 -48.13
N ALA E 1 22.37 8.33 -31.51
CA ALA E 1 21.50 7.48 -30.70
C ALA E 1 21.38 8.02 -29.28
N GLU E 2 20.65 9.12 -29.14
CA GLU E 2 20.41 9.75 -27.84
C GLU E 2 19.12 9.16 -27.26
N PHE E 3 19.26 8.16 -26.40
CA PHE E 3 18.09 7.47 -25.86
C PHE E 3 18.37 7.05 -24.43
N LEU E 4 17.42 6.30 -23.85
CA LEU E 4 17.44 5.93 -22.45
C LEU E 4 17.50 4.42 -22.24
N ALA E 5 16.62 3.67 -22.89
CA ALA E 5 16.49 2.24 -22.66
C ALA E 5 17.08 1.45 -23.82
N LYS E 6 17.41 0.20 -23.54
CA LYS E 6 17.92 -0.72 -24.55
C LYS E 6 16.78 -1.57 -25.08
N ILE E 7 16.51 -1.46 -26.38
CA ILE E 7 15.57 -2.36 -27.01
C ILE E 7 16.10 -3.78 -26.89
N SER E 8 15.18 -4.75 -26.88
CA SER E 8 15.54 -6.13 -26.62
C SER E 8 16.62 -6.62 -27.60
N HIS E 9 17.39 -7.60 -27.15
CA HIS E 9 18.30 -8.31 -28.05
C HIS E 9 17.54 -8.91 -29.22
N GLU E 10 16.26 -9.21 -29.03
CA GLU E 10 15.46 -9.84 -30.09
C GLU E 10 15.07 -8.88 -31.20
N ILE E 11 15.08 -7.57 -30.94
CA ILE E 11 14.71 -6.59 -31.95
C ILE E 11 15.89 -5.75 -32.41
N ARG E 12 16.84 -5.45 -31.54
CA ARG E 12 17.97 -4.61 -31.92
C ARG E 12 18.87 -5.31 -32.94
N THR E 13 19.14 -6.60 -32.74
CA THR E 13 20.11 -7.29 -33.60
C THR E 13 19.54 -7.68 -34.97
N PRO E 14 18.24 -8.02 -35.14
CA PRO E 14 17.74 -8.24 -36.50
C PRO E 14 17.74 -6.98 -37.35
N MET E 15 17.22 -5.89 -36.78
CA MET E 15 17.17 -4.64 -37.54
C MET E 15 18.55 -4.10 -37.84
N ASN E 16 19.50 -4.28 -36.91
CA ASN E 16 20.86 -3.83 -37.15
C ASN E 16 21.52 -4.60 -38.29
N GLY E 17 21.01 -5.79 -38.63
CA GLY E 17 21.47 -6.49 -39.80
C GLY E 17 20.77 -5.98 -41.05
N VAL E 18 19.48 -5.65 -40.92
CA VAL E 18 18.74 -5.07 -42.03
C VAL E 18 19.36 -3.74 -42.43
N LEU E 19 19.65 -2.88 -41.44
CA LEU E 19 20.34 -1.62 -41.73
C LEU E 19 21.76 -1.86 -42.22
N GLY E 20 22.36 -2.99 -41.85
CA GLY E 20 23.71 -3.28 -42.29
C GLY E 20 23.82 -3.39 -43.80
N MET E 21 22.84 -4.04 -44.43
CA MET E 21 22.84 -4.12 -45.90
C MET E 21 22.63 -2.76 -46.52
N THR E 22 21.69 -1.97 -46.00
CA THR E 22 21.37 -0.67 -46.59
C THR E 22 22.62 0.19 -46.75
N GLU E 23 23.47 0.25 -45.71
CA GLU E 23 24.74 0.94 -45.84
C GLU E 23 25.69 0.20 -46.77
N LEU E 24 25.55 -1.13 -46.85
CA LEU E 24 26.45 -1.94 -47.66
C LEU E 24 25.98 -2.05 -49.11
N LEU E 25 24.67 -1.98 -49.35
CA LEU E 25 24.16 -2.05 -50.72
C LEU E 25 24.40 -0.76 -51.49
N LEU E 26 24.41 0.39 -50.81
CA LEU E 26 24.77 1.62 -51.51
C LEU E 26 26.23 1.62 -51.95
N GLY E 27 27.08 0.79 -51.33
CA GLY E 27 28.42 0.61 -51.84
C GLY E 27 28.46 -0.17 -53.14
N THR E 28 27.45 -1.01 -53.38
CA THR E 28 27.35 -1.75 -54.61
C THR E 28 26.82 -0.86 -55.73
N PRO E 29 27.12 -1.19 -56.99
CA PRO E 29 26.57 -0.42 -58.12
C PRO E 29 25.17 -0.88 -58.47
N LEU E 30 24.18 -0.08 -58.12
CA LEU E 30 22.78 -0.38 -58.45
C LEU E 30 22.16 0.83 -59.13
N SER E 31 21.20 0.55 -60.01
CA SER E 31 20.57 1.60 -60.81
C SER E 31 19.73 2.52 -59.93
N ALA E 32 19.40 3.68 -60.49
CA ALA E 32 18.68 4.70 -59.72
C ALA E 32 17.32 4.21 -59.25
N LYS E 33 16.67 3.36 -60.05
CA LYS E 33 15.41 2.76 -59.61
C LYS E 33 15.62 1.85 -58.40
N GLN E 34 16.78 1.21 -58.31
CA GLN E 34 17.07 0.34 -57.18
C GLN E 34 17.33 1.13 -55.90
N ARG E 35 17.97 2.30 -56.03
CA ARG E 35 18.38 3.05 -54.85
C ARG E 35 17.19 3.45 -54.00
N ASP E 36 16.09 3.87 -54.64
CA ASP E 36 14.90 4.28 -53.90
C ASP E 36 14.39 3.12 -53.04
N TYR E 37 14.44 1.90 -53.56
CA TYR E 37 14.06 0.73 -52.76
C TYR E 37 14.94 0.59 -51.54
N VAL E 38 16.26 0.77 -51.71
CA VAL E 38 17.19 0.60 -50.60
C VAL E 38 17.19 1.81 -49.69
N GLN E 39 17.11 3.02 -50.27
CA GLN E 39 17.00 4.22 -49.44
C GLN E 39 15.78 4.18 -48.55
N THR E 40 14.67 3.63 -49.07
CA THR E 40 13.45 3.53 -48.26
C THR E 40 13.65 2.59 -47.09
N ILE E 41 14.27 1.43 -47.32
CA ILE E 41 14.50 0.48 -46.24
C ILE E 41 15.36 1.09 -45.15
N HIS E 42 16.42 1.81 -45.52
CA HIS E 42 17.26 2.46 -44.52
C HIS E 42 16.47 3.52 -43.76
N SER E 43 15.69 4.34 -44.48
CA SER E 43 14.94 5.40 -43.85
C SER E 43 13.66 4.91 -43.18
N ALA E 44 13.25 3.67 -43.42
CA ALA E 44 12.09 3.09 -42.74
C ALA E 44 12.48 2.23 -41.55
N GLY E 45 13.56 1.45 -41.67
CA GLY E 45 14.03 0.68 -40.53
C GLY E 45 14.44 1.57 -39.37
N ASN E 46 15.12 2.68 -39.67
CA ASN E 46 15.43 3.65 -38.63
C ASN E 46 14.16 4.30 -38.10
N GLU E 47 13.18 4.53 -38.98
CA GLU E 47 11.93 5.16 -38.55
C GLU E 47 11.20 4.29 -37.53
N LEU E 48 11.28 2.97 -37.68
CA LEU E 48 10.62 2.07 -36.75
C LEU E 48 11.41 1.93 -35.46
N LEU E 49 12.75 1.90 -35.55
CA LEU E 49 13.57 1.62 -34.39
C LEU E 49 13.41 2.70 -33.31
N THR E 50 13.34 3.97 -33.72
CA THR E 50 13.11 5.03 -32.75
C THR E 50 11.71 4.94 -32.17
N LEU E 51 10.73 4.57 -32.99
CA LEU E 51 9.35 4.45 -32.51
C LEU E 51 9.26 3.42 -31.38
N ILE E 52 9.86 2.25 -31.59
CA ILE E 52 9.93 1.26 -30.51
C ILE E 52 10.65 1.83 -29.31
N ASN E 53 11.79 2.49 -29.55
CA ASN E 53 12.56 3.06 -28.45
C ASN E 53 11.81 4.19 -27.78
N GLU E 54 11.27 5.13 -28.56
CA GLU E 54 10.51 6.24 -28.00
C GLU E 54 9.35 5.74 -27.14
N ILE E 55 8.65 4.71 -27.61
CA ILE E 55 7.56 4.13 -26.82
C ILE E 55 8.11 3.53 -25.54
N LEU E 56 9.24 2.82 -25.63
CA LEU E 56 9.85 2.24 -24.45
C LEU E 56 10.28 3.32 -23.45
N ASP E 57 10.62 4.51 -23.96
CA ASP E 57 11.11 5.58 -23.10
C ASP E 57 10.04 6.01 -22.09
N ILE E 58 8.87 6.44 -22.58
CA ILE E 58 7.85 6.97 -21.69
C ILE E 58 7.45 5.95 -20.63
N SER E 59 7.30 4.69 -21.03
CA SER E 59 6.93 3.65 -20.08
C SER E 59 7.90 3.57 -18.92
N LYS E 60 9.17 3.88 -19.17
CA LYS E 60 10.15 3.95 -18.08
C LYS E 60 9.99 5.23 -17.27
N LEU E 61 9.68 6.35 -17.94
CA LEU E 61 9.50 7.61 -17.23
C LEU E 61 8.37 7.52 -16.20
N GLU E 62 7.27 6.87 -16.57
CA GLU E 62 6.11 6.82 -15.69
C GLU E 62 6.27 5.77 -14.60
N SER E 63 6.92 4.66 -14.92
CA SER E 63 7.17 3.61 -13.92
C SER E 63 8.08 4.07 -12.81
N GLY E 64 8.74 5.21 -12.95
CA GLY E 64 9.75 5.61 -11.99
C GLY E 64 11.05 4.86 -12.11
N GLN E 65 11.20 4.02 -13.13
CA GLN E 65 12.41 3.24 -13.37
C GLN E 65 13.60 4.09 -13.76
N ILE E 66 13.43 5.41 -13.85
CA ILE E 66 14.47 6.32 -14.31
C ILE E 66 14.86 7.20 -13.14
N GLU E 67 16.08 7.06 -12.66
CA GLU E 67 16.63 7.93 -11.64
C GLU E 67 17.76 8.75 -12.23
N LEU E 68 17.77 10.05 -11.90
CA LEU E 68 18.65 11.00 -12.55
C LEU E 68 20.03 11.02 -11.88
N ASP E 69 21.03 11.42 -12.64
CA ASP E 69 22.38 11.56 -12.14
C ASP E 69 22.61 13.00 -11.66
N GLU E 70 23.50 13.15 -10.68
CA GLU E 70 23.87 14.46 -10.17
C GLU E 70 25.40 14.58 -10.23
N VAL E 71 25.91 14.98 -11.40
CA VAL E 71 27.31 15.32 -11.59
C VAL E 71 27.35 16.71 -12.22
N GLN E 72 28.50 17.36 -12.08
CA GLN E 72 28.67 18.71 -12.58
C GLN E 72 29.30 18.70 -13.96
N PHE E 73 28.97 19.71 -14.76
CA PHE E 73 29.35 19.74 -16.17
C PHE E 73 29.40 21.18 -16.64
N ASP E 74 30.06 21.37 -17.78
CA ASP E 74 30.15 22.70 -18.40
C ASP E 74 28.85 22.94 -19.18
N LEU E 75 28.05 23.89 -18.71
CA LEU E 75 26.78 24.18 -19.38
C LEU E 75 27.01 24.67 -20.80
N ASN E 76 28.04 25.48 -21.02
CA ASN E 76 28.28 26.05 -22.34
C ASN E 76 28.68 24.97 -23.34
N ALA E 77 29.61 24.10 -22.97
CA ALA E 77 30.07 23.05 -23.88
C ALA E 77 28.91 22.17 -24.34
N LEU E 78 28.02 21.81 -23.42
CA LEU E 78 26.86 21.01 -23.78
C LEU E 78 25.98 21.74 -24.80
N ILE E 79 25.68 23.01 -24.53
CA ILE E 79 24.86 23.78 -25.45
C ILE E 79 25.61 24.04 -26.75
N GLU E 80 26.90 24.35 -26.66
CA GLU E 80 27.71 24.54 -27.86
C GLU E 80 27.85 23.24 -28.65
N ASP E 81 27.64 22.09 -28.02
CA ASP E 81 27.80 20.81 -28.72
C ASP E 81 26.56 20.43 -29.50
N CYS E 82 25.37 20.72 -28.96
CA CYS E 82 24.13 20.30 -29.61
C CYS E 82 23.98 20.94 -30.98
N LEU E 83 24.30 22.23 -31.09
CA LEU E 83 24.20 22.91 -32.38
C LEU E 83 25.22 22.37 -33.38
N ASP E 84 26.41 21.99 -32.91
CA ASP E 84 27.40 21.40 -33.81
C ASP E 84 26.86 20.13 -34.45
N ILE E 85 26.07 19.36 -33.71
CA ILE E 85 25.42 18.19 -34.29
C ILE E 85 24.39 18.62 -35.34
N PHE E 86 23.62 19.66 -35.03
CA PHE E 86 22.53 20.09 -35.91
C PHE E 86 22.95 21.13 -36.93
N ARG E 87 24.21 21.57 -36.92
CA ARG E 87 24.65 22.53 -37.92
C ARG E 87 24.67 21.91 -39.31
N VAL E 88 25.04 20.63 -39.41
CA VAL E 88 25.14 19.98 -40.71
C VAL E 88 23.78 19.90 -41.39
N LYS E 89 22.71 19.74 -40.60
CA LYS E 89 21.37 19.79 -41.18
C LYS E 89 21.05 21.19 -41.69
N ALA E 90 21.56 22.22 -41.01
CA ALA E 90 21.18 23.59 -41.35
C ALA E 90 21.82 24.05 -42.65
N GLU E 91 23.10 23.74 -42.85
CA GLU E 91 23.83 24.33 -43.97
C GLU E 91 23.29 23.86 -45.32
N GLN E 92 22.80 22.62 -45.41
CA GLN E 92 22.18 22.16 -46.64
C GLN E 92 20.73 22.61 -46.77
N GLN E 93 20.00 22.71 -45.66
CA GLN E 93 18.58 23.04 -45.68
C GLN E 93 18.30 24.53 -45.80
N ARG E 94 19.33 25.37 -45.93
CA ARG E 94 19.16 26.82 -46.02
C ARG E 94 18.33 27.36 -44.86
N ILE E 95 18.73 26.99 -43.65
CA ILE E 95 18.14 27.50 -42.41
C ILE E 95 19.28 28.00 -41.53
N GLU E 96 19.03 29.09 -40.80
CA GLU E 96 20.04 29.70 -39.95
C GLU E 96 19.76 29.36 -38.50
N LEU E 97 20.68 28.61 -37.89
CA LEU E 97 20.57 28.20 -36.49
C LEU E 97 21.50 29.08 -35.67
N ILE E 98 20.92 29.98 -34.87
CA ILE E 98 21.68 30.89 -34.04
C ILE E 98 21.34 30.63 -32.57
N SER E 99 22.20 31.15 -31.69
CA SER E 99 22.03 30.92 -30.26
C SER E 99 22.50 32.14 -29.50
N PHE E 100 22.09 32.23 -28.24
CA PHE E 100 22.50 33.32 -27.37
C PHE E 100 22.54 32.82 -25.94
N THR E 101 23.64 33.14 -25.24
CA THR E 101 23.83 32.78 -23.84
C THR E 101 24.03 34.07 -23.05
N GLN E 102 23.21 34.27 -22.03
CA GLN E 102 23.38 35.44 -21.17
C GLN E 102 24.75 35.38 -20.50
N PRO E 103 25.45 36.51 -20.40
CA PRO E 103 26.76 36.50 -19.72
C PRO E 103 26.68 36.11 -18.26
N GLN E 104 25.53 36.26 -17.61
CA GLN E 104 25.41 36.01 -16.19
C GLN E 104 25.01 34.57 -15.87
N VAL E 105 24.74 33.74 -16.88
CA VAL E 105 24.46 32.32 -16.59
C VAL E 105 25.76 31.64 -16.19
N PRO E 106 25.77 30.78 -15.17
CA PRO E 106 27.02 30.14 -14.75
C PRO E 106 27.52 29.15 -15.79
N ARG E 107 28.82 28.85 -15.70
CA ARG E 107 29.43 27.91 -16.62
C ARG E 107 29.17 26.47 -16.21
N VAL E 108 29.17 26.19 -14.90
CA VAL E 108 29.00 24.83 -14.39
C VAL E 108 27.81 24.81 -13.45
N ILE E 109 26.89 23.87 -13.68
CA ILE E 109 25.74 23.64 -12.82
C ILE E 109 25.67 22.16 -12.49
N GLY E 110 24.81 21.84 -11.52
CA GLY E 110 24.59 20.47 -11.10
C GLY E 110 23.39 19.86 -11.80
N GLY E 111 23.55 18.63 -12.27
CA GLY E 111 22.46 17.95 -12.96
C GLY E 111 22.93 16.67 -13.62
N ASP E 112 22.26 16.33 -14.71
CA ASP E 112 22.59 15.13 -15.49
C ASP E 112 22.72 15.52 -16.95
N PRO E 113 23.94 15.63 -17.46
CA PRO E 113 24.10 16.05 -18.86
C PRO E 113 23.50 15.08 -19.87
N THR E 114 23.66 13.77 -19.64
CA THR E 114 23.17 12.79 -20.59
C THR E 114 21.66 12.86 -20.79
N ARG E 115 20.93 13.40 -19.82
CA ARG E 115 19.50 13.64 -20.01
C ARG E 115 19.22 15.06 -20.49
N LEU E 116 19.96 16.05 -19.97
CA LEU E 116 19.78 17.42 -20.42
C LEU E 116 20.17 17.58 -21.88
N ARG E 117 21.21 16.87 -22.32
CA ARG E 117 21.54 16.85 -23.74
C ARG E 117 20.38 16.28 -24.55
N GLN E 118 19.65 15.32 -23.99
CA GLN E 118 18.49 14.75 -24.67
C GLN E 118 17.36 15.77 -24.79
N VAL E 119 17.07 16.49 -23.69
CA VAL E 119 15.97 17.44 -23.71
C VAL E 119 16.29 18.59 -24.67
N VAL E 120 17.51 19.12 -24.61
CA VAL E 120 17.91 20.17 -25.53
C VAL E 120 17.86 19.66 -26.97
N LEU E 121 18.20 18.38 -27.17
CA LEU E 121 18.17 17.81 -28.51
C LEU E 121 16.73 17.60 -28.98
N SER E 122 15.84 17.22 -28.06
CA SER E 122 14.46 16.90 -28.44
C SER E 122 13.76 18.11 -29.04
N LEU E 123 13.89 19.28 -28.41
CA LEU E 123 13.27 20.48 -28.95
C LEU E 123 13.90 20.89 -30.27
N LEU E 124 15.23 20.82 -30.37
CA LEU E 124 15.90 21.18 -31.60
C LEU E 124 15.47 20.29 -32.76
N ASP E 125 15.29 18.99 -32.48
CA ASP E 125 14.80 18.08 -33.51
C ASP E 125 13.43 18.52 -33.99
N ASN E 126 12.55 18.90 -33.06
CA ASN E 126 11.22 19.38 -33.43
C ASN E 126 11.33 20.61 -34.32
N ALA E 127 12.19 21.56 -33.95
CA ALA E 127 12.29 22.81 -34.69
C ALA E 127 12.62 22.57 -36.15
N PHE E 128 13.65 21.78 -36.44
CA PHE E 128 13.95 21.43 -37.82
C PHE E 128 12.85 20.56 -38.43
N LYS E 129 12.17 19.76 -37.62
CA LYS E 129 11.10 18.91 -38.14
C LYS E 129 9.90 19.73 -38.58
N GLN E 130 9.62 20.84 -37.91
CA GLN E 130 8.41 21.62 -38.19
C GLN E 130 8.62 22.69 -39.25
N THR E 131 9.80 23.31 -39.30
CA THR E 131 10.10 24.33 -40.30
C THR E 131 11.38 23.97 -41.03
N GLU E 132 11.44 24.35 -42.31
CA GLU E 132 12.63 24.11 -43.12
C GLU E 132 13.04 25.35 -43.93
N GLU E 133 12.49 26.52 -43.60
CA GLU E 133 12.98 27.79 -44.11
C GLU E 133 12.67 28.88 -43.11
N GLY E 134 13.66 29.73 -42.84
CA GLY E 134 13.55 30.75 -41.81
C GLY E 134 14.76 30.81 -40.92
N GLU E 135 14.55 30.95 -39.61
CA GLU E 135 15.66 31.02 -38.66
C GLU E 135 15.23 30.38 -37.35
N ILE E 136 16.14 29.61 -36.76
CA ILE E 136 15.88 28.89 -35.51
C ILE E 136 16.87 29.37 -34.47
N LEU E 137 16.35 29.92 -33.38
CA LEU E 137 17.16 30.51 -32.31
C LEU E 137 17.00 29.68 -31.04
N LEU E 138 18.12 29.38 -30.39
CA LEU E 138 18.13 28.68 -29.10
C LEU E 138 18.72 29.61 -28.05
N VAL E 139 17.92 29.94 -27.04
CA VAL E 139 18.35 30.79 -25.95
C VAL E 139 18.45 29.97 -24.67
N VAL E 140 19.57 30.08 -23.98
CA VAL E 140 19.72 29.56 -22.63
C VAL E 140 20.09 30.72 -21.71
N ALA E 141 19.34 30.86 -20.62
CA ALA E 141 19.47 31.99 -19.72
C ALA E 141 18.69 31.68 -18.46
N LEU E 142 19.19 32.17 -17.32
CA LEU E 142 18.43 31.97 -16.09
C LEU E 142 17.26 32.95 -16.03
N ASP E 143 16.37 32.71 -15.08
CA ASP E 143 15.11 33.45 -14.97
C ASP E 143 14.91 33.88 -13.52
N ASP E 144 14.83 35.19 -13.31
CA ASP E 144 14.59 35.75 -11.98
C ASP E 144 13.12 36.06 -11.73
N GLN E 145 12.23 35.72 -12.67
CA GLN E 145 10.80 35.92 -12.45
C GLN E 145 10.29 35.07 -11.27
N GLY E 146 10.88 33.89 -11.07
CA GLY E 146 10.50 33.05 -9.96
C GLY E 146 11.00 33.59 -8.64
N GLU E 147 10.72 32.82 -7.58
CA GLU E 147 11.11 33.24 -6.23
C GLU E 147 12.61 33.18 -6.04
N THR E 148 13.30 32.30 -6.78
CA THR E 148 14.73 32.08 -6.67
C THR E 148 15.28 31.85 -8.07
N PRO E 149 16.48 32.34 -8.38
CA PRO E 149 17.04 32.14 -9.72
C PRO E 149 17.03 30.68 -10.15
N ARG E 150 16.46 30.44 -11.34
CA ARG E 150 16.44 29.13 -11.97
C ARG E 150 16.79 29.28 -13.44
N LEU E 151 17.25 28.19 -14.04
CA LEU E 151 17.68 28.19 -15.44
C LEU E 151 16.46 28.12 -16.37
N ARG E 152 16.65 28.60 -17.59
CA ARG E 152 15.63 28.54 -18.63
C ARG E 152 16.30 28.33 -19.97
N ILE E 153 15.77 27.39 -20.76
CA ILE E 153 16.28 27.08 -22.08
C ILE E 153 15.09 26.99 -23.03
N ALA E 154 15.17 27.71 -24.15
CA ALA E 154 14.06 27.78 -25.08
C ALA E 154 14.57 27.70 -26.51
N VAL E 155 13.71 27.21 -27.41
CA VAL E 155 14.02 27.09 -28.83
C VAL E 155 12.86 27.70 -29.60
N GLN E 156 13.13 28.79 -30.30
CA GLN E 156 12.14 29.47 -31.14
C GLN E 156 12.34 29.08 -32.60
N ASP E 157 11.23 28.99 -33.33
CA ASP E 157 11.27 28.72 -34.76
C ASP E 157 10.29 29.63 -35.49
N SER E 158 10.50 29.75 -36.79
CA SER E 158 9.59 30.46 -37.68
C SER E 158 8.65 29.50 -38.39
N GLY E 159 8.20 28.46 -37.69
CA GLY E 159 7.54 27.33 -38.29
C GLY E 159 6.05 27.25 -38.04
N HIS E 160 5.48 26.16 -38.56
CA HIS E 160 4.06 25.89 -38.47
C HIS E 160 3.66 25.67 -37.02
N PRO E 161 2.74 26.44 -36.48
CA PRO E 161 2.44 26.37 -35.05
C PRO E 161 1.70 25.09 -34.69
N PHE E 162 1.61 24.85 -33.39
CA PHE E 162 0.81 23.75 -32.89
C PHE E 162 -0.65 24.17 -32.78
N ASP E 163 -1.55 23.20 -32.96
CA ASP E 163 -2.98 23.48 -32.88
C ASP E 163 -3.35 23.97 -31.49
N ALA E 164 -4.59 24.45 -31.37
CA ALA E 164 -5.17 24.66 -30.05
C ALA E 164 -5.29 23.33 -29.31
N LYS E 165 -5.48 22.24 -30.05
CA LYS E 165 -5.63 20.91 -29.46
C LYS E 165 -4.30 20.20 -29.25
N GLU E 166 -3.35 20.36 -30.16
CA GLU E 166 -2.07 19.66 -30.02
C GLU E 166 -1.31 20.14 -28.79
N ARG E 167 -1.35 21.44 -28.51
CA ARG E 167 -0.62 21.97 -27.36
C ARG E 167 -1.16 21.38 -26.06
N GLU E 168 -2.48 21.51 -25.84
CA GLU E 168 -3.08 20.94 -24.63
C GLU E 168 -2.80 19.45 -24.54
N ALA E 169 -2.88 18.74 -25.67
CA ALA E 169 -2.57 17.32 -25.71
C ALA E 169 -1.18 17.07 -25.13
N LEU E 170 -0.13 17.44 -25.87
CA LEU E 170 1.23 17.16 -25.43
C LEU E 170 1.57 17.82 -24.09
N LEU E 171 0.75 18.78 -23.64
CA LEU E 171 1.00 19.40 -22.34
C LEU E 171 0.54 18.51 -21.19
N THR E 172 -0.61 17.85 -21.33
CA THR E 172 -1.14 17.03 -20.25
C THR E 172 -1.53 15.63 -20.70
N ALA E 173 -1.03 15.17 -21.86
CA ALA E 173 -1.23 13.78 -22.26
C ALA E 173 -0.26 12.90 -21.49
N GLU E 174 -0.79 11.81 -20.93
CA GLU E 174 0.04 10.87 -20.20
C GLU E 174 -0.38 9.44 -20.54
N LEU E 175 0.57 8.54 -20.46
CA LEU E 175 0.39 7.13 -20.76
C LEU E 175 0.10 6.37 -19.47
N HIS E 176 -0.42 5.14 -19.62
CA HIS E 176 -0.99 4.39 -18.48
C HIS E 176 -2.07 5.21 -17.78
N SER E 177 -2.86 5.91 -18.59
CA SER E 177 -3.89 6.80 -18.08
C SER E 177 -5.15 6.55 -18.90
N GLY E 178 -6.07 7.50 -18.87
CA GLY E 178 -7.03 7.59 -19.95
C GLY E 178 -6.29 7.77 -21.27
N ASP E 179 -6.74 7.04 -22.30
CA ASP E 179 -6.05 6.97 -23.58
C ASP E 179 -5.64 8.34 -24.10
N PHE E 180 -4.34 8.53 -24.27
CA PHE E 180 -3.81 9.78 -24.80
C PHE E 180 -3.74 9.76 -26.32
N LEU E 181 -3.44 8.60 -26.89
CA LEU E 181 -3.81 8.24 -28.28
C LEU E 181 -3.29 9.31 -29.24
N SER E 182 -4.11 9.81 -30.15
CA SER E 182 -3.71 10.55 -31.33
C SER E 182 -2.58 9.87 -32.09
N ALA E 183 -2.75 8.56 -32.30
CA ALA E 183 -1.75 7.75 -32.99
C ALA E 183 -1.27 8.40 -34.29
N SER E 184 -2.14 9.12 -35.00
CA SER E 184 -1.68 9.96 -36.10
C SER E 184 -0.57 10.90 -35.66
N LYS E 185 -0.79 11.66 -34.59
CA LYS E 185 0.14 12.70 -34.18
C LYS E 185 1.27 12.19 -33.27
N LEU E 186 1.51 10.88 -33.19
CA LEU E 186 2.55 10.41 -32.28
C LEU E 186 3.94 10.66 -32.84
N GLY E 187 4.07 10.79 -34.17
CA GLY E 187 5.38 10.91 -34.77
C GLY E 187 6.12 12.16 -34.36
N SER E 188 5.40 13.29 -34.30
CA SER E 188 6.04 14.54 -33.93
C SER E 188 6.11 14.72 -32.42
N HIS E 189 5.04 14.35 -31.71
CA HIS E 189 4.95 14.68 -30.29
C HIS E 189 5.90 13.85 -29.44
N LEU E 190 5.84 12.52 -29.58
CA LEU E 190 6.38 11.56 -28.62
C LEU E 190 7.75 11.96 -28.08
N GLY E 191 8.61 12.52 -28.93
CA GLY E 191 9.90 12.99 -28.46
C GLY E 191 9.78 14.08 -27.40
N LEU E 192 8.77 14.94 -27.52
CA LEU E 192 8.57 16.00 -26.56
C LEU E 192 7.97 15.47 -25.26
N ILE E 193 7.00 14.55 -25.37
CA ILE E 193 6.41 13.94 -24.18
C ILE E 193 7.49 13.29 -23.32
N ILE E 194 8.59 12.85 -23.95
CA ILE E 194 9.77 12.46 -23.21
C ILE E 194 10.40 13.67 -22.53
N ALA E 195 10.71 14.69 -23.33
CA ALA E 195 11.36 15.89 -22.80
C ALA E 195 10.50 16.55 -21.72
N ARG E 196 9.18 16.57 -21.92
CA ARG E 196 8.30 17.03 -20.85
C ARG E 196 8.49 16.21 -19.59
N GLN E 197 8.39 14.88 -19.71
CA GLN E 197 8.50 14.02 -18.54
C GLN E 197 9.89 14.09 -17.92
N LEU E 198 10.91 14.40 -18.73
CA LEU E 198 12.26 14.52 -18.18
C LEU E 198 12.41 15.78 -17.35
N VAL E 199 11.97 16.93 -17.89
CA VAL E 199 12.09 18.19 -17.17
C VAL E 199 11.27 18.15 -15.88
N ARG E 200 10.08 17.55 -15.93
CA ARG E 200 9.27 17.45 -14.72
C ARG E 200 9.96 16.58 -13.67
N LEU E 201 10.79 15.62 -14.10
CA LEU E 201 11.58 14.86 -13.13
C LEU E 201 12.67 15.73 -12.52
N MET E 202 13.34 16.52 -13.34
CA MET E 202 14.38 17.43 -12.86
C MET E 202 13.84 18.55 -11.98
N GLY E 203 12.58 18.50 -11.54
CA GLY E 203 12.01 19.56 -10.73
C GLY E 203 11.66 20.80 -11.50
N GLY E 204 11.67 20.76 -12.82
CA GLY E 204 11.43 21.92 -13.64
C GLY E 204 10.03 21.96 -14.23
N GLU E 205 9.80 22.95 -15.07
CA GLU E 205 8.53 23.14 -15.75
C GLU E 205 8.76 23.24 -17.25
N PHE E 206 8.05 22.41 -18.01
CA PHE E 206 8.16 22.40 -19.47
C PHE E 206 7.06 23.29 -20.05
N GLY E 207 7.46 24.33 -20.77
CA GLY E 207 6.50 25.26 -21.31
C GLY E 207 6.66 25.54 -22.79
N ILE E 208 5.58 25.40 -23.55
CA ILE E 208 5.53 25.81 -24.95
C ILE E 208 4.33 26.73 -25.13
N GLN E 209 4.56 27.90 -25.74
CA GLN E 209 3.53 28.94 -25.87
C GLN E 209 3.62 29.51 -27.28
N SER E 210 2.98 28.82 -28.22
CA SER E 210 2.98 29.24 -29.62
C SER E 210 1.76 30.12 -29.92
N GLY E 215 4.51 30.87 -34.48
CA GLY E 215 5.83 30.39 -34.09
C GLY E 215 5.84 29.72 -32.73
N THR E 216 6.58 28.60 -32.65
CA THR E 216 6.65 27.80 -31.42
C THR E 216 7.92 28.15 -30.66
N THR E 217 7.78 28.33 -29.35
CA THR E 217 8.91 28.46 -28.44
C THR E 217 8.70 27.50 -27.27
N LEU E 218 9.49 26.44 -27.22
CA LEU E 218 9.41 25.44 -26.16
C LEU E 218 10.50 25.71 -25.13
N SER E 219 10.11 25.90 -23.88
CA SER E 219 11.04 26.26 -22.83
C SER E 219 10.94 25.28 -21.67
N LEU E 220 12.07 25.11 -20.98
CA LEU E 220 12.15 24.32 -19.76
C LEU E 220 12.85 25.15 -18.70
N THR E 221 12.21 25.28 -17.54
CA THR E 221 12.75 26.10 -16.44
C THR E 221 13.27 25.15 -15.36
N LEU E 222 14.64 24.98 -15.32
CA LEU E 222 15.32 24.05 -14.43
C LEU E 222 15.84 24.77 -13.19
N PRO E 223 15.81 24.13 -12.03
CA PRO E 223 16.37 24.73 -10.82
C PRO E 223 17.83 24.36 -10.60
N LEU E 224 18.55 25.29 -9.97
CA LEU E 224 19.94 25.08 -9.61
C LEU E 224 20.20 25.72 -8.26
N ASP E 225 20.81 24.97 -7.35
CA ASP E 225 21.21 25.57 -6.09
C ASP E 225 22.37 26.55 -6.32
N PRO E 226 22.41 27.66 -5.59
CA PRO E 226 23.37 28.72 -5.94
C PRO E 226 24.62 28.74 -5.08
N GLN E 227 25.78 28.50 -5.70
CA GLN E 227 27.02 28.96 -5.10
C GLN E 227 27.16 30.47 -5.20
N GLN E 228 26.60 31.04 -6.27
CA GLN E 228 26.61 32.48 -6.52
C GLN E 228 26.07 33.28 -5.34
N ALA F 1 -2.73 -1.95 -22.21
CA ALA F 1 -2.93 -3.23 -22.89
C ALA F 1 -3.65 -3.06 -24.21
N GLU F 2 -4.39 -1.95 -24.37
CA GLU F 2 -5.00 -1.57 -25.63
C GLU F 2 -4.12 -0.63 -26.46
N PHE F 3 -3.04 -0.10 -25.87
CA PHE F 3 -2.21 0.88 -26.56
C PHE F 3 -1.47 0.26 -27.74
N LEU F 4 -0.65 -0.76 -27.47
CA LEU F 4 0.17 -1.34 -28.53
C LEU F 4 -0.67 -1.85 -29.69
N ALA F 5 -1.89 -2.31 -29.41
CA ALA F 5 -2.77 -2.75 -30.48
C ALA F 5 -3.37 -1.56 -31.22
N LYS F 6 -3.50 -0.41 -30.56
CA LYS F 6 -4.10 0.75 -31.20
C LYS F 6 -3.12 1.40 -32.18
N ILE F 7 -1.83 1.38 -31.86
CA ILE F 7 -0.80 1.98 -32.70
C ILE F 7 -0.28 0.95 -33.69
N SER F 8 -0.91 -0.23 -33.72
CA SER F 8 -0.41 -1.39 -34.46
C SER F 8 0.03 -1.04 -35.87
N HIS F 9 -0.69 -0.12 -36.52
CA HIS F 9 -0.32 0.29 -37.87
C HIS F 9 1.06 0.93 -37.88
N GLU F 10 1.33 1.82 -36.93
CA GLU F 10 2.58 2.58 -36.95
C GLU F 10 3.79 1.69 -36.68
N ILE F 11 3.59 0.57 -35.98
CA ILE F 11 4.69 -0.38 -35.82
C ILE F 11 4.84 -1.24 -37.07
N ARG F 12 3.72 -1.65 -37.66
CA ARG F 12 3.77 -2.56 -38.79
C ARG F 12 4.10 -1.85 -40.10
N THR F 13 3.58 -0.64 -40.30
CA THR F 13 3.71 0.02 -41.61
C THR F 13 5.16 0.20 -42.04
N PRO F 14 6.09 0.67 -41.19
CA PRO F 14 7.50 0.63 -41.60
C PRO F 14 8.00 -0.78 -41.81
N MET F 15 7.69 -1.70 -40.89
CA MET F 15 8.17 -3.07 -41.00
C MET F 15 7.63 -3.74 -42.25
N ASN F 16 6.37 -3.49 -42.60
CA ASN F 16 5.82 -4.03 -43.84
C ASN F 16 6.51 -3.43 -45.06
N GLY F 17 6.86 -2.14 -45.00
CA GLY F 17 7.58 -1.53 -46.10
C GLY F 17 9.02 -2.01 -46.18
N VAL F 18 9.69 -2.15 -45.04
CA VAL F 18 11.05 -2.67 -45.03
C VAL F 18 11.10 -4.05 -45.66
N LEU F 19 10.20 -4.95 -45.23
CA LEU F 19 10.16 -6.29 -45.80
C LEU F 19 9.55 -6.26 -47.20
N GLY F 20 8.66 -5.31 -47.49
CA GLY F 20 8.00 -5.28 -48.78
C GLY F 20 8.95 -4.98 -49.93
N MET F 21 9.89 -4.07 -49.73
CA MET F 21 10.87 -3.76 -50.77
C MET F 21 11.78 -4.94 -51.05
N THR F 22 11.97 -5.83 -50.07
CA THR F 22 12.89 -6.95 -50.24
C THR F 22 12.34 -7.98 -51.22
N GLU F 23 11.07 -8.38 -51.04
CA GLU F 23 10.44 -9.27 -52.01
C GLU F 23 10.37 -8.63 -53.39
N LEU F 24 10.45 -7.30 -53.47
CA LEU F 24 10.47 -6.58 -54.73
C LEU F 24 11.88 -6.49 -55.32
N LEU F 25 12.89 -6.39 -54.46
CA LEU F 25 14.28 -6.33 -54.94
C LEU F 25 14.68 -7.61 -55.64
N LEU F 26 14.09 -8.75 -55.26
CA LEU F 26 14.43 -10.01 -55.91
C LEU F 26 14.00 -10.04 -57.36
N GLY F 27 12.98 -9.26 -57.73
CA GLY F 27 12.54 -9.19 -59.12
C GLY F 27 13.46 -8.39 -60.02
N THR F 28 14.43 -7.68 -59.45
CA THR F 28 15.42 -6.85 -60.11
C THR F 28 16.69 -7.66 -60.38
N PRO F 29 17.40 -7.40 -61.48
CA PRO F 29 18.68 -8.10 -61.69
C PRO F 29 19.77 -7.65 -60.74
N LEU F 30 20.02 -8.45 -59.70
CA LEU F 30 21.08 -8.19 -58.75
C LEU F 30 22.25 -9.13 -59.03
N SER F 31 23.47 -8.59 -59.01
CA SER F 31 24.64 -9.41 -59.24
C SER F 31 24.75 -10.49 -58.17
N ALA F 32 25.52 -11.53 -58.48
CA ALA F 32 25.64 -12.68 -57.58
C ALA F 32 26.06 -12.23 -56.18
N LYS F 33 27.01 -11.28 -56.10
CA LYS F 33 27.40 -10.72 -54.81
C LYS F 33 26.30 -9.83 -54.24
N GLN F 34 25.56 -9.11 -55.09
CA GLN F 34 24.56 -8.17 -54.61
C GLN F 34 23.40 -8.88 -53.92
N ARG F 35 23.04 -10.07 -54.39
CA ARG F 35 21.83 -10.73 -53.89
C ARG F 35 22.02 -11.38 -52.53
N ASP F 36 23.24 -11.82 -52.20
CA ASP F 36 23.45 -12.52 -50.93
C ASP F 36 23.04 -11.67 -49.74
N TYR F 37 23.09 -10.35 -49.88
CA TYR F 37 22.62 -9.48 -48.81
C TYR F 37 21.11 -9.42 -48.76
N VAL F 38 20.46 -9.18 -49.90
CA VAL F 38 19.01 -8.97 -49.93
C VAL F 38 18.29 -10.24 -49.47
N GLN F 39 18.87 -11.41 -49.73
CA GLN F 39 18.30 -12.64 -49.22
C GLN F 39 18.29 -12.68 -47.70
N THR F 40 19.14 -11.89 -47.04
CA THR F 40 19.11 -11.81 -45.58
C THR F 40 17.91 -11.00 -45.11
N ILE F 41 17.61 -9.89 -45.78
CA ILE F 41 16.49 -9.04 -45.36
C ILE F 41 15.19 -9.82 -45.39
N HIS F 42 15.03 -10.72 -46.37
CA HIS F 42 13.89 -11.62 -46.36
C HIS F 42 14.00 -12.65 -45.24
N SER F 43 15.23 -13.03 -44.89
CA SER F 43 15.42 -14.00 -43.81
C SER F 43 15.45 -13.32 -42.45
N ALA F 44 16.07 -12.15 -42.35
CA ALA F 44 16.19 -11.44 -41.08
C ALA F 44 14.99 -10.55 -40.79
N GLY F 45 14.47 -9.86 -41.81
CA GLY F 45 13.30 -9.03 -41.59
C GLY F 45 12.07 -9.83 -41.19
N ASN F 46 11.87 -10.98 -41.84
CA ASN F 46 10.76 -11.85 -41.47
C ASN F 46 10.84 -12.27 -40.01
N GLU F 47 12.04 -12.62 -39.55
CA GLU F 47 12.20 -13.06 -38.16
C GLU F 47 11.87 -11.93 -37.19
N LEU F 48 12.04 -10.68 -37.62
CA LEU F 48 11.61 -9.55 -36.80
C LEU F 48 10.13 -9.28 -36.96
N LEU F 49 9.61 -9.39 -38.19
CA LEU F 49 8.20 -9.12 -38.44
C LEU F 49 7.32 -10.08 -37.65
N THR F 50 7.69 -11.36 -37.61
CA THR F 50 6.94 -12.32 -36.79
C THR F 50 7.00 -11.94 -35.32
N LEU F 51 8.16 -11.44 -34.86
CA LEU F 51 8.26 -10.97 -33.48
C LEU F 51 7.27 -9.83 -33.22
N ILE F 52 7.11 -8.94 -34.20
CA ILE F 52 6.14 -7.85 -34.06
C ILE F 52 4.74 -8.41 -33.91
N ASN F 53 4.36 -9.34 -34.79
CA ASN F 53 3.02 -9.92 -34.74
C ASN F 53 2.80 -10.68 -33.43
N GLU F 54 3.81 -11.42 -32.97
CA GLU F 54 3.66 -12.20 -31.76
C GLU F 54 3.45 -11.31 -30.53
N ILE F 55 4.15 -10.18 -30.47
CA ILE F 55 3.98 -9.28 -29.33
C ILE F 55 2.76 -8.40 -29.49
N LEU F 56 2.35 -8.11 -30.73
CA LEU F 56 1.12 -7.35 -30.93
C LEU F 56 -0.12 -8.20 -30.68
N ASP F 57 -0.05 -9.49 -30.98
CA ASP F 57 -1.21 -10.35 -30.84
C ASP F 57 -1.46 -10.72 -29.38
N ILE F 58 -0.40 -10.97 -28.61
CA ILE F 58 -0.58 -11.35 -27.21
C ILE F 58 -1.23 -10.22 -26.42
N SER F 59 -0.92 -8.96 -26.77
CA SER F 59 -1.59 -7.84 -26.13
C SER F 59 -3.08 -7.83 -26.47
N LYS F 60 -3.42 -8.22 -27.70
CA LYS F 60 -4.82 -8.27 -28.09
C LYS F 60 -5.57 -9.39 -27.39
N LEU F 61 -4.87 -10.47 -27.02
CA LEU F 61 -5.49 -11.52 -26.22
C LEU F 61 -5.66 -11.08 -24.76
N GLU F 62 -4.61 -10.50 -24.18
CA GLU F 62 -4.62 -10.20 -22.75
C GLU F 62 -5.53 -9.01 -22.43
N SER F 63 -5.57 -8.02 -23.31
CA SER F 63 -6.41 -6.85 -23.07
C SER F 63 -7.90 -7.17 -23.14
N GLY F 64 -8.27 -8.36 -23.60
CA GLY F 64 -9.66 -8.67 -23.85
C GLY F 64 -10.17 -8.19 -25.20
N GLN F 65 -9.28 -7.78 -26.09
CA GLN F 65 -9.71 -7.27 -27.39
C GLN F 65 -10.20 -8.41 -28.29
N ILE F 66 -9.44 -9.49 -28.36
CA ILE F 66 -9.83 -10.68 -29.10
C ILE F 66 -9.61 -11.90 -28.22
N GLU F 67 -10.45 -12.91 -28.42
CA GLU F 67 -10.43 -14.13 -27.62
C GLU F 67 -9.73 -15.25 -28.37
N LEU F 68 -9.31 -16.27 -27.61
CA LEU F 68 -8.73 -17.45 -28.21
C LEU F 68 -9.82 -18.29 -28.88
N ASP F 69 -9.55 -18.74 -30.10
CA ASP F 69 -10.51 -19.58 -30.80
C ASP F 69 -10.71 -20.89 -30.07
N GLU F 70 -11.92 -21.44 -30.17
CA GLU F 70 -12.25 -22.73 -29.58
C GLU F 70 -12.86 -23.59 -30.69
N VAL F 71 -12.05 -24.47 -31.27
CA VAL F 71 -12.48 -25.38 -32.31
C VAL F 71 -11.94 -26.78 -32.01
N GLN F 72 -12.53 -27.76 -32.69
CA GLN F 72 -12.16 -29.16 -32.50
C GLN F 72 -11.14 -29.54 -33.57
N PHE F 73 -9.90 -29.78 -33.15
CA PHE F 73 -8.80 -30.07 -34.05
C PHE F 73 -8.18 -31.42 -33.71
N ASP F 74 -7.43 -31.96 -34.67
CA ASP F 74 -6.72 -33.22 -34.48
C ASP F 74 -5.44 -32.93 -33.69
N LEU F 75 -5.39 -33.42 -32.45
CA LEU F 75 -4.26 -33.10 -31.58
C LEU F 75 -2.98 -33.78 -32.08
N ASN F 76 -3.05 -35.08 -32.36
CA ASN F 76 -1.84 -35.83 -32.71
C ASN F 76 -1.20 -35.28 -33.97
N ALA F 77 -2.01 -34.93 -34.97
CA ALA F 77 -1.45 -34.37 -36.21
C ALA F 77 -0.75 -33.04 -35.95
N LEU F 78 -1.26 -32.24 -35.01
CA LEU F 78 -0.58 -31.00 -34.64
C LEU F 78 0.76 -31.29 -33.98
N ILE F 79 0.79 -32.25 -33.05
CA ILE F 79 2.04 -32.60 -32.38
C ILE F 79 3.05 -33.16 -33.38
N GLU F 80 2.58 -33.99 -34.31
CA GLU F 80 3.46 -34.49 -35.36
C GLU F 80 3.91 -33.38 -36.29
N ASP F 81 3.10 -32.33 -36.43
CA ASP F 81 3.47 -31.22 -37.31
C ASP F 81 4.67 -30.46 -36.75
N CYS F 82 4.70 -30.25 -35.43
CA CYS F 82 5.81 -29.51 -34.82
C CYS F 82 7.11 -30.30 -34.91
N LEU F 83 7.06 -31.62 -34.71
CA LEU F 83 8.24 -32.45 -34.95
C LEU F 83 8.65 -32.40 -36.42
N ASP F 84 7.67 -32.44 -37.32
CA ASP F 84 7.94 -32.33 -38.75
C ASP F 84 8.70 -31.05 -39.06
N ILE F 85 8.44 -29.98 -38.32
CA ILE F 85 9.17 -28.74 -38.51
C ILE F 85 10.63 -28.90 -38.12
N PHE F 86 10.89 -29.63 -37.03
CA PHE F 86 12.23 -29.75 -36.47
C PHE F 86 12.96 -31.02 -36.85
N ARG F 87 12.31 -31.91 -37.61
CA ARG F 87 12.95 -33.19 -37.94
C ARG F 87 14.19 -33.01 -38.79
N VAL F 88 14.26 -31.92 -39.56
CA VAL F 88 15.44 -31.67 -40.38
C VAL F 88 16.66 -31.35 -39.50
N LYS F 89 16.43 -30.79 -38.31
CA LYS F 89 17.54 -30.54 -37.41
C LYS F 89 18.04 -31.82 -36.75
N ALA F 90 17.17 -32.83 -36.62
CA ALA F 90 17.55 -34.08 -35.98
C ALA F 90 18.53 -34.88 -36.81
N GLU F 91 18.63 -34.63 -38.11
CA GLU F 91 19.63 -35.29 -38.92
C GLU F 91 21.04 -34.96 -38.45
N GLN F 92 21.24 -33.76 -37.92
CA GLN F 92 22.47 -33.43 -37.23
C GLN F 92 22.70 -34.42 -36.09
N GLN F 93 23.93 -34.91 -35.98
CA GLN F 93 24.22 -36.05 -35.11
C GLN F 93 23.89 -35.77 -33.65
N ARG F 94 23.96 -34.49 -33.23
CA ARG F 94 23.90 -34.17 -31.81
C ARG F 94 22.51 -34.39 -31.21
N ILE F 95 21.46 -34.47 -32.03
CA ILE F 95 20.09 -34.45 -31.54
C ILE F 95 19.38 -35.74 -31.90
N GLU F 96 18.58 -36.26 -30.97
CA GLU F 96 17.60 -37.30 -31.22
C GLU F 96 16.25 -36.80 -30.74
N LEU F 97 15.27 -36.81 -31.64
CA LEU F 97 13.94 -36.25 -31.36
C LEU F 97 12.97 -37.42 -31.14
N ILE F 98 12.51 -37.58 -29.90
CA ILE F 98 11.67 -38.70 -29.51
C ILE F 98 10.37 -38.15 -28.95
N SER F 99 9.24 -38.72 -29.40
CA SER F 99 7.92 -38.31 -28.95
C SER F 99 7.18 -39.52 -28.41
N PHE F 100 6.91 -39.51 -27.11
CA PHE F 100 6.10 -40.53 -26.46
C PHE F 100 4.73 -39.92 -26.17
N THR F 101 3.74 -40.31 -26.97
CA THR F 101 2.36 -39.85 -26.80
C THR F 101 1.58 -40.94 -26.07
N GLN F 102 1.16 -40.65 -24.84
CA GLN F 102 0.47 -41.63 -24.02
C GLN F 102 -0.80 -42.11 -24.73
N PRO F 103 -1.13 -43.41 -24.64
CA PRO F 103 -2.21 -43.94 -25.48
C PRO F 103 -3.58 -43.36 -25.20
N GLN F 104 -3.88 -42.99 -23.96
CA GLN F 104 -5.24 -42.60 -23.62
C GLN F 104 -5.60 -41.18 -24.04
N VAL F 105 -4.62 -40.37 -24.44
CA VAL F 105 -4.96 -39.00 -24.85
C VAL F 105 -5.79 -39.04 -26.13
N PRO F 106 -6.77 -38.17 -26.29
CA PRO F 106 -7.64 -38.25 -27.47
C PRO F 106 -6.92 -37.77 -28.72
N ARG F 107 -7.37 -38.29 -29.86
CA ARG F 107 -6.88 -37.77 -31.14
C ARG F 107 -7.29 -36.32 -31.34
N VAL F 108 -8.47 -35.95 -30.83
CA VAL F 108 -9.02 -34.61 -31.01
C VAL F 108 -9.40 -34.02 -29.67
N ILE F 109 -9.17 -32.72 -29.50
CA ILE F 109 -9.59 -31.97 -28.34
C ILE F 109 -10.09 -30.60 -28.81
N GLY F 110 -10.61 -29.81 -27.88
CA GLY F 110 -11.09 -28.48 -28.21
C GLY F 110 -10.19 -27.37 -27.71
N GLY F 111 -9.66 -26.59 -28.64
CA GLY F 111 -8.79 -25.50 -28.25
C GLY F 111 -8.48 -24.60 -29.43
N ASP F 112 -7.38 -23.86 -29.31
CA ASP F 112 -6.93 -22.95 -30.36
C ASP F 112 -5.67 -23.49 -30.99
N PRO F 113 -5.75 -24.12 -32.17
CA PRO F 113 -4.56 -24.81 -32.72
C PRO F 113 -3.40 -23.87 -33.03
N THR F 114 -3.68 -22.74 -33.70
CA THR F 114 -2.60 -21.84 -34.09
C THR F 114 -1.81 -21.35 -32.90
N ARG F 115 -2.49 -21.07 -31.79
CA ARG F 115 -1.79 -20.66 -30.57
C ARG F 115 -1.08 -21.84 -29.92
N LEU F 116 -1.77 -22.99 -29.82
CA LEU F 116 -1.16 -24.16 -29.20
C LEU F 116 0.03 -24.65 -30.00
N ARG F 117 -0.05 -24.57 -31.33
CA ARG F 117 1.10 -24.90 -32.16
C ARG F 117 2.29 -24.00 -31.82
N GLN F 118 2.04 -22.71 -31.66
CA GLN F 118 3.11 -21.76 -31.36
C GLN F 118 3.80 -22.10 -30.04
N VAL F 119 3.01 -22.42 -29.01
CA VAL F 119 3.59 -22.67 -27.70
C VAL F 119 4.38 -23.98 -27.69
N VAL F 120 4.05 -24.92 -28.57
CA VAL F 120 4.78 -26.18 -28.61
C VAL F 120 6.14 -25.99 -29.25
N LEU F 121 6.19 -25.32 -30.42
CA LEU F 121 7.46 -25.03 -31.06
C LEU F 121 8.33 -24.13 -30.19
N SER F 122 7.72 -23.20 -29.45
CA SER F 122 8.50 -22.30 -28.59
C SER F 122 9.24 -23.08 -27.52
N LEU F 123 8.60 -24.10 -26.93
CA LEU F 123 9.30 -24.97 -26.01
C LEU F 123 10.27 -25.90 -26.75
N LEU F 124 9.90 -26.32 -27.95
CA LEU F 124 10.79 -27.16 -28.75
C LEU F 124 12.01 -26.37 -29.21
N ASP F 125 11.80 -25.12 -29.67
CA ASP F 125 12.92 -24.30 -30.12
C ASP F 125 13.89 -24.05 -28.97
N ASN F 126 13.37 -23.80 -27.77
CA ASN F 126 14.23 -23.58 -26.61
C ASN F 126 15.09 -24.80 -26.33
N ALA F 127 14.57 -26.00 -26.59
CA ALA F 127 15.36 -27.21 -26.36
C ALA F 127 16.58 -27.24 -27.28
N PHE F 128 16.39 -26.89 -28.56
CA PHE F 128 17.50 -26.99 -29.51
C PHE F 128 18.58 -25.95 -29.23
N LYS F 129 18.17 -24.73 -28.88
CA LYS F 129 19.16 -23.70 -28.53
C LYS F 129 19.99 -24.12 -27.33
N GLN F 130 19.38 -24.78 -26.35
CA GLN F 130 20.05 -25.16 -25.12
C GLN F 130 20.57 -26.59 -25.16
N THR F 131 20.70 -27.19 -26.34
CA THR F 131 21.19 -28.56 -26.46
C THR F 131 22.32 -28.59 -27.49
N GLU F 132 23.50 -29.02 -27.04
CA GLU F 132 24.62 -29.28 -27.94
C GLU F 132 24.83 -30.78 -28.16
N GLU F 133 24.22 -31.63 -27.34
CA GLU F 133 24.33 -33.08 -27.44
C GLU F 133 23.29 -33.70 -26.51
N GLY F 134 22.77 -34.85 -26.92
CA GLY F 134 21.80 -35.58 -26.13
C GLY F 134 20.56 -35.88 -26.94
N GLU F 135 19.44 -36.07 -26.25
CA GLU F 135 18.16 -36.39 -26.88
C GLU F 135 17.07 -35.52 -26.28
N ILE F 136 16.03 -35.26 -27.09
CA ILE F 136 14.94 -34.39 -26.71
C ILE F 136 13.66 -35.19 -26.70
N LEU F 137 12.78 -34.92 -25.73
CA LEU F 137 11.51 -35.61 -25.60
C LEU F 137 10.36 -34.61 -25.59
N LEU F 138 9.32 -34.91 -26.38
CA LEU F 138 8.05 -34.21 -26.33
C LEU F 138 7.01 -35.25 -25.90
N VAL F 139 6.75 -35.32 -24.60
CA VAL F 139 5.76 -36.24 -24.06
C VAL F 139 4.45 -35.49 -23.87
N VAL F 140 3.38 -36.04 -24.43
CA VAL F 140 2.04 -35.51 -24.28
C VAL F 140 1.19 -36.59 -23.63
N ALA F 141 0.59 -36.27 -22.49
CA ALA F 141 -0.07 -37.28 -21.67
C ALA F 141 -1.15 -36.63 -20.82
N LEU F 142 -2.05 -37.48 -20.33
CA LEU F 142 -3.05 -37.04 -19.37
C LEU F 142 -2.41 -36.85 -18.00
N ASP F 143 -2.88 -35.84 -17.26
CA ASP F 143 -2.39 -35.54 -15.92
C ASP F 143 -3.58 -35.66 -14.97
N ASP F 144 -3.67 -36.79 -14.28
CA ASP F 144 -4.78 -37.07 -13.38
C ASP F 144 -4.56 -36.52 -11.97
N GLN F 145 -3.48 -35.76 -11.76
CA GLN F 145 -3.20 -35.23 -10.43
C GLN F 145 -4.27 -34.22 -9.99
N GLY F 146 -4.88 -33.51 -10.94
CA GLY F 146 -5.83 -32.48 -10.63
C GLY F 146 -7.22 -33.02 -10.32
N GLU F 147 -8.19 -32.10 -10.32
CA GLU F 147 -9.56 -32.46 -10.00
C GLU F 147 -10.18 -33.31 -11.08
N THR F 148 -9.89 -33.01 -12.34
CA THR F 148 -10.53 -33.59 -13.51
C THR F 148 -9.43 -33.95 -14.50
N PRO F 149 -9.68 -34.94 -15.39
CA PRO F 149 -8.73 -35.18 -16.49
C PRO F 149 -8.28 -33.92 -17.21
N ARG F 150 -6.97 -33.65 -17.17
CA ARG F 150 -6.36 -32.54 -17.89
C ARG F 150 -5.24 -33.07 -18.77
N LEU F 151 -5.10 -32.48 -19.95
CA LEU F 151 -4.00 -32.81 -20.83
C LEU F 151 -2.70 -32.17 -20.35
N ARG F 152 -1.59 -32.82 -20.67
CA ARG F 152 -0.28 -32.32 -20.27
C ARG F 152 0.73 -32.54 -21.38
N ILE F 153 1.51 -31.52 -21.69
CA ILE F 153 2.60 -31.58 -22.65
C ILE F 153 3.88 -31.15 -21.96
N ALA F 154 4.97 -31.87 -22.21
CA ALA F 154 6.25 -31.55 -21.59
C ALA F 154 7.37 -31.72 -22.60
N VAL F 155 8.39 -30.88 -22.46
CA VAL F 155 9.61 -30.93 -23.29
C VAL F 155 10.80 -30.83 -22.36
N GLN F 156 11.75 -31.76 -22.50
CA GLN F 156 12.88 -31.85 -21.59
C GLN F 156 14.16 -32.16 -22.34
N ASP F 157 15.25 -31.53 -21.89
CA ASP F 157 16.59 -31.87 -22.37
C ASP F 157 17.59 -31.23 -21.40
N SER F 158 18.87 -31.56 -21.61
CA SER F 158 19.95 -31.17 -20.71
C SER F 158 20.69 -29.96 -21.28
N GLY F 159 20.43 -28.80 -20.68
CA GLY F 159 21.23 -27.61 -20.94
C GLY F 159 21.69 -27.03 -19.62
N HIS F 160 22.12 -25.77 -19.61
CA HIS F 160 22.36 -25.09 -18.34
C HIS F 160 21.03 -25.02 -17.61
N PRO F 161 20.84 -25.80 -16.53
CA PRO F 161 19.51 -25.91 -15.94
C PRO F 161 18.97 -24.56 -15.50
N PHE F 162 17.65 -24.41 -15.54
CA PHE F 162 17.01 -23.18 -15.12
C PHE F 162 17.45 -22.82 -13.72
N ASP F 163 18.27 -21.77 -13.61
CA ASP F 163 18.66 -21.25 -12.31
C ASP F 163 17.43 -21.05 -11.43
N ALA F 164 17.48 -21.60 -10.21
CA ALA F 164 16.35 -21.52 -9.30
C ALA F 164 15.84 -20.09 -9.11
N LYS F 165 16.70 -19.10 -9.35
CA LYS F 165 16.26 -17.72 -9.30
C LYS F 165 15.32 -17.39 -10.46
N GLU F 166 15.63 -17.88 -11.66
CA GLU F 166 14.89 -17.52 -12.85
C GLU F 166 14.11 -18.67 -13.47
N ARG F 167 13.79 -19.70 -12.67
CA ARG F 167 12.60 -20.48 -13.00
C ARG F 167 11.36 -19.79 -12.47
N GLU F 168 11.51 -18.98 -11.43
CA GLU F 168 10.38 -18.28 -10.82
C GLU F 168 10.05 -17.00 -11.56
N ALA F 169 11.06 -16.32 -12.11
CA ALA F 169 10.80 -15.12 -12.91
C ALA F 169 10.04 -15.47 -14.18
N LEU F 170 10.37 -16.61 -14.80
CA LEU F 170 9.64 -17.05 -15.99
C LEU F 170 8.23 -17.49 -15.61
N LEU F 171 8.09 -18.21 -14.50
CA LEU F 171 6.77 -18.66 -14.07
C LEU F 171 5.84 -17.47 -13.82
N THR F 172 6.26 -16.54 -12.98
CA THR F 172 5.45 -15.35 -12.68
C THR F 172 5.78 -14.22 -13.65
N ALA F 173 5.52 -14.48 -14.93
CA ALA F 173 5.81 -13.53 -16.00
C ALA F 173 4.50 -13.04 -16.60
N GLU F 174 4.08 -11.85 -16.17
CA GLU F 174 2.97 -11.14 -16.79
C GLU F 174 3.57 -9.90 -17.44
N LEU F 175 4.02 -10.05 -18.68
CA LEU F 175 4.63 -8.94 -19.41
C LEU F 175 3.53 -8.00 -19.90
N HIS F 176 3.54 -6.77 -19.39
CA HIS F 176 2.53 -5.78 -19.71
C HIS F 176 3.03 -4.93 -20.88
N SER F 177 2.11 -4.65 -21.82
CA SER F 177 2.45 -4.34 -23.21
C SER F 177 3.78 -3.62 -23.38
N GLY F 178 3.99 -2.53 -22.64
CA GLY F 178 5.19 -1.72 -22.85
C GLY F 178 6.49 -2.49 -22.62
N ASP F 179 6.54 -3.30 -21.57
CA ASP F 179 7.77 -4.01 -21.23
C ASP F 179 8.08 -5.15 -22.19
N PHE F 180 7.28 -5.36 -23.23
CA PHE F 180 7.56 -6.36 -24.24
C PHE F 180 8.77 -6.03 -25.10
N LEU F 181 9.38 -4.85 -24.90
CA LEU F 181 10.50 -4.41 -25.71
C LEU F 181 11.77 -4.15 -24.93
N SER F 182 11.69 -3.94 -23.62
CA SER F 182 12.89 -3.72 -22.83
C SER F 182 13.65 -5.02 -22.63
N ALA F 183 14.97 -4.98 -22.84
CA ALA F 183 15.79 -6.16 -22.65
C ALA F 183 16.03 -6.42 -21.17
N SER F 184 16.55 -7.61 -20.87
CA SER F 184 16.89 -7.97 -19.51
C SER F 184 17.97 -9.04 -19.53
N LYS F 185 18.81 -9.04 -18.49
CA LYS F 185 19.92 -9.98 -18.40
C LYS F 185 19.41 -11.42 -18.30
N LEU F 186 18.35 -11.63 -17.52
CA LEU F 186 17.86 -12.97 -17.22
C LEU F 186 16.73 -13.42 -18.14
N GLY F 187 16.08 -12.48 -18.82
CA GLY F 187 14.90 -12.78 -19.60
C GLY F 187 15.10 -13.86 -20.64
N SER F 188 14.21 -14.85 -20.62
CA SER F 188 14.19 -15.86 -21.68
C SER F 188 14.06 -15.17 -23.02
N HIS F 189 14.71 -15.74 -24.05
CA HIS F 189 14.59 -15.19 -25.38
C HIS F 189 13.12 -15.10 -25.76
N LEU F 190 12.67 -13.86 -25.97
CA LEU F 190 11.29 -13.41 -25.85
C LEU F 190 10.22 -14.41 -26.26
N GLY F 191 10.49 -15.21 -27.29
CA GLY F 191 9.46 -16.08 -27.84
C GLY F 191 8.84 -17.02 -26.81
N LEU F 192 9.58 -17.38 -25.78
CA LEU F 192 9.05 -18.30 -24.77
C LEU F 192 8.10 -17.59 -23.81
N ILE F 193 8.40 -16.34 -23.45
CA ILE F 193 7.57 -15.63 -22.47
C ILE F 193 6.17 -15.42 -23.03
N ILE F 194 6.07 -14.98 -24.28
CA ILE F 194 4.76 -14.87 -24.92
C ILE F 194 4.08 -16.23 -24.96
N ALA F 195 4.86 -17.29 -25.19
CA ALA F 195 4.30 -18.64 -25.13
C ALA F 195 3.85 -18.99 -23.72
N ARG F 196 4.58 -18.51 -22.71
CA ARG F 196 4.15 -18.72 -21.33
C ARG F 196 2.84 -17.97 -21.06
N GLN F 197 2.79 -16.68 -21.39
CA GLN F 197 1.56 -15.92 -21.21
C GLN F 197 0.37 -16.60 -21.88
N LEU F 198 0.60 -17.28 -23.00
CA LEU F 198 -0.49 -17.86 -23.76
C LEU F 198 -1.20 -18.96 -22.99
N VAL F 199 -0.44 -19.79 -22.26
CA VAL F 199 -1.07 -20.94 -21.60
C VAL F 199 -1.97 -20.48 -20.46
N ARG F 200 -1.57 -19.42 -19.75
CA ARG F 200 -2.42 -18.90 -18.68
C ARG F 200 -3.72 -18.32 -19.22
N LEU F 201 -3.73 -17.88 -20.49
CA LEU F 201 -4.98 -17.50 -21.13
C LEU F 201 -5.86 -18.72 -21.41
N MET F 202 -5.24 -19.85 -21.74
CA MET F 202 -5.95 -21.09 -22.01
C MET F 202 -6.30 -21.87 -20.75
N GLY F 203 -6.08 -21.30 -19.57
CA GLY F 203 -6.22 -22.05 -18.34
C GLY F 203 -5.05 -23.01 -18.16
N GLY F 204 -5.03 -23.65 -17.00
CA GLY F 204 -3.92 -24.52 -16.65
C GLY F 204 -2.66 -23.71 -16.39
N GLU F 205 -1.58 -24.43 -16.08
CA GLU F 205 -0.36 -23.79 -15.60
C GLU F 205 0.86 -24.29 -16.35
N PHE F 206 1.96 -23.58 -16.10
CA PHE F 206 3.26 -23.82 -16.72
C PHE F 206 4.20 -24.43 -15.68
N GLY F 207 4.89 -25.50 -16.06
CA GLY F 207 5.75 -26.20 -15.12
C GLY F 207 7.19 -26.33 -15.56
N ILE F 208 8.12 -25.95 -14.69
CA ILE F 208 9.55 -26.07 -14.95
C ILE F 208 10.21 -26.72 -13.74
N GLN F 209 10.94 -27.80 -13.98
CA GLN F 209 11.73 -28.47 -12.94
C GLN F 209 13.15 -28.65 -13.43
N SER F 210 14.10 -28.50 -12.51
CA SER F 210 15.52 -28.62 -12.84
C SER F 210 15.87 -30.04 -13.27
N GLY F 215 19.27 -30.86 -16.55
CA GLY F 215 18.20 -31.14 -17.48
C GLY F 215 16.92 -30.39 -17.18
N THR F 216 16.57 -29.46 -18.06
CA THR F 216 15.37 -28.64 -17.89
C THR F 216 14.15 -29.36 -18.44
N THR F 217 13.06 -29.33 -17.69
CA THR F 217 11.80 -29.93 -18.10
C THR F 217 10.74 -28.83 -18.15
N LEU F 218 10.31 -28.49 -19.36
CA LEU F 218 9.28 -27.47 -19.58
C LEU F 218 7.96 -28.17 -19.86
N SER F 219 6.93 -27.84 -19.08
CA SER F 219 5.67 -28.55 -19.17
C SER F 219 4.51 -27.57 -19.07
N LEU F 220 3.39 -27.93 -19.71
CA LEU F 220 2.16 -27.17 -19.64
C LEU F 220 0.99 -28.14 -19.57
N THR F 221 0.04 -27.85 -18.69
CA THR F 221 -1.17 -28.65 -18.53
C THR F 221 -2.37 -27.80 -18.90
N LEU F 222 -3.21 -28.33 -19.79
CA LEU F 222 -4.38 -27.60 -20.27
C LEU F 222 -5.67 -28.26 -19.78
N PRO F 223 -6.71 -27.48 -19.52
CA PRO F 223 -7.97 -28.07 -19.07
C PRO F 223 -8.67 -28.83 -20.18
N LEU F 224 -9.37 -29.89 -19.80
CA LEU F 224 -10.05 -30.75 -20.76
C LEU F 224 -11.45 -31.08 -20.26
N ASP F 225 -12.37 -31.23 -21.22
CA ASP F 225 -13.77 -31.58 -20.98
C ASP F 225 -13.95 -33.08 -21.09
N PRO F 226 -14.66 -33.72 -20.15
CA PRO F 226 -14.68 -35.18 -20.09
C PRO F 226 -15.29 -35.82 -21.33
N GLN F 227 -14.91 -37.08 -21.54
CA GLN F 227 -15.37 -37.88 -22.69
C GLN F 227 -15.16 -37.16 -24.02
N GLU G 2 30.14 9.90 47.21
CA GLU G 2 29.72 10.73 48.33
C GLU G 2 28.82 9.99 49.29
N PHE G 3 28.00 9.09 48.75
CA PHE G 3 26.99 8.34 49.51
C PHE G 3 27.60 7.62 50.71
N LEU G 4 26.77 7.28 51.69
CA LEU G 4 27.24 6.96 53.04
C LEU G 4 26.65 5.64 53.53
N ALA G 5 26.54 4.66 52.66
CA ALA G 5 26.05 3.34 53.05
C ALA G 5 26.47 2.31 52.01
N LYS G 6 27.03 1.20 52.47
CA LYS G 6 27.37 0.11 51.56
C LYS G 6 26.10 -0.50 50.98
N ILE G 7 26.21 -0.94 49.73
CA ILE G 7 25.16 -1.72 49.08
C ILE G 7 25.62 -3.16 48.99
N SER G 8 24.66 -4.08 48.93
CA SER G 8 24.92 -5.48 49.17
C SER G 8 26.00 -6.03 48.23
N HIS G 9 26.67 -7.08 48.69
CA HIS G 9 27.72 -7.73 47.90
C HIS G 9 27.22 -8.15 46.52
N GLU G 10 25.92 -8.39 46.38
CA GLU G 10 25.36 -8.94 45.15
C GLU G 10 24.80 -7.88 44.21
N ILE G 11 24.68 -6.63 44.64
CA ILE G 11 24.17 -5.58 43.77
C ILE G 11 25.35 -4.75 43.25
N ARG G 12 26.38 -4.62 44.08
CA ARG G 12 27.52 -3.78 43.71
C ARG G 12 28.40 -4.45 42.66
N THR G 13 28.85 -5.68 42.94
CA THR G 13 29.88 -6.32 42.12
C THR G 13 29.44 -6.66 40.70
N PRO G 14 28.19 -7.10 40.44
CA PRO G 14 27.79 -7.33 39.04
C PRO G 14 27.75 -6.03 38.24
N MET G 15 27.06 -5.02 38.78
CA MET G 15 27.05 -3.72 38.11
C MET G 15 28.46 -3.15 37.97
N ASN G 16 29.30 -3.37 38.97
CA ASN G 16 30.68 -2.91 38.87
C ASN G 16 31.44 -3.65 37.76
N GLY G 17 31.14 -4.94 37.59
CA GLY G 17 31.73 -5.66 36.47
C GLY G 17 31.18 -5.18 35.13
N VAL G 18 29.88 -4.90 35.08
CA VAL G 18 29.27 -4.37 33.86
C VAL G 18 29.90 -3.03 33.51
N LEU G 19 30.10 -2.16 34.50
CA LEU G 19 30.67 -0.85 34.25
C LEU G 19 32.11 -0.95 33.79
N GLY G 20 32.91 -1.79 34.45
CA GLY G 20 34.31 -1.92 34.08
C GLY G 20 34.51 -2.35 32.64
N MET G 21 33.59 -3.15 32.11
CA MET G 21 33.66 -3.54 30.71
C MET G 21 33.42 -2.36 29.79
N THR G 22 32.47 -1.48 30.15
CA THR G 22 32.20 -0.31 29.34
C THR G 22 33.39 0.64 29.31
N GLU G 23 33.97 0.95 30.48
CA GLU G 23 35.18 1.74 30.52
C GLU G 23 36.33 1.04 29.81
N LEU G 24 36.25 -0.27 29.63
CA LEU G 24 37.25 -1.03 28.89
C LEU G 24 36.92 -1.10 27.41
N LEU G 25 35.63 -1.21 27.07
CA LEU G 25 35.24 -1.38 25.68
C LEU G 25 35.63 -0.17 24.83
N LEU G 26 35.53 1.03 25.39
CA LEU G 26 35.87 2.23 24.64
C LEU G 26 37.34 2.31 24.28
N GLY G 27 38.21 1.61 25.03
CA GLY G 27 39.62 1.57 24.68
C GLY G 27 39.91 0.84 23.39
N THR G 28 39.00 -0.03 22.95
CA THR G 28 38.99 -0.82 21.72
C THR G 28 38.26 -0.07 20.62
N PRO G 29 38.79 -0.05 19.40
CA PRO G 29 38.12 0.66 18.30
C PRO G 29 36.72 0.10 18.05
N LEU G 30 35.75 1.00 17.93
CA LEU G 30 34.37 0.62 17.72
C LEU G 30 33.66 1.76 16.98
N SER G 31 32.62 1.40 16.23
CA SER G 31 31.91 2.35 15.39
C SER G 31 31.09 3.32 16.23
N ALA G 32 30.72 4.45 15.61
CA ALA G 32 29.85 5.41 16.27
C ALA G 32 28.48 4.81 16.56
N LYS G 33 28.00 3.92 15.69
CA LYS G 33 26.72 3.27 15.93
C LYS G 33 26.76 2.36 17.14
N GLN G 34 27.92 1.75 17.43
CA GLN G 34 28.07 0.85 18.57
C GLN G 34 28.41 1.62 19.83
N ARG G 35 29.40 2.51 19.75
CA ARG G 35 29.84 3.28 20.92
C ARG G 35 28.69 4.05 21.54
N ASP G 36 27.71 4.47 20.73
CA ASP G 36 26.52 5.12 21.27
C ASP G 36 25.80 4.21 22.28
N TYR G 37 25.85 2.89 22.05
CA TYR G 37 25.26 1.96 23.02
C TYR G 37 26.10 1.87 24.29
N VAL G 38 27.42 1.78 24.14
CA VAL G 38 28.28 1.47 25.28
C VAL G 38 28.33 2.65 26.25
N GLN G 39 28.43 3.88 25.72
CA GLN G 39 28.34 5.05 26.58
C GLN G 39 27.00 5.10 27.31
N THR G 40 25.93 4.62 26.67
CA THR G 40 24.64 4.56 27.34
C THR G 40 24.67 3.59 28.51
N ILE G 41 25.27 2.41 28.31
CA ILE G 41 25.37 1.43 29.39
C ILE G 41 26.13 2.01 30.57
N HIS G 42 27.21 2.74 30.29
CA HIS G 42 27.92 3.42 31.36
C HIS G 42 27.08 4.56 31.95
N SER G 43 26.39 5.31 31.10
CA SER G 43 25.58 6.43 31.58
C SER G 43 24.33 5.92 32.30
N ALA G 44 23.63 4.96 31.72
CA ALA G 44 22.41 4.45 32.32
C ALA G 44 22.69 3.46 33.45
N GLY G 45 23.85 2.79 33.42
CA GLY G 45 24.19 1.87 34.49
C GLY G 45 24.40 2.58 35.82
N ASN G 46 24.97 3.78 35.78
CA ASN G 46 25.11 4.58 37.00
C ASN G 46 23.76 5.07 37.50
N GLU G 47 22.86 5.40 36.57
CA GLU G 47 21.56 5.98 36.95
C GLU G 47 20.81 5.07 37.91
N LEU G 48 20.87 3.76 37.69
CA LEU G 48 20.26 2.83 38.63
C LEU G 48 21.09 2.70 39.90
N LEU G 49 22.42 2.71 39.75
CA LEU G 49 23.29 2.44 40.89
C LEU G 49 23.17 3.53 41.95
N THR G 50 23.21 4.79 41.53
CA THR G 50 23.03 5.89 42.48
C THR G 50 21.61 5.91 43.02
N LEU G 51 20.63 5.58 42.18
CA LEU G 51 19.25 5.51 42.65
C LEU G 51 19.09 4.48 43.75
N ILE G 52 19.69 3.30 43.56
CA ILE G 52 19.69 2.27 44.60
C ILE G 52 20.32 2.82 45.87
N ASN G 53 21.42 3.56 45.74
CA ASN G 53 22.07 4.15 46.90
C ASN G 53 21.17 5.19 47.56
N GLU G 54 20.65 6.14 46.76
CA GLU G 54 19.83 7.21 47.30
C GLU G 54 18.62 6.67 48.04
N ILE G 55 18.00 5.61 47.52
CA ILE G 55 16.88 4.97 48.22
C ILE G 55 17.33 4.49 49.59
N LEU G 56 18.46 3.76 49.63
CA LEU G 56 19.00 3.29 50.90
C LEU G 56 19.40 4.46 51.79
N ASP G 57 19.95 5.52 51.18
CA ASP G 57 20.40 6.67 51.95
C ASP G 57 19.24 7.33 52.71
N ILE G 58 18.04 7.33 52.13
CA ILE G 58 16.87 7.82 52.86
C ILE G 58 16.55 6.88 54.01
N SER G 59 16.55 5.58 53.74
CA SER G 59 16.07 4.60 54.72
C SER G 59 16.93 4.62 55.98
N LYS G 60 18.25 4.72 55.83
CA LYS G 60 19.12 4.80 57.00
C LYS G 60 18.94 6.13 57.73
N LEU G 61 18.92 7.23 56.97
CA LEU G 61 18.72 8.54 57.58
C LEU G 61 17.41 8.61 58.34
N GLU G 62 16.35 8.06 57.78
CA GLU G 62 15.02 8.23 58.37
C GLU G 62 14.88 7.42 59.66
N SER G 63 15.32 6.17 59.66
CA SER G 63 15.18 5.32 60.82
C SER G 63 16.05 5.75 61.99
N GLY G 64 16.76 6.88 61.89
CA GLY G 64 17.62 7.31 62.97
C GLY G 64 18.79 6.39 63.26
N GLN G 65 19.20 5.59 62.28
CA GLN G 65 20.28 4.63 62.44
C GLN G 65 21.66 5.24 62.23
N ILE G 66 21.73 6.48 61.77
CA ILE G 66 22.99 7.08 61.34
C ILE G 66 23.54 7.97 62.45
N GLU G 67 24.86 7.95 62.63
CA GLU G 67 25.52 8.70 63.67
C GLU G 67 26.48 9.70 63.04
N LEU G 68 26.71 10.81 63.74
CA LEU G 68 27.40 11.97 63.20
C LEU G 68 28.70 12.20 63.95
N ASP G 69 29.82 12.18 63.21
CA ASP G 69 31.10 12.53 63.81
C ASP G 69 31.12 13.99 64.24
N GLU G 70 31.84 14.27 65.31
CA GLU G 70 32.05 15.63 65.81
C GLU G 70 33.55 15.89 65.78
N VAL G 71 34.05 16.32 64.62
CA VAL G 71 35.46 16.65 64.45
C VAL G 71 35.56 18.07 63.92
N GLN G 72 36.72 18.68 64.15
CA GLN G 72 36.98 20.05 63.73
C GLN G 72 37.71 20.02 62.39
N PHE G 73 37.12 20.67 61.38
CA PHE G 73 37.65 20.66 60.03
C PHE G 73 37.83 22.09 59.54
N ASP G 74 38.49 22.23 58.40
CA ASP G 74 38.64 23.53 57.76
C ASP G 74 37.42 23.77 56.86
N LEU G 75 36.57 24.71 57.25
CA LEU G 75 35.39 25.02 56.46
C LEU G 75 35.77 25.59 55.11
N ASN G 76 36.74 26.50 55.07
CA ASN G 76 37.13 27.13 53.82
C ASN G 76 37.78 26.14 52.87
N ALA G 77 38.46 25.12 53.40
CA ALA G 77 39.06 24.11 52.54
C ALA G 77 38.01 23.18 51.94
N LEU G 78 36.94 22.89 52.68
CA LEU G 78 35.90 22.01 52.17
C LEU G 78 35.11 22.69 51.05
N ILE G 79 34.73 23.95 51.26
CA ILE G 79 33.90 24.63 50.28
C ILE G 79 34.67 24.82 48.97
N GLU G 80 35.95 25.20 49.05
CA GLU G 80 36.75 25.33 47.84
C GLU G 80 36.95 23.97 47.16
N ASP G 81 36.99 22.89 47.94
CA ASP G 81 37.17 21.56 47.36
C ASP G 81 35.95 21.13 46.57
N CYS G 82 34.75 21.60 46.96
CA CYS G 82 33.54 21.19 46.26
C CYS G 82 33.42 21.87 44.91
N LEU G 83 33.72 23.16 44.82
CA LEU G 83 33.70 23.86 43.55
C LEU G 83 34.74 23.26 42.60
N ASP G 84 35.90 22.89 43.13
CA ASP G 84 36.95 22.30 42.30
C ASP G 84 36.47 21.02 41.61
N ILE G 85 35.52 20.31 42.24
CA ILE G 85 34.93 19.13 41.59
C ILE G 85 34.19 19.54 40.33
N PHE G 86 33.44 20.64 40.39
CA PHE G 86 32.61 21.08 39.27
C PHE G 86 33.33 22.05 38.34
N ARG G 87 34.58 22.41 38.64
CA ARG G 87 35.32 23.26 37.71
C ARG G 87 35.53 22.57 36.38
N VAL G 88 35.74 21.24 36.40
CA VAL G 88 35.91 20.51 35.17
C VAL G 88 34.60 20.44 34.38
N LYS G 89 33.46 20.38 35.07
CA LYS G 89 32.18 20.37 34.37
C LYS G 89 31.79 21.77 33.89
N ALA G 90 32.22 22.82 34.60
CA ALA G 90 31.85 24.17 34.21
C ALA G 90 32.32 24.51 32.80
N GLU G 91 33.52 24.09 32.44
CA GLU G 91 34.00 24.27 31.07
C GLU G 91 33.15 23.48 30.09
N GLN G 92 32.82 22.23 30.45
CA GLN G 92 31.96 21.42 29.58
C GLN G 92 30.57 22.02 29.44
N GLN G 93 30.08 22.68 30.50
CA GLN G 93 28.77 23.32 30.46
C GLN G 93 28.83 24.76 29.97
N ARG G 94 30.02 25.30 29.71
CA ARG G 94 30.18 26.65 29.17
C ARG G 94 29.66 27.71 30.14
N ILE G 95 29.77 27.46 31.45
CA ILE G 95 29.03 28.24 32.43
C ILE G 95 29.93 28.69 33.56
N GLU G 96 29.71 29.91 34.03
CA GLU G 96 30.48 30.51 35.11
C GLU G 96 30.02 29.96 36.46
N LEU G 97 30.99 29.60 37.31
CA LEU G 97 30.72 29.13 38.66
C LEU G 97 31.49 30.05 39.61
N ILE G 98 30.76 30.90 40.35
CA ILE G 98 31.37 31.85 41.25
C ILE G 98 30.91 31.55 42.67
N SER G 99 31.63 32.13 43.63
CA SER G 99 31.34 31.89 45.04
C SER G 99 31.86 33.07 45.86
N PHE G 100 31.33 33.22 47.06
CA PHE G 100 31.80 34.23 47.98
C PHE G 100 31.82 33.68 49.40
N THR G 101 32.84 34.07 50.15
CA THR G 101 32.99 33.71 51.56
C THR G 101 33.12 35.00 52.35
N GLN G 102 32.23 35.22 53.31
CA GLN G 102 32.36 36.38 54.18
C GLN G 102 33.70 36.32 54.92
N PRO G 103 34.29 37.46 55.23
CA PRO G 103 35.63 37.43 55.83
C PRO G 103 35.64 36.95 57.28
N GLN G 104 34.56 37.17 58.01
CA GLN G 104 34.54 36.93 59.45
C GLN G 104 33.88 35.60 59.82
N VAL G 105 33.57 34.75 58.85
CA VAL G 105 33.17 33.38 59.18
C VAL G 105 34.44 32.64 59.54
N PRO G 106 34.41 31.71 60.49
CA PRO G 106 35.63 31.03 60.90
C PRO G 106 36.14 30.09 59.81
N ARG G 107 37.38 29.65 59.96
CA ARG G 107 37.94 28.64 59.09
C ARG G 107 37.91 27.26 59.72
N VAL G 108 37.49 27.15 60.98
CA VAL G 108 37.38 25.86 61.64
C VAL G 108 36.17 25.84 62.57
N ILE G 109 35.26 24.88 62.37
CA ILE G 109 34.16 24.62 63.29
C ILE G 109 33.90 23.12 63.30
N GLY G 110 33.26 22.65 64.37
CA GLY G 110 33.03 21.23 64.55
C GLY G 110 31.78 20.75 63.83
N GLY G 111 31.86 19.54 63.29
CA GLY G 111 30.74 18.95 62.59
C GLY G 111 31.15 17.66 61.90
N ASP G 112 30.35 17.27 60.91
CA ASP G 112 30.60 16.08 60.11
C ASP G 112 31.06 16.53 58.72
N PRO G 113 32.36 16.63 58.47
CA PRO G 113 32.80 17.09 57.15
C PRO G 113 32.41 16.15 56.03
N THR G 114 32.47 14.84 56.27
CA THR G 114 32.14 13.88 55.23
C THR G 114 30.64 13.85 54.93
N ARG G 115 29.81 14.21 55.92
CA ARG G 115 28.38 14.31 55.67
C ARG G 115 27.95 15.71 55.23
N LEU G 116 28.64 16.74 55.72
CA LEU G 116 28.36 18.09 55.24
C LEU G 116 28.76 18.24 53.78
N ARG G 117 29.90 17.69 53.39
CA ARG G 117 30.32 17.73 51.99
C ARG G 117 29.26 17.14 51.08
N GLN G 118 28.60 16.07 51.54
CA GLN G 118 27.48 15.51 50.79
C GLN G 118 26.40 16.55 50.54
N VAL G 119 26.06 17.33 51.57
CA VAL G 119 24.99 18.32 51.44
C VAL G 119 25.39 19.41 50.45
N VAL G 120 26.65 19.87 50.52
CA VAL G 120 27.08 20.96 49.65
C VAL G 120 27.03 20.53 48.19
N LEU G 121 27.50 19.32 47.89
CA LEU G 121 27.42 18.82 46.51
C LEU G 121 25.99 18.55 46.10
N SER G 122 25.16 18.05 47.01
CA SER G 122 23.79 17.67 46.67
C SER G 122 23.02 18.86 46.11
N LEU G 123 23.15 20.03 46.73
CA LEU G 123 22.58 21.24 46.15
C LEU G 123 23.36 21.67 44.91
N LEU G 124 24.70 21.62 45.00
CA LEU G 124 25.53 22.06 43.89
C LEU G 124 25.32 21.19 42.66
N ASP G 125 25.04 19.91 42.85
CA ASP G 125 24.68 19.05 41.72
C ASP G 125 23.34 19.47 41.13
N ASN G 126 22.36 19.75 41.99
CA ASN G 126 21.04 20.15 41.53
C ASN G 126 21.11 21.42 40.67
N ALA G 127 22.02 22.33 41.02
CA ALA G 127 22.12 23.58 40.26
C ALA G 127 22.60 23.33 38.84
N PHE G 128 23.53 22.39 38.65
CA PHE G 128 24.06 22.11 37.32
C PHE G 128 23.05 21.42 36.42
N LYS G 129 22.04 20.77 37.01
CA LYS G 129 21.01 20.11 36.20
C LYS G 129 20.04 21.11 35.61
N GLN G 130 19.67 22.13 36.38
CA GLN G 130 18.75 23.16 35.89
C GLN G 130 19.46 24.22 35.07
N THR G 131 20.71 24.56 35.44
CA THR G 131 21.48 25.55 34.69
C THR G 131 22.02 24.86 33.44
N GLU G 132 21.29 25.02 32.34
CA GLU G 132 21.83 24.62 31.05
C GLU G 132 22.81 25.66 30.54
N GLU G 133 22.41 26.93 30.57
CA GLU G 133 23.33 28.05 30.36
C GLU G 133 22.87 29.20 31.24
N GLY G 134 23.58 29.40 32.36
CA GLY G 134 23.31 30.51 33.25
C GLY G 134 24.48 30.86 34.16
N GLU G 135 24.19 31.20 35.42
CA GLU G 135 25.21 31.51 36.41
C GLU G 135 24.84 30.86 37.73
N ILE G 136 25.82 30.27 38.39
CA ILE G 136 25.65 29.64 39.69
C ILE G 136 26.58 30.31 40.68
N LEU G 137 26.04 30.67 41.86
CA LEU G 137 26.78 31.41 42.87
C LEU G 137 26.54 30.75 44.23
N LEU G 138 27.63 30.46 44.95
CA LEU G 138 27.57 29.84 46.26
C LEU G 138 27.95 30.87 47.32
N VAL G 139 27.12 30.99 48.35
CA VAL G 139 27.35 31.90 49.45
C VAL G 139 27.48 31.10 50.74
N VAL G 140 28.57 31.32 51.47
CA VAL G 140 28.70 30.88 52.85
C VAL G 140 28.84 32.12 53.73
N ALA G 141 28.11 32.14 54.83
CA ALA G 141 28.06 33.29 55.72
C ALA G 141 27.36 32.87 57.00
N LEU G 142 27.58 33.65 58.06
CA LEU G 142 26.81 33.43 59.26
C LEU G 142 25.49 34.20 59.17
N ASP G 143 24.48 33.68 59.85
CA ASP G 143 23.14 34.27 59.82
C ASP G 143 22.85 34.87 61.19
N ASP G 144 22.53 36.17 61.21
CA ASP G 144 22.27 36.89 62.45
C ASP G 144 20.79 37.06 62.73
N GLN G 145 19.92 36.36 62.00
CA GLN G 145 18.49 36.36 62.33
C GLN G 145 18.27 35.72 63.69
N GLY G 146 19.01 34.66 63.99
CA GLY G 146 18.99 34.10 65.33
C GLY G 146 19.72 34.98 66.31
N GLU G 147 19.49 34.73 67.60
CA GLU G 147 20.09 35.55 68.64
C GLU G 147 21.60 35.35 68.69
N THR G 148 22.08 34.12 68.44
CA THR G 148 23.46 33.70 68.38
C THR G 148 23.87 33.46 66.92
N PRO G 149 25.14 33.67 66.59
CA PRO G 149 25.58 33.39 65.21
C PRO G 149 25.29 31.96 64.80
N ARG G 150 24.81 31.79 63.57
CA ARG G 150 24.53 30.50 62.99
C ARG G 150 25.05 30.50 61.56
N LEU G 151 25.68 29.40 61.15
CA LEU G 151 26.32 29.32 59.84
C LEU G 151 25.29 29.04 58.75
N ARG G 152 25.32 29.84 57.69
CA ARG G 152 24.38 29.75 56.58
C ARG G 152 25.12 29.46 55.28
N ILE G 153 24.52 28.60 54.45
CA ILE G 153 25.10 28.25 53.16
C ILE G 153 23.96 28.22 52.14
N ALA G 154 24.20 28.81 50.95
CA ALA G 154 23.18 28.90 49.93
C ALA G 154 23.81 28.75 48.54
N VAL G 155 23.00 28.26 47.61
CA VAL G 155 23.38 28.12 46.20
C VAL G 155 22.27 28.69 45.34
N GLN G 156 22.62 29.53 44.38
CA GLN G 156 21.66 30.21 43.51
C GLN G 156 21.95 29.86 42.06
N ASP G 157 20.88 29.66 41.28
CA ASP G 157 20.98 29.40 39.85
C ASP G 157 19.82 30.08 39.14
N SER G 158 19.78 29.94 37.81
CA SER G 158 18.74 30.55 36.97
C SER G 158 18.17 29.44 36.09
N GLY G 159 17.31 28.63 36.68
CA GLY G 159 16.64 27.57 35.96
C GLY G 159 15.16 27.63 36.20
N HIS G 160 14.47 26.67 35.60
CA HIS G 160 13.03 26.56 35.74
C HIS G 160 12.73 26.37 37.23
N PRO G 161 12.12 27.36 37.89
CA PRO G 161 11.91 27.25 39.34
C PRO G 161 11.06 26.02 39.67
N PHE G 162 11.24 25.55 40.88
CA PHE G 162 10.75 24.24 41.26
C PHE G 162 9.25 24.36 41.13
N ASP G 163 8.59 23.25 40.85
CA ASP G 163 7.15 23.28 40.60
C ASP G 163 6.54 23.90 41.84
N ALA G 164 5.49 24.68 41.65
CA ALA G 164 5.07 25.67 42.63
C ALA G 164 4.83 24.91 43.90
N LYS G 165 4.48 23.64 43.75
CA LYS G 165 4.20 22.80 44.92
C LYS G 165 5.15 21.61 45.04
N GLU G 166 5.97 21.30 44.02
CA GLU G 166 7.10 20.40 44.21
C GLU G 166 8.02 20.91 45.31
N ARG G 167 7.87 22.19 45.69
CA ARG G 167 8.62 22.68 46.83
C ARG G 167 8.08 22.11 48.14
N GLU G 168 6.76 22.09 48.32
CA GLU G 168 6.24 21.61 49.61
C GLU G 168 6.64 20.18 49.85
N ALA G 169 6.47 19.37 48.82
CA ALA G 169 6.89 17.98 48.87
C ALA G 169 8.33 17.90 49.34
N LEU G 170 9.21 18.60 48.63
CA LEU G 170 10.64 18.57 48.96
C LEU G 170 10.88 18.84 50.44
N LEU G 171 10.14 19.78 51.02
CA LEU G 171 10.37 20.12 52.43
C LEU G 171 9.68 19.15 53.37
N THR G 172 8.50 18.65 53.00
CA THR G 172 7.71 17.81 53.90
C THR G 172 7.62 16.36 53.46
N ALA G 173 8.33 15.95 52.40
CA ALA G 173 8.29 14.56 51.98
C ALA G 173 8.91 13.68 53.06
N GLU G 174 8.31 12.53 53.30
CA GLU G 174 8.95 11.50 54.11
C GLU G 174 8.62 10.12 53.60
N LEU G 175 9.46 9.15 53.87
CA LEU G 175 9.22 7.80 53.40
C LEU G 175 9.05 6.87 54.58
N HIS G 176 8.35 5.77 54.38
CA HIS G 176 7.87 4.92 55.48
C HIS G 176 7.08 5.86 56.38
N SER G 177 6.29 6.70 55.70
CA SER G 177 5.21 7.53 56.24
C SER G 177 4.14 7.74 55.18
N GLY G 178 3.28 8.74 55.35
CA GLY G 178 2.02 8.72 54.65
C GLY G 178 2.10 8.67 53.13
N ASP G 179 2.93 9.49 52.50
CA ASP G 179 3.09 9.36 51.06
C ASP G 179 4.42 9.96 50.65
N PHE G 180 4.91 9.51 49.49
CA PHE G 180 6.17 9.96 48.92
C PHE G 180 5.91 10.44 47.50
N LEU G 181 6.67 11.45 47.07
CA LEU G 181 6.36 12.12 45.81
C LEU G 181 6.35 11.12 44.64
N SER G 182 5.67 11.52 43.57
CA SER G 182 5.47 10.64 42.42
C SER G 182 6.80 10.10 41.90
N ALA G 183 6.75 8.89 41.37
CA ALA G 183 7.97 8.11 41.15
C ALA G 183 8.91 8.77 40.16
N SER G 184 8.50 9.51 39.14
CA SER G 184 9.58 10.21 38.42
C SER G 184 10.30 11.35 39.17
N LYS G 185 9.48 12.21 39.76
CA LYS G 185 9.99 13.45 40.31
C LYS G 185 10.96 13.05 41.38
N LEU G 186 10.55 12.06 42.14
CA LEU G 186 11.30 11.63 43.25
C LEU G 186 12.61 11.19 42.73
N GLY G 187 12.62 10.49 41.62
CA GLY G 187 13.85 9.84 41.23
C GLY G 187 14.85 10.94 41.01
N SER G 188 14.46 11.91 40.21
CA SER G 188 15.47 12.91 39.86
C SER G 188 15.91 13.69 41.10
N HIS G 189 14.96 13.97 41.97
CA HIS G 189 15.23 14.85 43.10
C HIS G 189 15.37 14.21 44.43
N LEU G 190 15.67 12.93 44.47
CA LEU G 190 15.77 12.23 45.74
C LEU G 190 16.94 12.86 46.37
N GLY G 191 17.75 13.44 45.54
CA GLY G 191 19.09 13.77 46.03
C GLY G 191 19.08 14.73 47.21
N LEU G 192 18.19 15.70 47.16
CA LEU G 192 17.93 16.88 47.99
C LEU G 192 17.28 16.48 49.31
N ILE G 193 16.37 15.50 49.26
CA ILE G 193 15.79 14.96 50.49
C ILE G 193 16.88 14.33 51.35
N ILE G 194 17.92 13.76 50.73
CA ILE G 194 19.09 13.32 51.48
C ILE G 194 19.74 14.50 52.17
N ALA G 195 20.01 15.57 51.41
CA ALA G 195 20.60 16.76 52.00
C ALA G 195 19.66 17.39 53.03
N ARG G 196 18.36 17.42 52.74
CA ARG G 196 17.39 17.98 53.68
C ARG G 196 17.44 17.22 55.00
N GLN G 197 17.22 15.91 54.96
CA GLN G 197 17.18 15.11 56.17
C GLN G 197 18.51 15.12 56.90
N LEU G 198 19.61 15.37 56.19
CA LEU G 198 20.91 15.49 56.85
C LEU G 198 21.00 16.78 57.66
N VAL G 199 20.55 17.90 57.09
CA VAL G 199 20.65 19.18 57.79
C VAL G 199 19.71 19.21 59.00
N ARG G 200 18.50 18.68 58.84
CA ARG G 200 17.57 18.66 59.98
C ARG G 200 18.07 17.73 61.08
N LEU G 201 18.88 16.74 60.73
CA LEU G 201 19.58 15.96 61.74
C LEU G 201 20.74 16.75 62.34
N MET G 202 21.48 17.48 61.48
CA MET G 202 22.62 18.26 61.93
C MET G 202 22.23 19.47 62.78
N GLY G 203 20.94 19.70 63.01
CA GLY G 203 20.48 20.76 63.87
C GLY G 203 20.10 22.05 63.18
N GLY G 204 20.28 22.15 61.88
CA GLY G 204 19.97 23.34 61.13
C GLY G 204 18.57 23.31 60.53
N GLU G 205 18.37 24.15 59.52
CA GLU G 205 17.13 24.17 58.77
C GLU G 205 17.46 24.20 57.28
N PHE G 206 16.71 23.42 56.50
CA PHE G 206 16.87 23.41 55.06
C PHE G 206 15.87 24.39 54.46
N GLY G 207 16.36 25.56 54.06
CA GLY G 207 15.52 26.56 53.46
C GLY G 207 15.51 26.47 51.95
N ILE G 208 14.41 26.95 51.35
CA ILE G 208 14.33 26.96 49.90
C ILE G 208 13.41 28.09 49.46
N GLN G 209 13.94 28.98 48.62
CA GLN G 209 13.22 30.15 48.16
C GLN G 209 13.20 30.15 46.64
N SER G 210 12.05 30.48 46.07
CA SER G 210 11.89 30.43 44.62
C SER G 210 11.62 31.82 44.05
N GLN G 214 13.02 33.83 38.47
CA GLN G 214 13.39 32.66 37.67
C GLN G 214 14.52 31.88 38.36
N GLY G 215 14.70 32.12 39.64
CA GLY G 215 15.79 31.49 40.39
C GLY G 215 15.32 30.90 41.69
N THR G 216 15.82 29.70 41.99
CA THR G 216 15.58 29.04 43.27
C THR G 216 16.90 28.91 44.00
N THR G 217 16.94 29.39 45.24
CA THR G 217 18.14 29.35 46.06
C THR G 217 17.92 28.36 47.20
N LEU G 218 18.54 27.19 47.10
CA LEU G 218 18.45 26.18 48.15
C LEU G 218 19.29 26.63 49.33
N SER G 219 18.63 27.04 50.41
CA SER G 219 19.30 27.59 51.58
C SER G 219 19.42 26.54 52.67
N LEU G 220 20.52 26.58 53.40
CA LEU G 220 20.69 25.74 54.57
C LEU G 220 21.51 26.52 55.58
N THR G 221 21.12 26.47 56.84
CA THR G 221 21.87 27.14 57.90
C THR G 221 21.96 26.22 59.11
N LEU G 222 23.17 25.75 59.41
CA LEU G 222 23.44 24.93 60.58
C LEU G 222 23.85 25.82 61.75
N PRO G 223 23.67 25.34 62.97
CA PRO G 223 24.17 26.07 64.14
C PRO G 223 25.60 25.70 64.47
N LEU G 224 26.35 26.68 64.97
CA LEU G 224 27.72 26.49 65.37
C LEU G 224 27.94 27.09 66.76
N ASP G 225 28.97 26.61 67.44
CA ASP G 225 29.26 27.05 68.80
C ASP G 225 29.61 28.53 68.80
N PRO G 226 29.18 29.30 69.82
CA PRO G 226 29.46 30.72 69.98
C PRO G 226 30.93 31.09 69.79
N ALA H 1 7.00 -1.29 51.67
CA ALA H 1 6.91 -2.42 50.76
C ALA H 1 6.13 -2.06 49.51
N GLU H 2 5.41 -0.94 49.52
CA GLU H 2 4.87 -0.35 48.31
C GLU H 2 5.94 0.37 47.51
N PHE H 3 6.93 0.95 48.19
CA PHE H 3 7.92 1.81 47.53
C PHE H 3 8.64 1.08 46.40
N LEU H 4 9.35 -0.01 46.75
CA LEU H 4 10.08 -0.77 45.74
C LEU H 4 9.18 -1.22 44.61
N ALA H 5 7.90 -1.47 44.90
CA ALA H 5 6.95 -1.80 43.85
C ALA H 5 6.40 -0.56 43.17
N LYS H 6 6.39 0.59 43.86
CA LYS H 6 5.85 1.81 43.28
C LYS H 6 6.84 2.49 42.34
N ILE H 7 8.13 2.43 42.66
CA ILE H 7 9.17 2.90 41.76
C ILE H 7 9.75 1.76 40.92
N SER H 8 9.07 0.61 40.88
CA SER H 8 9.54 -0.54 40.12
C SER H 8 9.95 -0.15 38.70
N HIS H 9 9.20 0.77 38.08
CA HIS H 9 9.57 1.27 36.76
C HIS H 9 10.96 1.88 36.80
N GLU H 10 11.21 2.76 37.78
CA GLU H 10 12.47 3.51 37.82
C GLU H 10 13.68 2.60 38.05
N ILE H 11 13.49 1.45 38.70
CA ILE H 11 14.57 0.50 38.85
C ILE H 11 14.79 -0.27 37.55
N ARG H 12 13.69 -0.69 36.91
CA ARG H 12 13.80 -1.49 35.70
C ARG H 12 14.19 -0.63 34.49
N THR H 13 13.72 0.62 34.44
CA THR H 13 13.91 1.45 33.25
C THR H 13 15.35 1.50 32.75
N PRO H 14 16.39 1.67 33.60
CA PRO H 14 17.76 1.63 33.06
C PRO H 14 18.30 0.22 32.96
N MET H 15 17.81 -0.68 33.82
CA MET H 15 18.30 -2.06 33.80
C MET H 15 18.01 -2.73 32.46
N ASN H 16 16.79 -2.53 31.93
CA ASN H 16 16.47 -3.04 30.61
C ASN H 16 17.20 -2.28 29.50
N GLY H 17 17.85 -1.17 29.84
CA GLY H 17 18.71 -0.48 28.89
C GLY H 17 20.13 -1.00 28.96
N VAL H 18 20.65 -1.15 30.19
CA VAL H 18 21.95 -1.79 30.38
C VAL H 18 21.96 -3.17 29.74
N LEU H 19 20.93 -3.97 30.02
CA LEU H 19 20.84 -5.31 29.45
C LEU H 19 20.39 -5.27 28.00
N GLY H 20 19.45 -4.38 27.68
CA GLY H 20 18.89 -4.38 26.33
C GLY H 20 19.90 -4.01 25.27
N MET H 21 20.78 -3.04 25.55
CA MET H 21 21.80 -2.66 24.59
C MET H 21 22.71 -3.84 24.26
N THR H 22 22.98 -4.69 25.25
CA THR H 22 23.89 -5.82 25.06
C THR H 22 23.30 -6.85 24.09
N GLU H 23 22.08 -7.31 24.37
CA GLU H 23 21.44 -8.28 23.48
C GLU H 23 21.27 -7.73 22.07
N LEU H 24 21.24 -6.40 21.92
CA LEU H 24 21.26 -5.78 20.61
C LEU H 24 22.70 -5.66 20.09
N LEU H 25 23.65 -5.41 21.00
CA LEU H 25 25.02 -5.15 20.58
C LEU H 25 25.67 -6.37 19.96
N LEU H 26 25.29 -7.57 20.38
CA LEU H 26 25.81 -8.79 19.76
C LEU H 26 25.44 -8.84 18.28
N GLY H 27 24.35 -8.19 17.89
CA GLY H 27 23.96 -8.12 16.49
C GLY H 27 24.90 -7.32 15.61
N THR H 28 25.80 -6.54 16.21
CA THR H 28 26.81 -5.80 15.46
C THR H 28 27.97 -6.72 15.13
N PRO H 29 28.85 -6.31 14.21
CA PRO H 29 30.09 -7.08 13.99
C PRO H 29 31.11 -6.81 15.09
N LEU H 30 31.24 -7.75 16.02
CA LEU H 30 32.13 -7.59 17.15
C LEU H 30 33.46 -8.29 16.88
N SER H 31 34.55 -7.66 17.31
CA SER H 31 35.88 -8.22 17.11
C SER H 31 36.07 -9.45 18.00
N ALA H 32 37.25 -10.07 17.90
CA ALA H 32 37.53 -11.27 18.67
C ALA H 32 37.55 -11.00 20.17
N LYS H 33 38.02 -9.83 20.58
CA LYS H 33 38.11 -9.49 21.99
C LYS H 33 36.92 -8.70 22.52
N GLN H 34 36.23 -7.96 21.66
CA GLN H 34 35.06 -7.21 22.12
C GLN H 34 33.95 -8.14 22.57
N ARG H 35 33.54 -9.08 21.70
CA ARG H 35 32.49 -10.02 22.05
C ARG H 35 32.82 -10.79 23.30
N ASP H 36 34.11 -10.98 23.58
CA ASP H 36 34.53 -11.57 24.85
C ASP H 36 34.10 -10.70 26.02
N TYR H 37 34.15 -9.37 25.85
CA TYR H 37 33.77 -8.45 26.91
C TYR H 37 32.26 -8.27 26.99
N VAL H 38 31.60 -8.12 25.85
CA VAL H 38 30.18 -7.80 25.85
C VAL H 38 29.37 -8.96 26.40
N GLN H 39 29.78 -10.20 26.10
CA GLN H 39 29.08 -11.36 26.64
C GLN H 39 29.14 -11.39 28.16
N THR H 40 30.17 -10.79 28.76
CA THR H 40 30.22 -10.66 30.21
C THR H 40 29.08 -9.79 30.71
N ILE H 41 28.77 -8.70 30.00
CA ILE H 41 27.65 -7.85 30.38
C ILE H 41 26.34 -8.63 30.30
N HIS H 42 26.19 -9.47 29.27
CA HIS H 42 25.02 -10.33 29.18
C HIS H 42 24.94 -11.27 30.37
N SER H 43 26.07 -11.86 30.76
CA SER H 43 26.08 -12.77 31.90
C SER H 43 25.92 -12.02 33.21
N ALA H 44 26.69 -10.93 33.38
CA ALA H 44 26.62 -10.18 34.62
C ALA H 44 25.32 -9.39 34.74
N GLY H 45 24.73 -9.01 33.61
CA GLY H 45 23.49 -8.26 33.65
C GLY H 45 22.32 -9.10 34.13
N ASN H 46 22.13 -10.28 33.52
CA ASN H 46 21.05 -11.16 33.94
C ASN H 46 21.19 -11.58 35.39
N GLU H 47 22.43 -11.86 35.82
CA GLU H 47 22.65 -12.24 37.21
C GLU H 47 22.20 -11.15 38.18
N LEU H 48 22.21 -9.89 37.73
CA LEU H 48 21.69 -8.79 38.54
C LEU H 48 20.21 -8.55 38.27
N LEU H 49 19.77 -8.71 37.02
CA LEU H 49 18.37 -8.47 36.70
C LEU H 49 17.45 -9.49 37.36
N THR H 50 17.79 -10.78 37.27
CA THR H 50 17.01 -11.79 37.97
C THR H 50 17.05 -11.58 39.47
N LEU H 51 18.18 -11.11 40.00
CA LEU H 51 18.22 -10.67 41.40
C LEU H 51 17.25 -9.53 41.63
N ILE H 52 17.25 -8.53 40.74
CA ILE H 52 16.36 -7.39 40.88
C ILE H 52 14.90 -7.83 40.81
N ASN H 53 14.57 -8.72 39.88
CA ASN H 53 13.20 -9.20 39.80
C ASN H 53 12.84 -10.00 41.06
N GLU H 54 13.79 -10.78 41.58
CA GLU H 54 13.53 -11.55 42.80
C GLU H 54 13.24 -10.63 43.98
N ILE H 55 14.04 -9.58 44.15
CA ILE H 55 13.92 -8.71 45.32
C ILE H 55 12.67 -7.84 45.21
N LEU H 56 12.21 -7.56 44.00
CA LEU H 56 10.97 -6.80 43.84
C LEU H 56 9.73 -7.69 43.96
N ASP H 57 9.78 -8.89 43.39
CA ASP H 57 8.61 -9.78 43.45
C ASP H 57 8.28 -10.17 44.89
N ILE H 58 9.28 -10.20 45.77
CA ILE H 58 9.02 -10.54 47.16
C ILE H 58 8.51 -9.32 47.93
N SER H 59 9.03 -8.13 47.59
CA SER H 59 8.62 -6.93 48.31
C SER H 59 7.14 -6.61 48.11
N LYS H 60 6.58 -7.03 46.97
CA LYS H 60 5.13 -6.90 46.79
C LYS H 60 4.39 -7.93 47.63
N LEU H 61 4.90 -9.16 47.66
CA LEU H 61 4.21 -10.24 48.36
C LEU H 61 4.04 -9.94 49.85
N GLU H 62 4.99 -9.23 50.45
CA GLU H 62 4.93 -9.01 51.89
C GLU H 62 3.90 -7.96 52.27
N SER H 63 3.53 -7.06 51.36
CA SER H 63 2.52 -6.04 51.63
C SER H 63 1.17 -6.37 51.01
N GLY H 64 0.97 -7.62 50.59
CA GLY H 64 -0.30 -8.00 50.00
C GLY H 64 -0.61 -7.35 48.67
N GLN H 65 0.39 -6.77 48.01
CA GLN H 65 0.14 -6.18 46.68
C GLN H 65 -0.29 -7.25 45.69
N ILE H 66 0.37 -8.40 45.70
CA ILE H 66 -0.05 -9.59 44.96
C ILE H 66 0.07 -10.79 45.89
N GLU H 67 -0.60 -11.87 45.50
CA GLU H 67 -0.71 -13.06 46.34
C GLU H 67 -0.01 -14.25 45.69
N LEU H 68 0.35 -15.21 46.54
CA LEU H 68 0.90 -16.47 46.05
C LEU H 68 -0.15 -17.24 45.27
N ASP H 69 0.31 -17.98 44.26
CA ASP H 69 -0.61 -18.79 43.47
C ASP H 69 -1.16 -19.94 44.31
N GLU H 70 -2.38 -20.36 43.98
CA GLU H 70 -3.09 -21.40 44.72
C GLU H 70 -3.54 -22.50 43.75
N VAL H 71 -2.58 -23.03 42.99
CA VAL H 71 -2.85 -24.05 41.98
C VAL H 71 -2.27 -25.38 42.45
N GLN H 72 -2.79 -26.46 41.87
CA GLN H 72 -2.31 -27.80 42.16
C GLN H 72 -1.39 -28.24 41.04
N PHE H 73 -0.13 -28.53 41.38
CA PHE H 73 0.92 -28.84 40.43
C PHE H 73 1.47 -30.23 40.70
N ASP H 74 2.21 -30.75 39.71
CA ASP H 74 2.89 -32.03 39.86
C ASP H 74 4.18 -31.80 40.64
N LEU H 75 4.21 -32.26 41.89
CA LEU H 75 5.34 -31.98 42.76
C LEU H 75 6.59 -32.71 42.28
N ASN H 76 6.46 -34.00 41.93
CA ASN H 76 7.62 -34.79 41.56
C ASN H 76 8.31 -34.23 40.32
N ALA H 77 7.53 -33.75 39.34
CA ALA H 77 8.12 -33.19 38.14
C ALA H 77 8.88 -31.91 38.42
N LEU H 78 8.44 -31.12 39.39
CA LEU H 78 9.17 -29.93 39.77
C LEU H 78 10.52 -30.30 40.40
N ILE H 79 10.50 -31.26 41.32
CA ILE H 79 11.74 -31.65 42.01
C ILE H 79 12.75 -32.22 41.04
N GLU H 80 12.29 -32.98 40.04
CA GLU H 80 13.20 -33.50 39.03
C GLU H 80 13.82 -32.37 38.22
N ASP H 81 13.08 -31.28 38.00
CA ASP H 81 13.60 -30.17 37.21
C ASP H 81 14.70 -29.44 37.97
N CYS H 82 14.48 -29.15 39.26
CA CYS H 82 15.49 -28.48 40.06
C CYS H 82 16.78 -29.28 40.11
N LEU H 83 16.67 -30.60 40.29
CA LEU H 83 17.84 -31.45 40.23
C LEU H 83 18.49 -31.41 38.85
N ASP H 84 17.66 -31.40 37.80
CA ASP H 84 18.17 -31.42 36.43
C ASP H 84 19.06 -30.21 36.15
N ILE H 85 18.65 -29.03 36.64
CA ILE H 85 19.45 -27.82 36.43
C ILE H 85 20.86 -28.01 36.98
N PHE H 86 20.99 -28.72 38.08
CA PHE H 86 22.26 -28.89 38.76
C PHE H 86 22.91 -30.24 38.50
N ARG H 87 22.33 -31.09 37.66
CA ARG H 87 22.96 -32.36 37.33
C ARG H 87 24.21 -32.16 36.48
N VAL H 88 24.25 -31.10 35.68
CA VAL H 88 25.43 -30.84 34.85
C VAL H 88 26.59 -30.36 35.71
N LYS H 89 26.30 -29.59 36.77
CA LYS H 89 27.35 -29.22 37.70
C LYS H 89 27.89 -30.44 38.43
N ALA H 90 27.02 -31.39 38.76
CA ALA H 90 27.42 -32.59 39.48
C ALA H 90 28.29 -33.52 38.66
N GLU H 91 28.38 -33.30 37.34
CA GLU H 91 29.31 -34.09 36.52
C GLU H 91 30.74 -33.93 37.02
N GLN H 92 31.06 -32.79 37.61
CA GLN H 92 32.31 -32.62 38.32
C GLN H 92 32.37 -33.60 39.49
N GLN H 93 33.42 -34.41 39.53
CA GLN H 93 33.49 -35.52 40.48
C GLN H 93 33.53 -35.02 41.91
N ARG H 94 33.13 -35.90 42.83
CA ARG H 94 33.14 -35.71 44.28
C ARG H 94 32.00 -34.80 44.75
N ILE H 95 30.95 -34.65 43.94
CA ILE H 95 29.69 -34.05 44.35
C ILE H 95 28.57 -34.89 43.73
N GLU H 96 27.67 -35.40 44.58
CA GLU H 96 26.62 -36.30 44.14
C GLU H 96 25.25 -35.69 44.42
N LEU H 97 24.30 -35.96 43.53
CA LEU H 97 22.92 -35.53 43.69
C LEU H 97 22.05 -36.76 43.93
N ILE H 98 21.40 -36.79 45.08
CA ILE H 98 20.71 -37.99 45.56
C ILE H 98 19.27 -37.60 45.87
N SER H 99 18.33 -38.10 45.07
CA SER H 99 16.91 -37.77 45.19
C SER H 99 16.21 -38.87 45.96
N PHE H 100 15.95 -38.62 47.25
CA PHE H 100 15.13 -39.51 48.06
C PHE H 100 13.72 -38.96 48.16
N THR H 101 12.73 -39.81 47.92
CA THR H 101 11.33 -39.43 47.96
C THR H 101 10.59 -40.47 48.79
N GLN H 102 10.15 -40.09 49.98
CA GLN H 102 9.39 -40.99 50.83
C GLN H 102 8.10 -41.39 50.11
N PRO H 103 7.70 -42.66 50.18
CA PRO H 103 6.56 -43.11 49.37
C PRO H 103 5.27 -42.33 49.62
N GLN H 104 5.02 -41.95 50.87
CA GLN H 104 3.72 -41.41 51.25
C GLN H 104 3.45 -40.01 50.70
N VAL H 105 4.47 -39.33 50.16
CA VAL H 105 4.28 -37.97 49.66
C VAL H 105 3.41 -38.03 48.42
N PRO H 106 2.54 -37.05 48.20
CA PRO H 106 1.68 -37.06 47.01
C PRO H 106 2.45 -36.64 45.76
N ARG H 107 1.91 -37.05 44.62
CA ARG H 107 2.45 -36.58 43.35
C ARG H 107 2.00 -35.16 43.04
N VAL H 108 0.83 -34.77 43.51
CA VAL H 108 0.27 -33.44 43.28
C VAL H 108 -0.17 -32.85 44.61
N ILE H 109 0.22 -31.59 44.85
CA ILE H 109 -0.21 -30.83 46.03
C ILE H 109 -0.53 -29.41 45.59
N GLY H 110 -1.21 -28.68 46.48
CA GLY H 110 -1.59 -27.31 46.21
C GLY H 110 -0.54 -26.34 46.72
N GLY H 111 -0.12 -25.43 45.85
CA GLY H 111 0.88 -24.45 46.21
C GLY H 111 1.29 -23.65 45.00
N ASP H 112 2.31 -22.81 45.20
CA ASP H 112 2.81 -22.01 44.08
C ASP H 112 4.10 -22.64 43.56
N PRO H 113 4.08 -23.28 42.39
CA PRO H 113 5.31 -23.94 41.90
C PRO H 113 6.41 -22.95 41.57
N THR H 114 6.08 -21.78 41.02
CA THR H 114 7.10 -20.86 40.57
C THR H 114 7.99 -20.38 41.72
N ARG H 115 7.38 -19.99 42.84
CA ARG H 115 8.18 -19.61 44.00
C ARG H 115 8.84 -20.82 44.63
N LEU H 116 8.08 -21.91 44.80
CA LEU H 116 8.63 -23.11 45.44
C LEU H 116 9.82 -23.64 44.64
N ARG H 117 9.71 -23.66 43.31
CA ARG H 117 10.87 -23.97 42.47
C ARG H 117 12.04 -23.08 42.83
N GLN H 118 11.83 -21.76 42.82
CA GLN H 118 12.88 -20.82 43.19
C GLN H 118 13.48 -21.14 44.56
N VAL H 119 12.62 -21.47 45.53
CA VAL H 119 13.10 -21.74 46.88
C VAL H 119 13.94 -23.01 46.91
N VAL H 120 13.55 -24.03 46.15
CA VAL H 120 14.27 -25.29 46.17
C VAL H 120 15.66 -25.12 45.57
N LEU H 121 15.75 -24.49 44.40
CA LEU H 121 17.06 -24.19 43.82
C LEU H 121 17.85 -23.24 44.71
N SER H 122 17.18 -22.33 45.40
CA SER H 122 17.88 -21.42 46.31
C SER H 122 18.54 -22.19 47.45
N LEU H 123 17.87 -23.23 47.95
CA LEU H 123 18.52 -24.11 48.91
C LEU H 123 19.62 -24.92 48.26
N LEU H 124 19.39 -25.40 47.04
CA LEU H 124 20.41 -26.16 46.33
C LEU H 124 21.59 -25.29 45.93
N ASP H 125 21.37 -23.98 45.74
CA ASP H 125 22.42 -23.11 45.24
C ASP H 125 23.55 -22.97 46.26
N ASN H 126 23.22 -22.73 47.52
CA ASN H 126 24.26 -22.58 48.53
C ASN H 126 24.91 -23.91 48.88
N ALA H 127 24.22 -25.02 48.67
CA ALA H 127 24.81 -26.33 48.94
C ALA H 127 26.05 -26.56 48.08
N PHE H 128 25.95 -26.28 46.78
CA PHE H 128 27.12 -26.32 45.93
C PHE H 128 28.11 -25.23 46.27
N LYS H 129 27.61 -24.08 46.74
CA LYS H 129 28.49 -23.00 47.16
C LYS H 129 29.28 -23.35 48.40
N GLN H 130 28.79 -24.29 49.22
CA GLN H 130 29.41 -24.59 50.50
C GLN H 130 30.06 -25.97 50.56
N THR H 131 29.88 -26.81 49.55
CA THR H 131 30.62 -28.06 49.44
C THR H 131 31.79 -27.88 48.48
N GLU H 132 32.99 -28.16 48.95
CA GLU H 132 34.14 -28.24 48.07
C GLU H 132 34.32 -29.65 47.54
N GLU H 133 33.99 -30.65 48.35
CA GLU H 133 33.83 -32.03 47.89
C GLU H 133 32.96 -32.76 48.91
N GLY H 134 32.20 -33.72 48.43
CA GLY H 134 31.36 -34.51 49.31
C GLY H 134 30.08 -34.94 48.60
N GLU H 135 29.00 -34.94 49.36
CA GLU H 135 27.71 -35.45 48.89
C GLU H 135 26.60 -34.51 49.31
N ILE H 136 25.67 -34.25 48.40
CA ILE H 136 24.54 -33.36 48.65
C ILE H 136 23.25 -34.10 48.33
N LEU H 137 22.39 -34.24 49.33
CA LEU H 137 21.12 -34.92 49.18
C LEU H 137 19.98 -33.93 49.24
N LEU H 138 18.90 -34.23 48.51
CA LEU H 138 17.66 -33.45 48.55
C LEU H 138 16.54 -34.44 48.80
N VAL H 139 16.07 -34.50 50.05
CA VAL H 139 14.99 -35.41 50.43
C VAL H 139 13.69 -34.62 50.50
N VAL H 140 12.67 -35.12 49.82
CA VAL H 140 11.30 -34.64 49.96
C VAL H 140 10.51 -35.73 50.67
N ALA H 141 10.03 -35.43 51.87
CA ALA H 141 9.39 -36.43 52.70
C ALA H 141 8.45 -35.72 53.67
N LEU H 142 7.19 -36.16 53.70
CA LEU H 142 6.22 -35.54 54.59
C LEU H 142 6.57 -35.81 56.05
N ASP H 143 6.09 -34.93 56.91
CA ASP H 143 6.38 -34.97 58.34
C ASP H 143 5.07 -35.08 59.10
N ASP H 144 4.89 -36.20 59.81
CA ASP H 144 3.65 -36.48 60.52
C ASP H 144 3.59 -35.87 61.92
N GLN H 145 4.62 -35.13 62.33
CA GLN H 145 4.63 -34.52 63.65
C GLN H 145 3.57 -33.43 63.76
N THR H 148 -1.59 -32.80 62.43
CA THR H 148 -2.00 -32.77 61.02
C THR H 148 -0.78 -32.86 60.10
N PRO H 149 -0.92 -33.58 58.98
CA PRO H 149 0.24 -33.84 58.12
C PRO H 149 0.79 -32.57 57.48
N ARG H 150 2.11 -32.52 57.36
CA ARG H 150 2.81 -31.46 56.66
C ARG H 150 3.95 -32.05 55.85
N LEU H 151 4.22 -31.45 54.69
CA LEU H 151 5.30 -31.88 53.82
C LEU H 151 6.58 -31.15 54.16
N ARG H 152 7.72 -31.84 54.05
CA ARG H 152 9.00 -31.31 54.49
C ARG H 152 10.08 -31.64 53.47
N ILE H 153 10.70 -30.61 52.91
CA ILE H 153 11.82 -30.76 51.97
C ILE H 153 13.07 -30.22 52.65
N ALA H 154 14.16 -30.99 52.58
CA ALA H 154 15.40 -30.64 53.24
C ALA H 154 16.58 -30.83 52.29
N VAL H 155 17.66 -30.12 52.58
CA VAL H 155 18.89 -30.17 51.79
C VAL H 155 20.07 -30.30 52.76
N GLN H 156 20.92 -31.30 52.53
CA GLN H 156 22.08 -31.55 53.37
C GLN H 156 23.36 -31.41 52.56
N ASP H 157 24.40 -30.90 53.21
CA ASP H 157 25.71 -30.76 52.57
C ASP H 157 26.77 -30.75 53.67
N SER H 158 27.99 -30.36 53.31
CA SER H 158 29.16 -30.53 54.18
C SER H 158 29.88 -29.24 54.51
N GLY H 159 29.25 -28.08 54.27
CA GLY H 159 29.93 -26.82 54.50
C GLY H 159 30.23 -26.56 55.96
N HIS H 160 31.01 -25.49 56.19
CA HIS H 160 31.26 -25.00 57.53
C HIS H 160 29.94 -24.83 58.27
N PRO H 161 29.75 -25.54 59.39
CA PRO H 161 28.42 -25.56 60.03
C PRO H 161 27.90 -24.16 60.33
N PHE H 162 26.59 -23.99 60.18
CA PHE H 162 25.94 -22.73 60.48
C PHE H 162 26.22 -22.31 61.92
N ASP H 163 27.03 -21.27 62.10
CA ASP H 163 27.27 -20.77 63.44
C ASP H 163 26.01 -20.12 63.98
N ALA H 164 25.73 -20.37 65.27
CA ALA H 164 24.44 -19.99 65.86
C ALA H 164 24.09 -18.54 65.61
N LYS H 165 25.09 -17.67 65.43
CA LYS H 165 24.81 -16.27 65.11
C LYS H 165 24.36 -16.11 63.67
N GLU H 166 25.04 -16.77 62.74
CA GLU H 166 24.59 -16.75 61.34
C GLU H 166 23.29 -17.51 61.16
N ARG H 167 23.04 -18.52 62.00
CA ARG H 167 21.77 -19.24 61.94
C ARG H 167 20.61 -18.35 62.33
N GLU H 168 20.83 -17.42 63.26
CA GLU H 168 19.75 -16.54 63.71
C GLU H 168 19.33 -15.55 62.63
N ALA H 169 20.20 -15.26 61.66
CA ALA H 169 19.85 -14.32 60.61
C ALA H 169 18.73 -14.88 59.73
N LEU H 170 18.75 -16.18 59.46
CA LEU H 170 17.71 -16.79 58.63
C LEU H 170 16.41 -16.94 59.40
N LEU H 171 16.49 -17.26 60.69
CA LEU H 171 15.28 -17.44 61.49
C LEU H 171 14.57 -16.12 61.77
N THR H 172 15.21 -14.99 61.52
CA THR H 172 14.61 -13.67 61.68
C THR H 172 14.74 -12.94 60.34
N ALA H 173 13.71 -13.06 59.50
CA ALA H 173 13.72 -12.49 58.17
C ALA H 173 12.90 -11.21 58.18
N GLU H 174 13.56 -10.06 58.03
CA GLU H 174 12.91 -8.76 58.08
C GLU H 174 13.39 -7.95 56.89
N LEU H 175 12.48 -7.58 56.00
CA LEU H 175 12.84 -6.80 54.82
C LEU H 175 11.60 -5.96 54.47
N HIS H 176 11.39 -4.91 55.25
CA HIS H 176 10.34 -3.94 54.94
C HIS H 176 11.41 -3.48 53.97
N SER H 177 11.06 -3.10 52.75
CA SER H 177 12.01 -2.97 51.67
C SER H 177 13.09 -1.98 51.88
N GLY H 178 14.26 -2.27 51.34
CA GLY H 178 15.36 -1.35 51.44
C GLY H 178 16.34 -1.79 52.46
N ASP H 179 15.95 -2.74 53.28
CA ASP H 179 16.91 -3.56 53.95
C ASP H 179 17.58 -4.34 52.84
N PHE H 180 16.81 -4.73 51.84
CA PHE H 180 17.27 -5.69 50.91
C PHE H 180 18.50 -5.18 50.25
N LEU H 181 18.48 -3.94 49.85
CA LEU H 181 19.62 -3.37 49.17
C LEU H 181 20.82 -3.31 50.07
N SER H 182 20.67 -2.99 51.34
CA SER H 182 21.82 -2.70 52.19
C SER H 182 22.63 -3.89 52.53
N ALA H 183 23.89 -3.68 52.81
CA ALA H 183 24.79 -4.77 53.11
C ALA H 183 24.58 -5.35 54.46
N SER H 184 25.03 -6.58 54.63
CA SER H 184 24.98 -7.25 55.92
C SER H 184 26.17 -8.20 56.01
N LYS H 185 27.01 -8.01 57.02
CA LYS H 185 28.18 -8.85 57.20
C LYS H 185 27.79 -10.23 57.75
N LEU H 186 26.92 -10.26 58.75
CA LEU H 186 26.57 -11.53 59.39
C LEU H 186 25.54 -12.31 58.58
N GLY H 187 24.59 -11.61 57.97
CA GLY H 187 23.55 -12.29 57.20
C GLY H 187 24.12 -13.10 56.06
N SER H 188 23.30 -14.02 55.56
CA SER H 188 23.73 -14.93 54.51
C SER H 188 23.61 -14.28 53.14
N HIS H 189 24.10 -15.00 52.12
CA HIS H 189 24.07 -14.51 50.75
C HIS H 189 22.64 -14.21 50.35
N LEU H 190 22.41 -12.97 49.89
CA LEU H 190 21.08 -12.36 49.84
C LEU H 190 19.97 -13.29 49.38
N GLY H 191 20.20 -14.03 48.29
CA GLY H 191 19.14 -14.83 47.70
C GLY H 191 18.50 -15.82 48.65
N LEU H 192 19.30 -16.38 49.57
CA LEU H 192 18.76 -17.35 50.52
C LEU H 192 17.74 -16.71 51.46
N ILE H 193 17.97 -15.45 51.84
CA ILE H 193 17.06 -14.76 52.75
C ILE H 193 15.70 -14.57 52.09
N ILE H 194 15.69 -14.27 50.79
CA ILE H 194 14.43 -14.13 50.07
C ILE H 194 13.67 -15.45 50.05
N ALA H 195 14.38 -16.55 49.80
CA ALA H 195 13.75 -17.86 49.82
C ALA H 195 13.19 -18.20 51.20
N ARG H 196 13.83 -17.70 52.25
CA ARG H 196 13.31 -17.90 53.61
C ARG H 196 11.94 -17.26 53.76
N GLN H 197 11.83 -15.98 53.40
CA GLN H 197 10.58 -15.26 53.58
C GLN H 197 9.44 -15.93 52.82
N LEU H 198 9.72 -16.47 51.65
CA LEU H 198 8.69 -17.18 50.90
C LEU H 198 8.21 -18.40 51.66
N VAL H 199 9.12 -19.14 52.30
CA VAL H 199 8.75 -20.29 53.10
C VAL H 199 7.77 -19.89 54.20
N ARG H 200 7.93 -18.69 54.74
CA ARG H 200 6.99 -18.22 55.76
C ARG H 200 5.67 -17.81 55.13
N LEU H 201 5.71 -17.13 53.98
CA LEU H 201 4.48 -16.69 53.32
C LEU H 201 3.62 -17.88 52.92
N MET H 202 4.22 -18.91 52.32
CA MET H 202 3.50 -20.14 52.03
C MET H 202 3.02 -20.85 53.28
N GLY H 203 3.33 -20.36 54.47
CA GLY H 203 3.08 -21.09 55.68
C GLY H 203 4.14 -22.14 55.94
N GLY H 204 4.35 -22.42 57.22
CA GLY H 204 5.29 -23.45 57.64
C GLY H 204 6.52 -22.86 58.29
N GLU H 205 7.53 -23.71 58.42
CA GLU H 205 8.73 -23.41 59.19
C GLU H 205 9.98 -23.61 58.34
N PHE H 206 11.01 -22.83 58.65
CA PHE H 206 12.34 -23.00 58.08
C PHE H 206 13.22 -23.66 59.13
N GLY H 207 13.72 -24.86 58.82
CA GLY H 207 14.48 -25.63 59.78
C GLY H 207 15.96 -25.70 59.48
N ILE H 208 16.79 -25.28 60.43
CA ILE H 208 18.24 -25.23 60.25
C ILE H 208 18.91 -25.75 61.52
N GLN H 209 19.59 -26.88 61.41
CA GLN H 209 20.36 -27.41 62.51
C GLN H 209 21.61 -28.03 61.97
N SER H 210 22.73 -27.63 62.51
CA SER H 210 23.99 -27.96 61.93
C SER H 210 24.75 -28.77 62.94
N GLY H 211 25.23 -29.94 62.54
CA GLY H 211 25.98 -30.77 63.45
C GLY H 211 26.90 -31.76 62.76
N GLN H 214 29.42 -28.68 60.08
CA GLN H 214 29.65 -29.90 59.33
C GLN H 214 28.36 -30.45 58.80
N GLY H 215 27.30 -29.67 58.90
CA GLY H 215 26.06 -30.00 58.25
C GLY H 215 25.41 -28.69 57.87
N THR H 216 24.63 -28.71 56.82
CA THR H 216 23.83 -27.58 56.47
C THR H 216 22.56 -28.32 56.24
N THR H 217 21.61 -28.29 57.15
CA THR H 217 20.40 -29.03 56.84
C THR H 217 19.25 -28.04 56.80
N LEU H 218 19.03 -27.45 55.62
CA LEU H 218 17.99 -26.44 55.43
C LEU H 218 16.67 -27.16 55.19
N SER H 219 15.75 -27.06 56.13
CA SER H 219 14.47 -27.76 56.07
C SER H 219 13.33 -26.75 56.00
N LEU H 220 12.40 -26.98 55.08
CA LEU H 220 11.15 -26.23 55.03
C LEU H 220 9.99 -27.22 55.15
N THR H 221 8.94 -26.82 55.87
CA THR H 221 7.79 -27.68 56.10
C THR H 221 6.53 -26.95 55.62
N LEU H 222 6.24 -27.08 54.33
CA LEU H 222 5.02 -26.51 53.79
C LEU H 222 3.81 -27.31 54.26
N PRO H 223 2.67 -26.66 54.48
CA PRO H 223 1.50 -27.37 54.98
C PRO H 223 0.70 -28.01 53.87
N LEU H 224 -0.04 -29.07 54.24
CA LEU H 224 -0.85 -29.82 53.30
C LEU H 224 -2.24 -30.05 53.89
N ASP H 225 -3.25 -30.00 53.03
CA ASP H 225 -4.61 -30.37 53.43
C ASP H 225 -4.86 -31.84 53.10
N PRO H 226 -5.44 -32.62 54.02
CA PRO H 226 -5.62 -34.06 53.77
C PRO H 226 -6.46 -34.37 52.55
N GLN H 227 -5.80 -34.72 51.45
CA GLN H 227 -6.45 -35.10 50.18
C GLN H 227 -7.56 -34.14 49.78
NI NI I . 1.16 0.77 18.82
NI NI J . -22.99 -6.43 29.36
NI NI K . -19.12 14.36 40.53
NI NI L . 5.56 3.67 37.39
NI NI M . -12.27 -8.33 50.50
NI NI N . -27.37 -11.40 17.45
NI NI O . -31.73 -8.44 -46.23
NI NI P . -1.37 21.74 -37.97
NI NI Q . -8.22 -0.36 -55.17
NI NI R . -22.35 -8.78 -25.21
NI NI S . -0.75 -0.12 -19.07
NI NI T . 22.19 6.22 -41.25
NI NI U . 20.51 -14.27 -27.97
NI NI V . -4.64 2.50 -37.05
NI NI W . 8.94 -14.58 -49.25
NI NI X . 7.29 22.55 35.28
NI NI Y . 29.28 -13.48 48.18
NI NI Z . 32.28 6.37 35.90
NI NI AA . 8.23 1.14 55.16
NI NI BA . 20.21 -13.37 25.87
#